data_1STO
# 
_entry.id   1STO 
# 
_audit_conform.dict_name       mmcif_pdbx.dic 
_audit_conform.dict_version    5.396 
_audit_conform.dict_location   http://mmcif.pdb.org/dictionaries/ascii/mmcif_pdbx.dic 
# 
loop_
_database_2.database_id 
_database_2.database_code 
_database_2.pdbx_database_accession 
_database_2.pdbx_DOI 
PDB   1STO         pdb_00001sto 10.2210/pdb1sto/pdb 
WWPDB D_1000176511 ?            ?                   
# 
loop_
_pdbx_audit_revision_history.ordinal 
_pdbx_audit_revision_history.data_content_type 
_pdbx_audit_revision_history.major_revision 
_pdbx_audit_revision_history.minor_revision 
_pdbx_audit_revision_history.revision_date 
1 'Structure model' 1 0 1994-05-31 
2 'Structure model' 1 1 2008-03-24 
3 'Structure model' 1 2 2011-07-13 
4 'Structure model' 1 3 2019-07-17 
5 'Structure model' 1 4 2019-08-14 
6 'Structure model' 2 0 2024-09-25 
# 
_pdbx_audit_revision_details.ordinal             1 
_pdbx_audit_revision_details.revision_ordinal    1 
_pdbx_audit_revision_details.data_content_type   'Structure model' 
_pdbx_audit_revision_details.provider            repository 
_pdbx_audit_revision_details.type                'Initial release' 
_pdbx_audit_revision_details.description         ? 
_pdbx_audit_revision_details.details             ? 
# 
loop_
_pdbx_audit_revision_group.ordinal 
_pdbx_audit_revision_group.revision_ordinal 
_pdbx_audit_revision_group.data_content_type 
_pdbx_audit_revision_group.group 
1  2 'Structure model' 'Version format compliance' 
2  3 'Structure model' 'Derived calculations'      
3  3 'Structure model' 'Version format compliance' 
4  4 'Structure model' 'Data collection'           
5  4 'Structure model' 'Derived calculations'      
6  4 'Structure model' Other                       
7  4 'Structure model' 'Refinement description'    
8  5 'Structure model' 'Data collection'           
9  5 'Structure model' 'Refinement description'    
10 6 'Structure model' Advisory                    
11 6 'Structure model' 'Atomic model'              
12 6 'Structure model' 'Data collection'           
13 6 'Structure model' 'Database references'       
14 6 'Structure model' 'Derived calculations'      
15 6 'Structure model' 'Non-polymer description'   
16 6 'Structure model' 'Structure summary'         
# 
loop_
_pdbx_audit_revision_category.ordinal 
_pdbx_audit_revision_category.revision_ordinal 
_pdbx_audit_revision_category.data_content_type 
_pdbx_audit_revision_category.category 
1  4 'Structure model' pdbx_database_status       
2  4 'Structure model' software                   
3  4 'Structure model' struct_conn                
4  5 'Structure model' software                   
5  6 'Structure model' atom_site                  
6  6 'Structure model' chem_comp                  
7  6 'Structure model' chem_comp_atom             
8  6 'Structure model' chem_comp_bond             
9  6 'Structure model' database_2                 
10 6 'Structure model' database_PDB_caveat        
11 6 'Structure model' entity                     
12 6 'Structure model' pdbx_distant_solvent_atoms 
13 6 'Structure model' pdbx_entity_nonpoly        
14 6 'Structure model' pdbx_nonpoly_scheme        
15 6 'Structure model' pdbx_struct_assembly_gen   
16 6 'Structure model' struct_asym                
17 6 'Structure model' struct_conn                
18 6 'Structure model' struct_ref_seq_dif         
19 6 'Structure model' struct_site                
20 6 'Structure model' struct_site_gen            
# 
loop_
_pdbx_audit_revision_item.ordinal 
_pdbx_audit_revision_item.revision_ordinal 
_pdbx_audit_revision_item.data_content_type 
_pdbx_audit_revision_item.item 
1  4 'Structure model' '_pdbx_database_status.process_site'     
2  4 'Structure model' '_software.classification'               
3  4 'Structure model' '_struct_conn.pdbx_leaving_atom_flag'    
4  5 'Structure model' '_software.classification'               
5  6 'Structure model' '_atom_site.auth_atom_id'                
6  6 'Structure model' '_atom_site.auth_comp_id'                
7  6 'Structure model' '_atom_site.auth_seq_id'                 
8  6 'Structure model' '_atom_site.group_PDB'                   
9  6 'Structure model' '_atom_site.label_asym_id'               
10 6 'Structure model' '_atom_site.label_atom_id'               
11 6 'Structure model' '_atom_site.label_comp_id'               
12 6 'Structure model' '_atom_site.label_entity_id'             
13 6 'Structure model' '_atom_site.label_seq_id'                
14 6 'Structure model' '_chem_comp.formula'                     
15 6 'Structure model' '_chem_comp.formula_weight'              
16 6 'Structure model' '_chem_comp.id'                          
17 6 'Structure model' '_chem_comp.mon_nstd_flag'               
18 6 'Structure model' '_chem_comp.name'                        
19 6 'Structure model' '_chem_comp.type'                        
20 6 'Structure model' '_database_2.pdbx_DOI'                   
21 6 'Structure model' '_database_2.pdbx_database_accession'    
22 6 'Structure model' '_pdbx_struct_assembly_gen.asym_id_list' 
23 6 'Structure model' '_struct_ref_seq_dif.details'            
# 
_database_PDB_caveat.id     1 
_database_PDB_caveat.text   
;OMP A 216 HAS WRONG CHIRALITY AT ATOM C3'
;
# 
_pdbx_database_status.status_code                     REL 
_pdbx_database_status.entry_id                        1STO 
_pdbx_database_status.recvd_initial_deposition_date   1993-12-20 
_pdbx_database_status.deposit_site                    ? 
_pdbx_database_status.process_site                    BNL 
_pdbx_database_status.SG_entry                        . 
_pdbx_database_status.pdb_format_compatible           Y 
_pdbx_database_status.status_code_mr                  ? 
_pdbx_database_status.status_code_sf                  ? 
_pdbx_database_status.status_code_cs                  ? 
_pdbx_database_status.methods_development_category    ? 
_pdbx_database_status.status_code_nmr_data            ? 
# 
loop_
_audit_author.name 
_audit_author.pdbx_ordinal 
'Scapin, G.'        1 
'Grubmeyer, C.'     2 
'Sacchettini, J.C.' 3 
# 
_citation.id                        primary 
_citation.title                     'Crystal structure of orotate phosphoribosyltransferase.' 
_citation.journal_abbrev            Biochemistry 
_citation.journal_volume            33 
_citation.page_first                1287 
_citation.page_last                 1294 
_citation.year                      1994 
_citation.journal_id_ASTM           BICHAW 
_citation.country                   US 
_citation.journal_id_ISSN           0006-2960 
_citation.journal_id_CSD            0033 
_citation.book_publisher            ? 
_citation.pdbx_database_id_PubMed   8312245 
_citation.pdbx_database_id_DOI      10.1021/bi00172a001 
# 
loop_
_citation_author.citation_id 
_citation_author.name 
_citation_author.ordinal 
_citation_author.identifier_ORCID 
primary 'Scapin, G.'        1 ? 
primary 'Grubmeyer, C.'     2 ? 
primary 'Sacchettini, J.C.' 3 ? 
# 
loop_
_entity.id 
_entity.type 
_entity.src_method 
_entity.pdbx_description 
_entity.formula_weight 
_entity.pdbx_number_of_molecules 
_entity.pdbx_ec 
_entity.pdbx_mutation 
_entity.pdbx_fragment 
_entity.details 
1 polymer     man 'OROTATE PHOSPHORIBOSYLTRANSFERASE' 23533.936 1  2.4.2.10 ? ? ? 
2 non-polymer syn "OROTIDINE-5'-MONOPHOSPHATE"        368.191   1  ?        ? ? ? 
3 water       nat water                               18.015    77 ?        ? ? ? 
# 
_entity_poly.entity_id                      1 
_entity_poly.type                           'polypeptide(L)' 
_entity_poly.nstd_linkage                   no 
_entity_poly.nstd_monomer                   no 
_entity_poly.pdbx_seq_one_letter_code       
;MKPYQRQFIEFALNKQVLKFGEFTLKSGRKSPYFFNAGLFNTGRDLALLGRFYAEALVDSGIEFDLLFGPAYKGIPIATT
TAVALAEHHDKDLPYCFNRKAAKDHGEGGSLVGSALQGRVMLVDDVITAGTAIRESMEIIQAHGATLAGVLISLDRQERG
RGEISAIQEVERDYGCKVISIITLKDLIAYLEEKPDMAEHLAAVRAYREEFGV
;
_entity_poly.pdbx_seq_one_letter_code_can   
;MKPYQRQFIEFALNKQVLKFGEFTLKSGRKSPYFFNAGLFNTGRDLALLGRFYAEALVDSGIEFDLLFGPAYKGIPIATT
TAVALAEHHDKDLPYCFNRKAAKDHGEGGSLVGSALQGRVMLVDDVITAGTAIRESMEIIQAHGATLAGVLISLDRQERG
RGEISAIQEVERDYGCKVISIITLKDLIAYLEEKPDMAEHLAAVRAYREEFGV
;
_entity_poly.pdbx_strand_id                 A 
_entity_poly.pdbx_target_identifier         ? 
# 
loop_
_pdbx_entity_nonpoly.entity_id 
_pdbx_entity_nonpoly.name 
_pdbx_entity_nonpoly.comp_id 
2 "OROTIDINE-5'-MONOPHOSPHATE" OMP 
3 water                        HOH 
# 
loop_
_entity_poly_seq.entity_id 
_entity_poly_seq.num 
_entity_poly_seq.mon_id 
_entity_poly_seq.hetero 
1 1   MET n 
1 2   LYS n 
1 3   PRO n 
1 4   TYR n 
1 5   GLN n 
1 6   ARG n 
1 7   GLN n 
1 8   PHE n 
1 9   ILE n 
1 10  GLU n 
1 11  PHE n 
1 12  ALA n 
1 13  LEU n 
1 14  ASN n 
1 15  LYS n 
1 16  GLN n 
1 17  VAL n 
1 18  LEU n 
1 19  LYS n 
1 20  PHE n 
1 21  GLY n 
1 22  GLU n 
1 23  PHE n 
1 24  THR n 
1 25  LEU n 
1 26  LYS n 
1 27  SER n 
1 28  GLY n 
1 29  ARG n 
1 30  LYS n 
1 31  SER n 
1 32  PRO n 
1 33  TYR n 
1 34  PHE n 
1 35  PHE n 
1 36  ASN n 
1 37  ALA n 
1 38  GLY n 
1 39  LEU n 
1 40  PHE n 
1 41  ASN n 
1 42  THR n 
1 43  GLY n 
1 44  ARG n 
1 45  ASP n 
1 46  LEU n 
1 47  ALA n 
1 48  LEU n 
1 49  LEU n 
1 50  GLY n 
1 51  ARG n 
1 52  PHE n 
1 53  TYR n 
1 54  ALA n 
1 55  GLU n 
1 56  ALA n 
1 57  LEU n 
1 58  VAL n 
1 59  ASP n 
1 60  SER n 
1 61  GLY n 
1 62  ILE n 
1 63  GLU n 
1 64  PHE n 
1 65  ASP n 
1 66  LEU n 
1 67  LEU n 
1 68  PHE n 
1 69  GLY n 
1 70  PRO n 
1 71  ALA n 
1 72  TYR n 
1 73  LYS n 
1 74  GLY n 
1 75  ILE n 
1 76  PRO n 
1 77  ILE n 
1 78  ALA n 
1 79  THR n 
1 80  THR n 
1 81  THR n 
1 82  ALA n 
1 83  VAL n 
1 84  ALA n 
1 85  LEU n 
1 86  ALA n 
1 87  GLU n 
1 88  HIS n 
1 89  HIS n 
1 90  ASP n 
1 91  LYS n 
1 92  ASP n 
1 93  LEU n 
1 94  PRO n 
1 95  TYR n 
1 96  CYS n 
1 97  PHE n 
1 98  ASN n 
1 99  ARG n 
1 100 LYS n 
1 101 ALA n 
1 102 ALA n 
1 103 LYS n 
1 104 ASP n 
1 105 HIS n 
1 106 GLY n 
1 107 GLU n 
1 108 GLY n 
1 109 GLY n 
1 110 SER n 
1 111 LEU n 
1 112 VAL n 
1 113 GLY n 
1 114 SER n 
1 115 ALA n 
1 116 LEU n 
1 117 GLN n 
1 118 GLY n 
1 119 ARG n 
1 120 VAL n 
1 121 MET n 
1 122 LEU n 
1 123 VAL n 
1 124 ASP n 
1 125 ASP n 
1 126 VAL n 
1 127 ILE n 
1 128 THR n 
1 129 ALA n 
1 130 GLY n 
1 131 THR n 
1 132 ALA n 
1 133 ILE n 
1 134 ARG n 
1 135 GLU n 
1 136 SER n 
1 137 MET n 
1 138 GLU n 
1 139 ILE n 
1 140 ILE n 
1 141 GLN n 
1 142 ALA n 
1 143 HIS n 
1 144 GLY n 
1 145 ALA n 
1 146 THR n 
1 147 LEU n 
1 148 ALA n 
1 149 GLY n 
1 150 VAL n 
1 151 LEU n 
1 152 ILE n 
1 153 SER n 
1 154 LEU n 
1 155 ASP n 
1 156 ARG n 
1 157 GLN n 
1 158 GLU n 
1 159 ARG n 
1 160 GLY n 
1 161 ARG n 
1 162 GLY n 
1 163 GLU n 
1 164 ILE n 
1 165 SER n 
1 166 ALA n 
1 167 ILE n 
1 168 GLN n 
1 169 GLU n 
1 170 VAL n 
1 171 GLU n 
1 172 ARG n 
1 173 ASP n 
1 174 TYR n 
1 175 GLY n 
1 176 CYS n 
1 177 LYS n 
1 178 VAL n 
1 179 ILE n 
1 180 SER n 
1 181 ILE n 
1 182 ILE n 
1 183 THR n 
1 184 LEU n 
1 185 LYS n 
1 186 ASP n 
1 187 LEU n 
1 188 ILE n 
1 189 ALA n 
1 190 TYR n 
1 191 LEU n 
1 192 GLU n 
1 193 GLU n 
1 194 LYS n 
1 195 PRO n 
1 196 ASP n 
1 197 MET n 
1 198 ALA n 
1 199 GLU n 
1 200 HIS n 
1 201 LEU n 
1 202 ALA n 
1 203 ALA n 
1 204 VAL n 
1 205 ARG n 
1 206 ALA n 
1 207 TYR n 
1 208 ARG n 
1 209 GLU n 
1 210 GLU n 
1 211 PHE n 
1 212 GLY n 
1 213 VAL n 
# 
_entity_src_gen.entity_id                          1 
_entity_src_gen.pdbx_src_id                        1 
_entity_src_gen.pdbx_alt_source_flag               sample 
_entity_src_gen.pdbx_seq_type                      ? 
_entity_src_gen.pdbx_beg_seq_num                   ? 
_entity_src_gen.pdbx_end_seq_num                   ? 
_entity_src_gen.gene_src_common_name               ? 
_entity_src_gen.gene_src_genus                     Salmonella 
_entity_src_gen.pdbx_gene_src_gene                 ? 
_entity_src_gen.gene_src_species                   ? 
_entity_src_gen.gene_src_strain                    ? 
_entity_src_gen.gene_src_tissue                    ? 
_entity_src_gen.gene_src_tissue_fraction           ? 
_entity_src_gen.gene_src_details                   ? 
_entity_src_gen.pdbx_gene_src_fragment             ? 
_entity_src_gen.pdbx_gene_src_scientific_name      'Salmonella typhimurium' 
_entity_src_gen.pdbx_gene_src_ncbi_taxonomy_id     602 
_entity_src_gen.pdbx_gene_src_variant              ? 
_entity_src_gen.pdbx_gene_src_cell_line            ? 
_entity_src_gen.pdbx_gene_src_atcc                 ? 
_entity_src_gen.pdbx_gene_src_organ                ? 
_entity_src_gen.pdbx_gene_src_organelle            ? 
_entity_src_gen.pdbx_gene_src_cell                 ? 
_entity_src_gen.pdbx_gene_src_cellular_location    ? 
_entity_src_gen.host_org_common_name               ? 
_entity_src_gen.pdbx_host_org_scientific_name      ? 
_entity_src_gen.pdbx_host_org_ncbi_taxonomy_id     ? 
_entity_src_gen.host_org_genus                     ? 
_entity_src_gen.pdbx_host_org_gene                 ? 
_entity_src_gen.pdbx_host_org_organ                ? 
_entity_src_gen.host_org_species                   ? 
_entity_src_gen.pdbx_host_org_tissue               ? 
_entity_src_gen.pdbx_host_org_tissue_fraction      ? 
_entity_src_gen.pdbx_host_org_strain               ? 
_entity_src_gen.pdbx_host_org_variant              ? 
_entity_src_gen.pdbx_host_org_cell_line            ? 
_entity_src_gen.pdbx_host_org_atcc                 ? 
_entity_src_gen.pdbx_host_org_culture_collection   ? 
_entity_src_gen.pdbx_host_org_cell                 ? 
_entity_src_gen.pdbx_host_org_organelle            ? 
_entity_src_gen.pdbx_host_org_cellular_location    ? 
_entity_src_gen.pdbx_host_org_vector_type          ? 
_entity_src_gen.pdbx_host_org_vector               ? 
_entity_src_gen.host_org_details                   ? 
_entity_src_gen.expression_system_id               ? 
_entity_src_gen.plasmid_name                       ? 
_entity_src_gen.plasmid_details                    ? 
_entity_src_gen.pdbx_description                   ? 
# 
loop_
_chem_comp.id 
_chem_comp.type 
_chem_comp.mon_nstd_flag 
_chem_comp.name 
_chem_comp.pdbx_synonyms 
_chem_comp.formula 
_chem_comp.formula_weight 
ALA 'L-peptide linking' y ALANINE                      ? 'C3 H7 N O2'       89.093  
ARG 'L-peptide linking' y ARGININE                     ? 'C6 H15 N4 O2 1'   175.209 
ASN 'L-peptide linking' y ASPARAGINE                   ? 'C4 H8 N2 O3'      132.118 
ASP 'L-peptide linking' y 'ASPARTIC ACID'              ? 'C4 H7 N O4'       133.103 
CYS 'L-peptide linking' y CYSTEINE                     ? 'C3 H7 N O2 S'     121.158 
GLN 'L-peptide linking' y GLUTAMINE                    ? 'C5 H10 N2 O3'     146.144 
GLU 'L-peptide linking' y 'GLUTAMIC ACID'              ? 'C5 H9 N O4'       147.129 
GLY 'peptide linking'   y GLYCINE                      ? 'C2 H5 N O2'       75.067  
HIS 'L-peptide linking' y HISTIDINE                    ? 'C6 H10 N3 O2 1'   156.162 
HOH non-polymer         . WATER                        ? 'H2 O'             18.015  
ILE 'L-peptide linking' y ISOLEUCINE                   ? 'C6 H13 N O2'      131.173 
LEU 'L-peptide linking' y LEUCINE                      ? 'C6 H13 N O2'      131.173 
LYS 'L-peptide linking' y LYSINE                       ? 'C6 H15 N2 O2 1'   147.195 
MET 'L-peptide linking' y METHIONINE                   ? 'C5 H11 N O2 S'    149.211 
OMP non-polymer         . "OROTIDINE-5'-MONOPHOSPHATE" ? 'C10 H13 N2 O11 P' 368.191 
PHE 'L-peptide linking' y PHENYLALANINE                ? 'C9 H11 N O2'      165.189 
PRO 'L-peptide linking' y PROLINE                      ? 'C5 H9 N O2'       115.130 
SER 'L-peptide linking' y SERINE                       ? 'C3 H7 N O3'       105.093 
THR 'L-peptide linking' y THREONINE                    ? 'C4 H9 N O3'       119.119 
TYR 'L-peptide linking' y TYROSINE                     ? 'C9 H11 N O3'      181.189 
VAL 'L-peptide linking' y VALINE                       ? 'C5 H11 N O2'      117.146 
# 
loop_
_pdbx_poly_seq_scheme.asym_id 
_pdbx_poly_seq_scheme.entity_id 
_pdbx_poly_seq_scheme.seq_id 
_pdbx_poly_seq_scheme.mon_id 
_pdbx_poly_seq_scheme.ndb_seq_num 
_pdbx_poly_seq_scheme.pdb_seq_num 
_pdbx_poly_seq_scheme.auth_seq_num 
_pdbx_poly_seq_scheme.pdb_mon_id 
_pdbx_poly_seq_scheme.auth_mon_id 
_pdbx_poly_seq_scheme.pdb_strand_id 
_pdbx_poly_seq_scheme.pdb_ins_code 
_pdbx_poly_seq_scheme.hetero 
A 1 1   MET 1   1   1   MET MET A . n 
A 1 2   LYS 2   2   2   LYS LYS A . n 
A 1 3   PRO 3   3   3   PRO PRO A . n 
A 1 4   TYR 4   4   4   TYR TYR A . n 
A 1 5   GLN 5   5   5   GLN GLN A . n 
A 1 6   ARG 6   6   6   ARG ARG A . n 
A 1 7   GLN 7   7   7   GLN GLN A . n 
A 1 8   PHE 8   8   8   PHE PHE A . n 
A 1 9   ILE 9   9   9   ILE ILE A . n 
A 1 10  GLU 10  10  10  GLU GLU A . n 
A 1 11  PHE 11  11  11  PHE PHE A . n 
A 1 12  ALA 12  12  12  ALA ALA A . n 
A 1 13  LEU 13  13  13  LEU LEU A . n 
A 1 14  ASN 14  14  14  ASN ASN A . n 
A 1 15  LYS 15  15  15  LYS LYS A . n 
A 1 16  GLN 16  16  16  GLN GLN A . n 
A 1 17  VAL 17  17  17  VAL VAL A . n 
A 1 18  LEU 18  18  18  LEU LEU A . n 
A 1 19  LYS 19  19  19  LYS LYS A . n 
A 1 20  PHE 20  20  20  PHE PHE A . n 
A 1 21  GLY 21  21  21  GLY GLY A . n 
A 1 22  GLU 22  22  22  GLU GLU A . n 
A 1 23  PHE 23  23  23  PHE PHE A . n 
A 1 24  THR 24  24  24  THR THR A . n 
A 1 25  LEU 25  25  25  LEU LEU A . n 
A 1 26  LYS 26  26  26  LYS LYS A . n 
A 1 27  SER 27  27  27  SER SER A . n 
A 1 28  GLY 28  28  28  GLY GLY A . n 
A 1 29  ARG 29  29  29  ARG ARG A . n 
A 1 30  LYS 30  30  30  LYS LYS A . n 
A 1 31  SER 31  31  31  SER SER A . n 
A 1 32  PRO 32  32  32  PRO PRO A . n 
A 1 33  TYR 33  33  33  TYR TYR A . n 
A 1 34  PHE 34  34  34  PHE PHE A . n 
A 1 35  PHE 35  35  35  PHE PHE A . n 
A 1 36  ASN 36  36  36  ASN ASN A . n 
A 1 37  ALA 37  37  37  ALA ALA A . n 
A 1 38  GLY 38  38  38  GLY GLY A . n 
A 1 39  LEU 39  39  39  LEU LEU A . n 
A 1 40  PHE 40  40  40  PHE PHE A . n 
A 1 41  ASN 41  41  41  ASN ASN A . n 
A 1 42  THR 42  42  42  THR THR A . n 
A 1 43  GLY 43  43  43  GLY GLY A . n 
A 1 44  ARG 44  44  44  ARG ARG A . n 
A 1 45  ASP 45  45  45  ASP ASP A . n 
A 1 46  LEU 46  46  46  LEU LEU A . n 
A 1 47  ALA 47  47  47  ALA ALA A . n 
A 1 48  LEU 48  48  48  LEU LEU A . n 
A 1 49  LEU 49  49  49  LEU LEU A . n 
A 1 50  GLY 50  50  50  GLY GLY A . n 
A 1 51  ARG 51  51  51  ARG ARG A . n 
A 1 52  PHE 52  52  52  PHE PHE A . n 
A 1 53  TYR 53  53  53  TYR TYR A . n 
A 1 54  ALA 54  54  54  ALA ALA A . n 
A 1 55  GLU 55  55  55  GLU GLU A . n 
A 1 56  ALA 56  56  56  ALA ALA A . n 
A 1 57  LEU 57  57  57  LEU LEU A . n 
A 1 58  VAL 58  58  58  VAL VAL A . n 
A 1 59  ASP 59  59  59  ASP ASP A . n 
A 1 60  SER 60  60  60  SER SER A . n 
A 1 61  GLY 61  61  61  GLY GLY A . n 
A 1 62  ILE 62  62  62  ILE ILE A . n 
A 1 63  GLU 63  63  63  GLU GLU A . n 
A 1 64  PHE 64  64  64  PHE PHE A . n 
A 1 65  ASP 65  65  65  ASP ASP A . n 
A 1 66  LEU 66  66  66  LEU LEU A . n 
A 1 67  LEU 67  67  67  LEU LEU A . n 
A 1 68  PHE 68  68  68  PHE PHE A . n 
A 1 69  GLY 69  69  69  GLY GLY A . n 
A 1 70  PRO 70  70  70  PRO PRO A . n 
A 1 71  ALA 71  71  71  ALA ALA A . n 
A 1 72  TYR 72  72  72  TYR TYR A . n 
A 1 73  LYS 73  73  73  LYS LYS A . n 
A 1 74  GLY 74  74  74  GLY GLY A . n 
A 1 75  ILE 75  75  75  ILE ILE A . n 
A 1 76  PRO 76  76  76  PRO PRO A . n 
A 1 77  ILE 77  77  77  ILE ILE A . n 
A 1 78  ALA 78  78  78  ALA ALA A . n 
A 1 79  THR 79  79  79  THR THR A . n 
A 1 80  THR 80  80  80  THR THR A . n 
A 1 81  THR 81  81  81  THR THR A . n 
A 1 82  ALA 82  82  82  ALA ALA A . n 
A 1 83  VAL 83  83  83  VAL VAL A . n 
A 1 84  ALA 84  84  84  ALA ALA A . n 
A 1 85  LEU 85  85  85  LEU LEU A . n 
A 1 86  ALA 86  86  86  ALA ALA A . n 
A 1 87  GLU 87  87  87  GLU GLU A . n 
A 1 88  HIS 88  88  88  HIS HIS A . n 
A 1 89  HIS 89  89  89  HIS HIS A . n 
A 1 90  ASP 90  90  90  ASP ASP A . n 
A 1 91  LYS 91  91  91  LYS LYS A . n 
A 1 92  ASP 92  92  92  ASP ASP A . n 
A 1 93  LEU 93  93  93  LEU LEU A . n 
A 1 94  PRO 94  94  94  PRO PRO A . n 
A 1 95  TYR 95  95  95  TYR TYR A . n 
A 1 96  CYS 96  96  96  CYS CYS A . n 
A 1 97  PHE 97  97  97  PHE PHE A . n 
A 1 98  ASN 98  98  98  ASN ASN A . n 
A 1 99  ARG 99  99  99  ARG ARG A . n 
A 1 100 LYS 100 100 100 LYS LYS A . n 
A 1 101 ALA 101 101 101 ALA ALA A . n 
A 1 102 ALA 102 102 102 ALA ALA A . n 
A 1 103 LYS 103 103 ?   ?   ?   A . n 
A 1 104 ASP 104 104 ?   ?   ?   A . n 
A 1 105 HIS 105 105 ?   ?   ?   A . n 
A 1 106 GLY 106 106 ?   ?   ?   A . n 
A 1 107 GLU 107 107 ?   ?   ?   A . n 
A 1 108 GLY 108 108 108 GLY GLY A . n 
A 1 109 GLY 109 109 109 GLY GLY A . n 
A 1 110 SER 110 110 110 SER SER A . n 
A 1 111 LEU 111 111 111 LEU LEU A . n 
A 1 112 VAL 112 112 112 VAL VAL A . n 
A 1 113 GLY 113 113 113 GLY GLY A . n 
A 1 114 SER 114 114 114 SER SER A . n 
A 1 115 ALA 115 115 115 ALA ALA A . n 
A 1 116 LEU 116 116 116 LEU LEU A . n 
A 1 117 GLN 117 117 117 GLN GLN A . n 
A 1 118 GLY 118 118 118 GLY GLY A . n 
A 1 119 ARG 119 119 119 ARG ARG A . n 
A 1 120 VAL 120 120 120 VAL VAL A . n 
A 1 121 MET 121 121 121 MET MET A . n 
A 1 122 LEU 122 122 122 LEU LEU A . n 
A 1 123 VAL 123 123 123 VAL VAL A . n 
A 1 124 ASP 124 124 124 ASP ASP A . n 
A 1 125 ASP 125 125 125 ASP ASP A . n 
A 1 126 VAL 126 126 126 VAL VAL A . n 
A 1 127 ILE 127 127 127 ILE ILE A . n 
A 1 128 THR 128 128 128 THR THR A . n 
A 1 129 ALA 129 129 129 ALA ALA A . n 
A 1 130 GLY 130 130 130 GLY GLY A . n 
A 1 131 THR 131 131 131 THR THR A . n 
A 1 132 ALA 132 132 132 ALA ALA A . n 
A 1 133 ILE 133 133 133 ILE ILE A . n 
A 1 134 ARG 134 134 134 ARG ARG A . n 
A 1 135 GLU 135 135 135 GLU GLU A . n 
A 1 136 SER 136 136 136 SER SER A . n 
A 1 137 MET 137 137 137 MET MET A . n 
A 1 138 GLU 138 138 138 GLU GLU A . n 
A 1 139 ILE 139 139 139 ILE ILE A . n 
A 1 140 ILE 140 140 140 ILE ILE A . n 
A 1 141 GLN 141 141 141 GLN GLN A . n 
A 1 142 ALA 142 142 142 ALA ALA A . n 
A 1 143 HIS 143 143 143 HIS HIS A . n 
A 1 144 GLY 144 144 144 GLY GLY A . n 
A 1 145 ALA 145 145 145 ALA ALA A . n 
A 1 146 THR 146 146 146 THR THR A . n 
A 1 147 LEU 147 147 147 LEU LEU A . n 
A 1 148 ALA 148 148 148 ALA ALA A . n 
A 1 149 GLY 149 149 149 GLY GLY A . n 
A 1 150 VAL 150 150 150 VAL VAL A . n 
A 1 151 LEU 151 151 151 LEU LEU A . n 
A 1 152 ILE 152 152 152 ILE ILE A . n 
A 1 153 SER 153 153 153 SER SER A . n 
A 1 154 LEU 154 154 154 LEU LEU A . n 
A 1 155 ASP 155 155 155 ASP ASP A . n 
A 1 156 ARG 156 156 156 ARG ARG A . n 
A 1 157 GLN 157 157 157 GLN GLN A . n 
A 1 158 GLU 158 158 158 GLU GLU A . n 
A 1 159 ARG 159 159 159 ARG ARG A . n 
A 1 160 GLY 160 160 160 GLY GLY A . n 
A 1 161 ARG 161 161 161 ARG ARG A . n 
A 1 162 GLY 162 162 162 GLY GLY A . n 
A 1 163 GLU 163 163 163 GLU GLU A . n 
A 1 164 ILE 164 164 164 ILE ILE A . n 
A 1 165 SER 165 165 165 SER SER A . n 
A 1 166 ALA 166 166 166 ALA ALA A . n 
A 1 167 ILE 167 167 167 ILE ILE A . n 
A 1 168 GLN 168 168 168 GLN GLN A . n 
A 1 169 GLU 169 169 169 GLU GLU A . n 
A 1 170 VAL 170 170 170 VAL VAL A . n 
A 1 171 GLU 171 171 171 GLU GLU A . n 
A 1 172 ARG 172 172 172 ARG ARG A . n 
A 1 173 ASP 173 173 173 ASP ASP A . n 
A 1 174 TYR 174 174 174 TYR TYR A . n 
A 1 175 GLY 175 175 175 GLY GLY A . n 
A 1 176 CYS 176 176 176 CYS CYS A . n 
A 1 177 LYS 177 177 177 LYS LYS A . n 
A 1 178 VAL 178 178 178 VAL VAL A . n 
A 1 179 ILE 179 179 179 ILE ILE A . n 
A 1 180 SER 180 180 180 SER SER A . n 
A 1 181 ILE 181 181 181 ILE ILE A . n 
A 1 182 ILE 182 182 182 ILE ILE A . n 
A 1 183 THR 183 183 183 THR THR A . n 
A 1 184 LEU 184 184 184 LEU LEU A . n 
A 1 185 LYS 185 185 185 LYS LYS A . n 
A 1 186 ASP 186 186 186 ASP ASP A . n 
A 1 187 LEU 187 187 187 LEU LEU A . n 
A 1 188 ILE 188 188 188 ILE ILE A . n 
A 1 189 ALA 189 189 189 ALA ALA A . n 
A 1 190 TYR 190 190 190 TYR TYR A . n 
A 1 191 LEU 191 191 191 LEU LEU A . n 
A 1 192 GLU 192 192 192 GLU GLU A . n 
A 1 193 GLU 193 193 193 GLU GLU A . n 
A 1 194 LYS 194 194 194 LYS LYS A . n 
A 1 195 PRO 195 195 195 PRO PRO A . n 
A 1 196 ASP 196 196 196 ASP ASP A . n 
A 1 197 MET 197 197 197 MET MET A . n 
A 1 198 ALA 198 198 198 ALA ALA A . n 
A 1 199 GLU 199 199 199 GLU GLU A . n 
A 1 200 HIS 200 200 200 HIS HIS A . n 
A 1 201 LEU 201 201 201 LEU LEU A . n 
A 1 202 ALA 202 202 202 ALA ALA A . n 
A 1 203 ALA 203 203 203 ALA ALA A . n 
A 1 204 VAL 204 204 204 VAL VAL A . n 
A 1 205 ARG 205 205 205 ARG ARG A . n 
A 1 206 ALA 206 206 206 ALA ALA A . n 
A 1 207 TYR 207 207 207 TYR TYR A . n 
A 1 208 ARG 208 208 208 ARG ARG A . n 
A 1 209 GLU 209 209 209 GLU GLU A . n 
A 1 210 GLU 210 210 210 GLU GLU A . n 
A 1 211 PHE 211 211 211 PHE PHE A . n 
A 1 212 GLY 212 212 212 GLY GLY A . n 
A 1 213 VAL 213 213 213 VAL VAL A . n 
# 
loop_
_pdbx_nonpoly_scheme.asym_id 
_pdbx_nonpoly_scheme.entity_id 
_pdbx_nonpoly_scheme.mon_id 
_pdbx_nonpoly_scheme.ndb_seq_num 
_pdbx_nonpoly_scheme.pdb_seq_num 
_pdbx_nonpoly_scheme.auth_seq_num 
_pdbx_nonpoly_scheme.pdb_mon_id 
_pdbx_nonpoly_scheme.auth_mon_id 
_pdbx_nonpoly_scheme.pdb_strand_id 
_pdbx_nonpoly_scheme.pdb_ins_code 
B 2 OMP 1  216 216 OMP OMP A . 
C 3 HOH 1  301 301 HOH HOH A . 
C 3 HOH 2  302 302 HOH HOH A . 
C 3 HOH 3  303 303 HOH HOH A . 
C 3 HOH 4  304 304 HOH HOH A . 
C 3 HOH 5  305 305 HOH HOH A . 
C 3 HOH 6  306 306 HOH HOH A . 
C 3 HOH 7  307 307 HOH HOH A . 
C 3 HOH 8  308 308 HOH HOH A . 
C 3 HOH 9  309 309 HOH HOH A . 
C 3 HOH 10 310 310 HOH HOH A . 
C 3 HOH 11 311 311 HOH HOH A . 
C 3 HOH 12 312 312 HOH HOH A . 
C 3 HOH 13 313 313 HOH HOH A . 
C 3 HOH 14 314 314 HOH HOH A . 
C 3 HOH 15 315 315 HOH HOH A . 
C 3 HOH 16 316 316 HOH HOH A . 
C 3 HOH 17 317 317 HOH HOH A . 
C 3 HOH 18 318 318 HOH HOH A . 
C 3 HOH 19 319 319 HOH HOH A . 
C 3 HOH 20 321 321 HOH HOH A . 
C 3 HOH 21 322 322 HOH HOH A . 
C 3 HOH 22 323 323 HOH HOH A . 
C 3 HOH 23 324 324 HOH HOH A . 
C 3 HOH 24 325 325 HOH HOH A . 
C 3 HOH 25 326 326 HOH HOH A . 
C 3 HOH 26 327 327 HOH HOH A . 
C 3 HOH 27 328 328 HOH HOH A . 
C 3 HOH 28 329 329 HOH HOH A . 
C 3 HOH 29 330 330 HOH HOH A . 
C 3 HOH 30 331 331 HOH HOH A . 
C 3 HOH 31 332 332 HOH HOH A . 
C 3 HOH 32 333 333 HOH HOH A . 
C 3 HOH 33 334 334 HOH HOH A . 
C 3 HOH 34 336 336 HOH HOH A . 
C 3 HOH 35 337 337 HOH HOH A . 
C 3 HOH 36 338 338 HOH HOH A . 
C 3 HOH 37 339 339 HOH HOH A . 
C 3 HOH 38 340 340 HOH HOH A . 
C 3 HOH 39 341 341 HOH HOH A . 
C 3 HOH 40 342 342 HOH HOH A . 
C 3 HOH 41 343 343 HOH HOH A . 
C 3 HOH 42 344 344 HOH HOH A . 
C 3 HOH 43 345 345 HOH HOH A . 
C 3 HOH 44 346 346 HOH HOH A . 
C 3 HOH 45 347 347 HOH HOH A . 
C 3 HOH 46 348 348 HOH HOH A . 
C 3 HOH 47 349 349 HOH HOH A . 
C 3 HOH 48 350 350 HOH HOH A . 
C 3 HOH 49 351 351 HOH HOH A . 
C 3 HOH 50 352 352 HOH HOH A . 
C 3 HOH 51 354 354 HOH HOH A . 
C 3 HOH 52 355 355 HOH HOH A . 
C 3 HOH 53 356 356 HOH HOH A . 
C 3 HOH 54 357 357 HOH HOH A . 
C 3 HOH 55 358 358 HOH HOH A . 
C 3 HOH 56 359 359 HOH HOH A . 
C 3 HOH 57 360 360 HOH HOH A . 
C 3 HOH 58 361 361 HOH HOH A . 
C 3 HOH 59 362 362 HOH HOH A . 
C 3 HOH 60 363 363 HOH HOH A . 
C 3 HOH 61 364 364 HOH HOH A . 
C 3 HOH 62 365 365 HOH HOH A . 
C 3 HOH 63 366 366 HOH HOH A . 
C 3 HOH 64 367 367 HOH HOH A . 
C 3 HOH 65 368 368 HOH HOH A . 
C 3 HOH 66 369 369 HOH HOH A . 
C 3 HOH 67 370 370 HOH HOH A . 
C 3 HOH 68 371 371 HOH HOH A . 
C 3 HOH 69 372 372 HOH HOH A . 
C 3 HOH 70 373 373 HOH HOH A . 
C 3 HOH 71 374 374 HOH HOH A . 
C 3 HOH 72 375 375 HOH HOH A . 
C 3 HOH 73 376 376 HOH HOH A . 
C 3 HOH 74 377 377 HOH HOH A . 
C 3 HOH 75 378 378 HOH HOH A . 
C 3 HOH 76 379 379 HOH HOH A . 
C 3 HOH 77 380 380 HOH HOH A . 
# 
loop_
_software.name 
_software.classification 
_software.version 
_software.citation_id 
_software.pdbx_ordinal 
X-PLOR 'model building' . ? 1 
TNT    refinement       . ? 2 
X-PLOR refinement       . ? 3 
X-PLOR phasing          . ? 4 
# 
_cell.entry_id           1STO 
_cell.length_a           47.200 
_cell.length_b           47.200 
_cell.length_c           216.680 
_cell.angle_alpha        90.00 
_cell.angle_beta         90.00 
_cell.angle_gamma        90.00 
_cell.Z_PDB              8 
_cell.pdbx_unique_axis   ? 
# 
_symmetry.entry_id                         1STO 
_symmetry.space_group_name_H-M             'P 41 21 2' 
_symmetry.pdbx_full_space_group_name_H-M   ? 
_symmetry.cell_setting                     ? 
_symmetry.Int_Tables_number                92 
# 
_exptl.entry_id          1STO 
_exptl.method            'X-RAY DIFFRACTION' 
_exptl.crystals_number   ? 
# 
_exptl_crystal.id                    1 
_exptl_crystal.density_meas          ? 
_exptl_crystal.density_Matthews      2.56 
_exptl_crystal.density_percent_sol   52.02 
_exptl_crystal.description           ? 
# 
_diffrn.id                     1 
_diffrn.crystal_id             1 
_diffrn.ambient_temp           ? 
_diffrn.ambient_temp_details   ? 
# 
_refine.entry_id                                 1STO 
_refine.ls_number_reflns_obs                     7610 
_refine.ls_number_reflns_all                     ? 
_refine.pdbx_ls_sigma_I                          ? 
_refine.pdbx_ls_sigma_F                          ? 
_refine.pdbx_data_cutoff_high_absF               ? 
_refine.pdbx_data_cutoff_low_absF                ? 
_refine.pdbx_data_cutoff_high_rms_absF           ? 
_refine.ls_d_res_low                             28.0 
_refine.ls_d_res_high                            2.6 
_refine.ls_percent_reflns_obs                    ? 
_refine.ls_R_factor_obs                          0.1760000 
_refine.ls_R_factor_all                          ? 
_refine.ls_R_factor_R_work                       0.1760000 
_refine.ls_R_factor_R_free                       ? 
_refine.ls_R_factor_R_free_error                 ? 
_refine.ls_R_factor_R_free_error_details         ? 
_refine.ls_percent_reflns_R_free                 ? 
_refine.ls_number_reflns_R_free                  ? 
_refine.ls_number_parameters                     ? 
_refine.ls_number_restraints                     ? 
_refine.occupancy_min                            ? 
_refine.occupancy_max                            ? 
_refine.B_iso_mean                               ? 
_refine.aniso_B[1][1]                            ? 
_refine.aniso_B[2][2]                            ? 
_refine.aniso_B[3][3]                            ? 
_refine.aniso_B[1][2]                            ? 
_refine.aniso_B[1][3]                            ? 
_refine.aniso_B[2][3]                            ? 
_refine.solvent_model_details                    ? 
_refine.solvent_model_param_ksol                 ? 
_refine.solvent_model_param_bsol                 ? 
_refine.pdbx_ls_cross_valid_method               ? 
_refine.details                                  ? 
_refine.pdbx_starting_model                      ? 
_refine.pdbx_method_to_determine_struct          ? 
_refine.pdbx_isotropic_thermal_model             ? 
_refine.pdbx_stereochemistry_target_values       ? 
_refine.pdbx_stereochem_target_val_spec_case     ? 
_refine.pdbx_R_Free_selection_details            ? 
_refine.pdbx_overall_ESU_R                       ? 
_refine.pdbx_overall_ESU_R_Free                  ? 
_refine.overall_SU_ML                            ? 
_refine.overall_SU_B                             ? 
_refine.pdbx_refine_id                           'X-RAY DIFFRACTION' 
_refine.pdbx_diffrn_id                           1 
_refine.pdbx_TLS_residual_ADP_flag               ? 
_refine.correlation_coeff_Fo_to_Fc               ? 
_refine.correlation_coeff_Fo_to_Fc_free          ? 
_refine.pdbx_solvent_vdw_probe_radii             ? 
_refine.pdbx_solvent_ion_probe_radii             ? 
_refine.pdbx_solvent_shrinkage_radii             ? 
_refine.pdbx_overall_phase_error                 ? 
_refine.overall_SU_R_Cruickshank_DPI             ? 
_refine.pdbx_overall_SU_R_free_Cruickshank_DPI   ? 
_refine.pdbx_overall_SU_R_Blow_DPI               ? 
_refine.pdbx_overall_SU_R_free_Blow_DPI          ? 
# 
_refine_hist.pdbx_refine_id                   'X-RAY DIFFRACTION' 
_refine_hist.cycle_id                         LAST 
_refine_hist.pdbx_number_atoms_protein        1616 
_refine_hist.pdbx_number_atoms_nucleic_acid   0 
_refine_hist.pdbx_number_atoms_ligand         25 
_refine_hist.number_atoms_solvent             77 
_refine_hist.number_atoms_total               1718 
_refine_hist.d_res_high                       2.6 
_refine_hist.d_res_low                        28.0 
# 
loop_
_refine_ls_restr.type 
_refine_ls_restr.dev_ideal 
_refine_ls_restr.dev_ideal_target 
_refine_ls_restr.weight 
_refine_ls_restr.number 
_refine_ls_restr.pdbx_refine_id 
_refine_ls_restr.pdbx_restraint_function 
x_bond_d                0.020 ? ? ? 'X-RAY DIFFRACTION' ? 
x_bond_d_na             ?     ? ? ? 'X-RAY DIFFRACTION' ? 
x_bond_d_prot           ?     ? ? ? 'X-RAY DIFFRACTION' ? 
x_angle_d               ?     ? ? ? 'X-RAY DIFFRACTION' ? 
x_angle_d_na            ?     ? ? ? 'X-RAY DIFFRACTION' ? 
x_angle_d_prot          ?     ? ? ? 'X-RAY DIFFRACTION' ? 
x_angle_deg             2.5   ? ? ? 'X-RAY DIFFRACTION' ? 
x_angle_deg_na          ?     ? ? ? 'X-RAY DIFFRACTION' ? 
x_angle_deg_prot        ?     ? ? ? 'X-RAY DIFFRACTION' ? 
x_dihedral_angle_d      ?     ? ? ? 'X-RAY DIFFRACTION' ? 
x_dihedral_angle_d_na   ?     ? ? ? 'X-RAY DIFFRACTION' ? 
x_dihedral_angle_d_prot ?     ? ? ? 'X-RAY DIFFRACTION' ? 
x_improper_angle_d      ?     ? ? ? 'X-RAY DIFFRACTION' ? 
x_improper_angle_d_na   ?     ? ? ? 'X-RAY DIFFRACTION' ? 
x_improper_angle_d_prot ?     ? ? ? 'X-RAY DIFFRACTION' ? 
x_mcbond_it             ?     ? ? ? 'X-RAY DIFFRACTION' ? 
x_mcangle_it            ?     ? ? ? 'X-RAY DIFFRACTION' ? 
x_scbond_it             ?     ? ? ? 'X-RAY DIFFRACTION' ? 
x_scangle_it            ?     ? ? ? 'X-RAY DIFFRACTION' ? 
# 
_struct.entry_id                  1STO 
_struct.title                     'CRYSTAL STRUCTURE OF OROTATE PHOSPHORIBOSYLTRANSFERASE' 
_struct.pdbx_model_details        ? 
_struct.pdbx_CASP_flag            ? 
_struct.pdbx_model_type_details   ? 
# 
_struct_keywords.entry_id        1STO 
_struct_keywords.pdbx_keywords   PHOSPHORIBOSYLTRANSFERASE 
_struct_keywords.text            PHOSPHORIBOSYLTRANSFERASE 
# 
loop_
_struct_asym.id 
_struct_asym.pdbx_blank_PDB_chainid_flag 
_struct_asym.pdbx_modified 
_struct_asym.entity_id 
_struct_asym.details 
A N N 1 ? 
B N N 2 ? 
C N N 3 ? 
# 
_struct_ref.id                         1 
_struct_ref.db_name                    UNP 
_struct_ref.db_code                    PYRE_SALTY 
_struct_ref.entity_id                  1 
_struct_ref.pdbx_db_accession          P08870 
_struct_ref.pdbx_align_begin           1 
_struct_ref.pdbx_seq_one_letter_code   
;KPYQRQFIEFALNKQVLKFGEFTLKSGRKSPYFFNAGLFNTGRDLALLGRFYAEALVDSGIEFDLLFGPAYKGIPIATTT
AVALAEHHDKDLPYCFNRKEAKDHGEGGSLVGSALQGRVMLVDDVITAGTAIRESMEIIQAHGATLAGVLISLDRQERGR
GEISAIQEVERDYGCKVISIITLKDLIAYLEEKPDMAEHLAAVRAYREEFGV
;
_struct_ref.pdbx_db_isoform            ? 
# 
_struct_ref_seq.align_id                      1 
_struct_ref_seq.ref_id                        1 
_struct_ref_seq.pdbx_PDB_id_code              1STO 
_struct_ref_seq.pdbx_strand_id                A 
_struct_ref_seq.seq_align_beg                 2 
_struct_ref_seq.pdbx_seq_align_beg_ins_code   ? 
_struct_ref_seq.seq_align_end                 213 
_struct_ref_seq.pdbx_seq_align_end_ins_code   ? 
_struct_ref_seq.pdbx_db_accession             P08870 
_struct_ref_seq.db_align_beg                  1 
_struct_ref_seq.pdbx_db_align_beg_ins_code    ? 
_struct_ref_seq.db_align_end                  212 
_struct_ref_seq.pdbx_db_align_end_ins_code    ? 
_struct_ref_seq.pdbx_auth_seq_align_beg       2 
_struct_ref_seq.pdbx_auth_seq_align_end       213 
# 
_struct_ref_seq_dif.align_id                     1 
_struct_ref_seq_dif.pdbx_pdb_id_code             1STO 
_struct_ref_seq_dif.mon_id                       ALA 
_struct_ref_seq_dif.pdbx_pdb_strand_id           A 
_struct_ref_seq_dif.seq_num                      101 
_struct_ref_seq_dif.pdbx_pdb_ins_code            ? 
_struct_ref_seq_dif.pdbx_seq_db_name             UNP 
_struct_ref_seq_dif.pdbx_seq_db_accession_code   P08870 
_struct_ref_seq_dif.db_mon_id                    GLU 
_struct_ref_seq_dif.pdbx_seq_db_seq_num          100 
_struct_ref_seq_dif.details                      conflict 
_struct_ref_seq_dif.pdbx_auth_seq_num            101 
_struct_ref_seq_dif.pdbx_ordinal                 1 
# 
_pdbx_struct_assembly.id                   1 
_pdbx_struct_assembly.details              author_and_software_defined_assembly 
_pdbx_struct_assembly.method_details       PISA,PQS 
_pdbx_struct_assembly.oligomeric_details   dimeric 
_pdbx_struct_assembly.oligomeric_count     2 
# 
loop_
_pdbx_struct_assembly_prop.biol_id 
_pdbx_struct_assembly_prop.type 
_pdbx_struct_assembly_prop.value 
_pdbx_struct_assembly_prop.details 
1 'ABSA (A^2)' 4100  ? 
1 MORE         -32   ? 
1 'SSA (A^2)'  17950 ? 
# 
_pdbx_struct_assembly_gen.assembly_id       1 
_pdbx_struct_assembly_gen.oper_expression   1,2 
_pdbx_struct_assembly_gen.asym_id_list      A,B,C 
# 
loop_
_pdbx_struct_oper_list.id 
_pdbx_struct_oper_list.type 
_pdbx_struct_oper_list.name 
_pdbx_struct_oper_list.symmetry_operation 
_pdbx_struct_oper_list.matrix[1][1] 
_pdbx_struct_oper_list.matrix[1][2] 
_pdbx_struct_oper_list.matrix[1][3] 
_pdbx_struct_oper_list.vector[1] 
_pdbx_struct_oper_list.matrix[2][1] 
_pdbx_struct_oper_list.matrix[2][2] 
_pdbx_struct_oper_list.matrix[2][3] 
_pdbx_struct_oper_list.vector[2] 
_pdbx_struct_oper_list.matrix[3][1] 
_pdbx_struct_oper_list.matrix[3][2] 
_pdbx_struct_oper_list.matrix[3][3] 
_pdbx_struct_oper_list.vector[3] 
1 'identity operation'         1_555 x,y,z  1.0000000000  0.0000000000  0.0000000000 0.0000000000  0.0000000000  1.0000000000  0.0000000000  0.0000000000 0.0000000000 0.0000000000  1.0000000000  0.0000000000   
2 'crystal symmetry operation' 7_555 y,x,-z -0.1605076526 -0.3865315077 0.9082018977 24.2010267527 -0.3865315077 -0.8220274349 -0.4181677771 6.9040335086 0.9082018977 -0.4181677771 -0.0174649125 -19.4317478538 
# 
_struct_biol.id   1 
# 
loop_
_struct_conf.conf_type_id 
_struct_conf.id 
_struct_conf.pdbx_PDB_helix_id 
_struct_conf.beg_label_comp_id 
_struct_conf.beg_label_asym_id 
_struct_conf.beg_label_seq_id 
_struct_conf.pdbx_beg_PDB_ins_code 
_struct_conf.end_label_comp_id 
_struct_conf.end_label_asym_id 
_struct_conf.end_label_seq_id 
_struct_conf.pdbx_end_PDB_ins_code 
_struct_conf.beg_auth_comp_id 
_struct_conf.beg_auth_asym_id 
_struct_conf.beg_auth_seq_id 
_struct_conf.end_auth_comp_id 
_struct_conf.end_auth_asym_id 
_struct_conf.end_auth_seq_id 
_struct_conf.pdbx_PDB_helix_class 
_struct_conf.details 
_struct_conf.pdbx_PDB_helix_length 
HELX_P HELX_P1 A1 TYR A 4   ? PHE A 20  ? TYR A 4   PHE A 20  1 ? 17 
HELX_P HELX_P2 A2 ASN A 41  ? ASP A 59  ? ASN A 41  ASP A 59  1 ? 19 
HELX_P HELX_P3 A3 GLY A 74  ? HIS A 88  ? GLY A 74  HIS A 88  1 ? 15 
HELX_P HELX_P4 A4 ARG A 134 ? ALA A 142 ? ARG A 134 ALA A 142 1 ? 9  
HELX_P HELX_P5 A5 SER A 165 ? ASP A 173 ? SER A 165 ASP A 173 1 ? 9  
HELX_P HELX_P6 A6 LYS A 185 ? GLU A 193 ? LYS A 185 GLU A 193 1 ? 9  
HELX_P HELX_P7 A7 ALA A 198 ? GLU A 210 ? ALA A 198 GLU A 210 1 ? 13 
# 
_struct_conf_type.id          HELX_P 
_struct_conf_type.criteria    ? 
_struct_conf_type.reference   ? 
# 
_struct_sheet.id               A 
_struct_sheet.type             ? 
_struct_sheet.number_strands   5 
_struct_sheet.details          ? 
# 
loop_
_struct_sheet_order.sheet_id 
_struct_sheet_order.range_id_1 
_struct_sheet_order.range_id_2 
_struct_sheet_order.offset 
_struct_sheet_order.sense 
A 1 2 ? parallel 
A 2 3 ? parallel 
A 3 4 ? parallel 
A 4 5 ? parallel 
# 
loop_
_struct_sheet_range.sheet_id 
_struct_sheet_range.id 
_struct_sheet_range.beg_label_comp_id 
_struct_sheet_range.beg_label_asym_id 
_struct_sheet_range.beg_label_seq_id 
_struct_sheet_range.pdbx_beg_PDB_ins_code 
_struct_sheet_range.end_label_comp_id 
_struct_sheet_range.end_label_asym_id 
_struct_sheet_range.end_label_seq_id 
_struct_sheet_range.pdbx_end_PDB_ins_code 
_struct_sheet_range.beg_auth_comp_id 
_struct_sheet_range.beg_auth_asym_id 
_struct_sheet_range.beg_auth_seq_id 
_struct_sheet_range.end_auth_comp_id 
_struct_sheet_range.end_auth_asym_id 
_struct_sheet_range.end_auth_seq_id 
A 1 LYS A 91  ? ARG A 99  ? LYS A 91  ARG A 99  
A 2 LEU A 66  ? ALA A 71  ? LEU A 66  ALA A 71  
A 3 ARG A 119 ? ASP A 125 ? ARG A 119 ASP A 125 
A 4 LEU A 147 ? ILE A 152 ? LEU A 147 ILE A 152 
A 5 CYS A 176 ? ILE A 181 ? CYS A 176 ILE A 181 
# 
loop_
_pdbx_struct_sheet_hbond.sheet_id 
_pdbx_struct_sheet_hbond.range_id_1 
_pdbx_struct_sheet_hbond.range_id_2 
_pdbx_struct_sheet_hbond.range_1_label_atom_id 
_pdbx_struct_sheet_hbond.range_1_label_comp_id 
_pdbx_struct_sheet_hbond.range_1_label_asym_id 
_pdbx_struct_sheet_hbond.range_1_label_seq_id 
_pdbx_struct_sheet_hbond.range_1_PDB_ins_code 
_pdbx_struct_sheet_hbond.range_1_auth_atom_id 
_pdbx_struct_sheet_hbond.range_1_auth_comp_id 
_pdbx_struct_sheet_hbond.range_1_auth_asym_id 
_pdbx_struct_sheet_hbond.range_1_auth_seq_id 
_pdbx_struct_sheet_hbond.range_2_label_atom_id 
_pdbx_struct_sheet_hbond.range_2_label_comp_id 
_pdbx_struct_sheet_hbond.range_2_label_asym_id 
_pdbx_struct_sheet_hbond.range_2_label_seq_id 
_pdbx_struct_sheet_hbond.range_2_PDB_ins_code 
_pdbx_struct_sheet_hbond.range_2_auth_atom_id 
_pdbx_struct_sheet_hbond.range_2_auth_comp_id 
_pdbx_struct_sheet_hbond.range_2_auth_asym_id 
_pdbx_struct_sheet_hbond.range_2_auth_seq_id 
A 1 2 O PRO A 94  ? O PRO A 94  N LEU A 67  ? N LEU A 67  
A 2 3 O PHE A 68  ? O PHE A 68  N VAL A 123 ? N VAL A 123 
A 3 4 O LEU A 122 ? O LEU A 122 N LEU A 151 ? N LEU A 151 
A 4 5 O VAL A 150 ? O VAL A 150 N ILE A 179 ? N ILE A 179 
# 
_struct_site.id                   AC2 
_struct_site.pdbx_evidence_code   Software 
_struct_site.pdbx_auth_asym_id    A 
_struct_site.pdbx_auth_comp_id    OMP 
_struct_site.pdbx_auth_seq_id     216 
_struct_site.pdbx_auth_ins_code   ? 
_struct_site.pdbx_num_residues    11 
_struct_site.details              'BINDING SITE FOR RESIDUE OMP A 216' 
# 
loop_
_struct_site_gen.id 
_struct_site_gen.site_id 
_struct_site_gen.pdbx_num_res 
_struct_site_gen.label_comp_id 
_struct_site_gen.label_asym_id 
_struct_site_gen.label_seq_id 
_struct_site_gen.pdbx_auth_ins_code 
_struct_site_gen.auth_comp_id 
_struct_site_gen.auth_asym_id 
_struct_site_gen.auth_seq_id 
_struct_site_gen.label_atom_id 
_struct_site_gen.label_alt_id 
_struct_site_gen.symmetry 
_struct_site_gen.details 
1  AC2 11 LEU A 25  ? LEU A 25  . ? 1_555 ? 
2  AC2 11 LYS A 26  ? LYS A 26  . ? 1_555 ? 
3  AC2 11 PHE A 34  ? PHE A 34  . ? 1_555 ? 
4  AC2 11 PHE A 35  ? PHE A 35  . ? 1_555 ? 
5  AC2 11 LYS A 73  ? LYS A 73  . ? 1_555 ? 
6  AC2 11 VAL A 126 ? VAL A 126 . ? 1_555 ? 
7  AC2 11 ILE A 127 ? ILE A 127 . ? 1_555 ? 
8  AC2 11 THR A 128 ? THR A 128 . ? 1_555 ? 
9  AC2 11 ALA A 129 ? ALA A 129 . ? 1_555 ? 
10 AC2 11 THR A 131 ? THR A 131 . ? 1_555 ? 
11 AC2 11 ARG A 156 ? ARG A 156 . ? 1_555 ? 
# 
_pdbx_entry_details.entry_id                   1STO 
_pdbx_entry_details.compound_details           ? 
_pdbx_entry_details.source_details             ? 
_pdbx_entry_details.nonpolymer_details         ? 
_pdbx_entry_details.sequence_details           
;SEQUENCE ADVISORY NOTICE
     DIFFERENCE BETWEEN SWISS-PROT AND PDB SEQUENCE.

     SWISS-PROT ENTRY NAME: PYRE_SALTY

     SWISS-PROT RESIDUE      PDB SEQRES

       NAME   NUMBER         NAME   CHAIN  SEQ/INSERT CODE
       GLU      100          ALA            101
;
_pdbx_entry_details.has_ligand_of_interest     ? 
_pdbx_entry_details.has_protein_modification   ? 
# 
_pdbx_validate_close_contact.id               1 
_pdbx_validate_close_contact.PDB_model_num    1 
_pdbx_validate_close_contact.auth_atom_id_1   O 
_pdbx_validate_close_contact.auth_asym_id_1   A 
_pdbx_validate_close_contact.auth_comp_id_1   ALA 
_pdbx_validate_close_contact.auth_seq_id_1    101 
_pdbx_validate_close_contact.PDB_ins_code_1   ? 
_pdbx_validate_close_contact.label_alt_id_1   ? 
_pdbx_validate_close_contact.auth_atom_id_2   N 
_pdbx_validate_close_contact.auth_asym_id_2   A 
_pdbx_validate_close_contact.auth_comp_id_2   GLY 
_pdbx_validate_close_contact.auth_seq_id_2    108 
_pdbx_validate_close_contact.PDB_ins_code_2   ? 
_pdbx_validate_close_contact.label_alt_id_2   ? 
_pdbx_validate_close_contact.dist             2.16 
# 
loop_
_pdbx_validate_rmsd_bond.id 
_pdbx_validate_rmsd_bond.PDB_model_num 
_pdbx_validate_rmsd_bond.auth_atom_id_1 
_pdbx_validate_rmsd_bond.auth_asym_id_1 
_pdbx_validate_rmsd_bond.auth_comp_id_1 
_pdbx_validate_rmsd_bond.auth_seq_id_1 
_pdbx_validate_rmsd_bond.PDB_ins_code_1 
_pdbx_validate_rmsd_bond.label_alt_id_1 
_pdbx_validate_rmsd_bond.auth_atom_id_2 
_pdbx_validate_rmsd_bond.auth_asym_id_2 
_pdbx_validate_rmsd_bond.auth_comp_id_2 
_pdbx_validate_rmsd_bond.auth_seq_id_2 
_pdbx_validate_rmsd_bond.PDB_ins_code_2 
_pdbx_validate_rmsd_bond.label_alt_id_2 
_pdbx_validate_rmsd_bond.bond_value 
_pdbx_validate_rmsd_bond.bond_target_value 
_pdbx_validate_rmsd_bond.bond_deviation 
_pdbx_validate_rmsd_bond.bond_standard_deviation 
_pdbx_validate_rmsd_bond.linker_flag 
1  1 CD A GLU 10  ? ? OE1 A GLU 10  ? ? 1.345 1.252 0.093 0.011 N 
2  1 CD A GLU 22  ? ? OE1 A GLU 22  ? ? 1.365 1.252 0.113 0.011 N 
3  1 CD A GLU 63  ? ? OE1 A GLU 63  ? ? 1.356 1.252 0.104 0.011 N 
4  1 CD A GLU 138 ? ? OE2 A GLU 138 ? ? 1.335 1.252 0.083 0.011 N 
5  1 CD A GLU 158 ? ? OE2 A GLU 158 ? ? 1.325 1.252 0.073 0.011 N 
6  1 CD A GLU 163 ? ? OE2 A GLU 163 ? ? 1.332 1.252 0.080 0.011 N 
7  1 CD A GLU 169 ? ? OE2 A GLU 169 ? ? 1.343 1.252 0.091 0.011 N 
8  1 CD A GLU 171 ? ? OE2 A GLU 171 ? ? 1.334 1.252 0.082 0.011 N 
9  1 CD A GLU 192 ? ? OE2 A GLU 192 ? ? 1.331 1.252 0.079 0.011 N 
10 1 CD A GLU 193 ? ? OE1 A GLU 193 ? ? 1.330 1.252 0.078 0.011 N 
11 1 CD A GLU 199 ? ? OE2 A GLU 199 ? ? 1.318 1.252 0.066 0.011 N 
12 1 CD A GLU 209 ? ? OE1 A GLU 209 ? ? 1.320 1.252 0.068 0.011 N 
13 1 CD A GLU 210 ? ? OE1 A GLU 210 ? ? 1.323 1.252 0.071 0.011 N 
# 
loop_
_pdbx_validate_rmsd_angle.id 
_pdbx_validate_rmsd_angle.PDB_model_num 
_pdbx_validate_rmsd_angle.auth_atom_id_1 
_pdbx_validate_rmsd_angle.auth_asym_id_1 
_pdbx_validate_rmsd_angle.auth_comp_id_1 
_pdbx_validate_rmsd_angle.auth_seq_id_1 
_pdbx_validate_rmsd_angle.PDB_ins_code_1 
_pdbx_validate_rmsd_angle.label_alt_id_1 
_pdbx_validate_rmsd_angle.auth_atom_id_2 
_pdbx_validate_rmsd_angle.auth_asym_id_2 
_pdbx_validate_rmsd_angle.auth_comp_id_2 
_pdbx_validate_rmsd_angle.auth_seq_id_2 
_pdbx_validate_rmsd_angle.PDB_ins_code_2 
_pdbx_validate_rmsd_angle.label_alt_id_2 
_pdbx_validate_rmsd_angle.auth_atom_id_3 
_pdbx_validate_rmsd_angle.auth_asym_id_3 
_pdbx_validate_rmsd_angle.auth_comp_id_3 
_pdbx_validate_rmsd_angle.auth_seq_id_3 
_pdbx_validate_rmsd_angle.PDB_ins_code_3 
_pdbx_validate_rmsd_angle.label_alt_id_3 
_pdbx_validate_rmsd_angle.angle_value 
_pdbx_validate_rmsd_angle.angle_target_value 
_pdbx_validate_rmsd_angle.angle_deviation 
_pdbx_validate_rmsd_angle.angle_standard_deviation 
_pdbx_validate_rmsd_angle.linker_flag 
1  1 NE A ARG 6   ? ? CZ A ARG 6   ? ? NH2 A ARG 6   ? ? 116.56 120.30 -3.74  0.50 N 
2  1 CB A ASP 59  ? ? CG A ASP 59  ? ? OD1 A ASP 59  ? ? 111.39 118.30 -6.91  0.90 N 
3  1 CB A ASP 59  ? ? CG A ASP 59  ? ? OD2 A ASP 59  ? ? 124.32 118.30 6.02   0.90 N 
4  1 CB A ASP 65  ? ? CG A ASP 65  ? ? OD2 A ASP 65  ? ? 112.37 118.30 -5.93  0.90 N 
5  1 N  A ALA 82  ? ? CA A ALA 82  ? ? CB  A ALA 82  ? ? 118.52 110.10 8.42   1.40 N 
6  1 CB A ASP 92  ? ? CG A ASP 92  ? ? OD1 A ASP 92  ? ? 123.99 118.30 5.69   0.90 N 
7  1 C  A LEU 93  ? ? N  A PRO 94  ? ? CD  A PRO 94  ? ? 110.56 128.40 -17.84 2.10 Y 
8  1 NE A ARG 99  ? ? CZ A ARG 99  ? ? NH2 A ARG 99  ? ? 123.97 120.30 3.67   0.50 N 
9  1 CB A ASP 125 ? ? CG A ASP 125 ? ? OD1 A ASP 125 ? ? 112.59 118.30 -5.71  0.90 N 
10 1 CB A ASP 155 ? ? CG A ASP 155 ? ? OD1 A ASP 155 ? ? 124.12 118.30 5.82   0.90 N 
11 1 CB A ASP 155 ? ? CG A ASP 155 ? ? OD2 A ASP 155 ? ? 110.55 118.30 -7.75  0.90 N 
12 1 CB A ASP 186 ? ? CG A ASP 186 ? ? OD1 A ASP 186 ? ? 125.79 118.30 7.49   0.90 N 
13 1 CB A ASP 186 ? ? CG A ASP 186 ? ? OD2 A ASP 186 ? ? 112.40 118.30 -5.90  0.90 N 
14 1 NE A ARG 205 ? ? CZ A ARG 205 ? ? NH2 A ARG 205 ? ? 116.96 120.30 -3.34  0.50 N 
15 1 NE A ARG 208 ? ? CZ A ARG 208 ? ? NH1 A ARG 208 ? ? 123.84 120.30 3.54   0.50 N 
# 
loop_
_pdbx_validate_torsion.id 
_pdbx_validate_torsion.PDB_model_num 
_pdbx_validate_torsion.auth_comp_id 
_pdbx_validate_torsion.auth_asym_id 
_pdbx_validate_torsion.auth_seq_id 
_pdbx_validate_torsion.PDB_ins_code 
_pdbx_validate_torsion.label_alt_id 
_pdbx_validate_torsion.phi 
_pdbx_validate_torsion.psi 
1  1 GLN A 16  ? ? 81.06   10.13   
2  1 GLU A 22  ? ? -172.67 84.93   
3  1 ALA A 37  ? ? -36.87  -22.08  
4  1 ASP A 59  ? ? -49.80  -3.86   
5  1 ALA A 71  ? ? 57.45   -121.75 
6  1 SER A 110 ? ? 5.53    68.08   
7  1 SER A 114 ? ? -58.95  -170.39 
8  1 LEU A 116 ? ? 71.11   46.48   
9  1 THR A 128 ? ? -121.66 -51.04  
10 1 ALA A 129 ? ? -104.63 58.41   
11 1 THR A 131 ? ? -85.37  -140.51 
12 1 ALA A 132 ? ? -32.74  -23.02  
13 1 SER A 180 ? ? 178.98  152.74  
14 1 ALA A 189 ? ? -36.29  -34.56  
# 
_pdbx_validate_chiral.id              1 
_pdbx_validate_chiral.PDB_model_num   1 
_pdbx_validate_chiral.auth_atom_id    "C3'" 
_pdbx_validate_chiral.label_alt_id    ? 
_pdbx_validate_chiral.auth_asym_id    A 
_pdbx_validate_chiral.auth_comp_id    OMP 
_pdbx_validate_chiral.auth_seq_id     216 
_pdbx_validate_chiral.PDB_ins_code    ? 
_pdbx_validate_chiral.details         PLANAR 
_pdbx_validate_chiral.omega           . 
# 
loop_
_pdbx_distant_solvent_atoms.id 
_pdbx_distant_solvent_atoms.PDB_model_num 
_pdbx_distant_solvent_atoms.auth_atom_id 
_pdbx_distant_solvent_atoms.label_alt_id 
_pdbx_distant_solvent_atoms.auth_asym_id 
_pdbx_distant_solvent_atoms.auth_comp_id 
_pdbx_distant_solvent_atoms.auth_seq_id 
_pdbx_distant_solvent_atoms.PDB_ins_code 
_pdbx_distant_solvent_atoms.neighbor_macromolecule_distance 
_pdbx_distant_solvent_atoms.neighbor_ligand_distance 
1  1 O ? A HOH 306 ? 7.72  . 
2  1 O ? A HOH 307 ? 6.59  . 
3  1 O ? A HOH 309 ? 9.45  . 
4  1 O ? A HOH 312 ? 5.81  . 
5  1 O ? A HOH 321 ? 6.05  . 
6  1 O ? A HOH 325 ? 9.17  . 
7  1 O ? A HOH 329 ? 8.48  . 
8  1 O ? A HOH 333 ? 6.06  . 
9  1 O ? A HOH 338 ? 7.87  . 
10 1 O ? A HOH 340 ? 7.98  . 
11 1 O ? A HOH 341 ? 6.94  . 
12 1 O ? A HOH 344 ? 9.66  . 
13 1 O ? A HOH 345 ? 7.93  . 
14 1 O ? A HOH 347 ? 19.08 . 
15 1 O ? A HOH 349 ? 7.34  . 
16 1 O ? A HOH 361 ? 15.39 . 
17 1 O ? A HOH 368 ? 6.63  . 
18 1 O ? A HOH 376 ? 5.98  . 
19 1 O ? A HOH 379 ? 6.49  . 
# 
loop_
_pdbx_unobs_or_zero_occ_residues.id 
_pdbx_unobs_or_zero_occ_residues.PDB_model_num 
_pdbx_unobs_or_zero_occ_residues.polymer_flag 
_pdbx_unobs_or_zero_occ_residues.occupancy_flag 
_pdbx_unobs_or_zero_occ_residues.auth_asym_id 
_pdbx_unobs_or_zero_occ_residues.auth_comp_id 
_pdbx_unobs_or_zero_occ_residues.auth_seq_id 
_pdbx_unobs_or_zero_occ_residues.PDB_ins_code 
_pdbx_unobs_or_zero_occ_residues.label_asym_id 
_pdbx_unobs_or_zero_occ_residues.label_comp_id 
_pdbx_unobs_or_zero_occ_residues.label_seq_id 
1 1 Y 1 A LYS 103 ? A LYS 103 
2 1 Y 1 A ASP 104 ? A ASP 104 
3 1 Y 1 A HIS 105 ? A HIS 105 
4 1 Y 1 A GLY 106 ? A GLY 106 
5 1 Y 1 A GLU 107 ? A GLU 107 
# 
loop_
_chem_comp_atom.comp_id 
_chem_comp_atom.atom_id 
_chem_comp_atom.type_symbol 
_chem_comp_atom.pdbx_aromatic_flag 
_chem_comp_atom.pdbx_stereo_config 
_chem_comp_atom.pdbx_ordinal 
ALA N      N N N 1   
ALA CA     C N S 2   
ALA C      C N N 3   
ALA O      O N N 4   
ALA CB     C N N 5   
ALA OXT    O N N 6   
ALA H      H N N 7   
ALA H2     H N N 8   
ALA HA     H N N 9   
ALA HB1    H N N 10  
ALA HB2    H N N 11  
ALA HB3    H N N 12  
ALA HXT    H N N 13  
ARG N      N N N 14  
ARG CA     C N S 15  
ARG C      C N N 16  
ARG O      O N N 17  
ARG CB     C N N 18  
ARG CG     C N N 19  
ARG CD     C N N 20  
ARG NE     N N N 21  
ARG CZ     C N N 22  
ARG NH1    N N N 23  
ARG NH2    N N N 24  
ARG OXT    O N N 25  
ARG H      H N N 26  
ARG H2     H N N 27  
ARG HA     H N N 28  
ARG HB2    H N N 29  
ARG HB3    H N N 30  
ARG HG2    H N N 31  
ARG HG3    H N N 32  
ARG HD2    H N N 33  
ARG HD3    H N N 34  
ARG HE     H N N 35  
ARG HH11   H N N 36  
ARG HH12   H N N 37  
ARG HH21   H N N 38  
ARG HH22   H N N 39  
ARG HXT    H N N 40  
ASN N      N N N 41  
ASN CA     C N S 42  
ASN C      C N N 43  
ASN O      O N N 44  
ASN CB     C N N 45  
ASN CG     C N N 46  
ASN OD1    O N N 47  
ASN ND2    N N N 48  
ASN OXT    O N N 49  
ASN H      H N N 50  
ASN H2     H N N 51  
ASN HA     H N N 52  
ASN HB2    H N N 53  
ASN HB3    H N N 54  
ASN HD21   H N N 55  
ASN HD22   H N N 56  
ASN HXT    H N N 57  
ASP N      N N N 58  
ASP CA     C N S 59  
ASP C      C N N 60  
ASP O      O N N 61  
ASP CB     C N N 62  
ASP CG     C N N 63  
ASP OD1    O N N 64  
ASP OD2    O N N 65  
ASP OXT    O N N 66  
ASP H      H N N 67  
ASP H2     H N N 68  
ASP HA     H N N 69  
ASP HB2    H N N 70  
ASP HB3    H N N 71  
ASP HD2    H N N 72  
ASP HXT    H N N 73  
CYS N      N N N 74  
CYS CA     C N R 75  
CYS C      C N N 76  
CYS O      O N N 77  
CYS CB     C N N 78  
CYS SG     S N N 79  
CYS OXT    O N N 80  
CYS H      H N N 81  
CYS H2     H N N 82  
CYS HA     H N N 83  
CYS HB2    H N N 84  
CYS HB3    H N N 85  
CYS HG     H N N 86  
CYS HXT    H N N 87  
GLN N      N N N 88  
GLN CA     C N S 89  
GLN C      C N N 90  
GLN O      O N N 91  
GLN CB     C N N 92  
GLN CG     C N N 93  
GLN CD     C N N 94  
GLN OE1    O N N 95  
GLN NE2    N N N 96  
GLN OXT    O N N 97  
GLN H      H N N 98  
GLN H2     H N N 99  
GLN HA     H N N 100 
GLN HB2    H N N 101 
GLN HB3    H N N 102 
GLN HG2    H N N 103 
GLN HG3    H N N 104 
GLN HE21   H N N 105 
GLN HE22   H N N 106 
GLN HXT    H N N 107 
GLU N      N N N 108 
GLU CA     C N S 109 
GLU C      C N N 110 
GLU O      O N N 111 
GLU CB     C N N 112 
GLU CG     C N N 113 
GLU CD     C N N 114 
GLU OE1    O N N 115 
GLU OE2    O N N 116 
GLU OXT    O N N 117 
GLU H      H N N 118 
GLU H2     H N N 119 
GLU HA     H N N 120 
GLU HB2    H N N 121 
GLU HB3    H N N 122 
GLU HG2    H N N 123 
GLU HG3    H N N 124 
GLU HE2    H N N 125 
GLU HXT    H N N 126 
GLY N      N N N 127 
GLY CA     C N N 128 
GLY C      C N N 129 
GLY O      O N N 130 
GLY OXT    O N N 131 
GLY H      H N N 132 
GLY H2     H N N 133 
GLY HA2    H N N 134 
GLY HA3    H N N 135 
GLY HXT    H N N 136 
HIS N      N N N 137 
HIS CA     C N S 138 
HIS C      C N N 139 
HIS O      O N N 140 
HIS CB     C N N 141 
HIS CG     C Y N 142 
HIS ND1    N Y N 143 
HIS CD2    C Y N 144 
HIS CE1    C Y N 145 
HIS NE2    N Y N 146 
HIS OXT    O N N 147 
HIS H      H N N 148 
HIS H2     H N N 149 
HIS HA     H N N 150 
HIS HB2    H N N 151 
HIS HB3    H N N 152 
HIS HD1    H N N 153 
HIS HD2    H N N 154 
HIS HE1    H N N 155 
HIS HE2    H N N 156 
HIS HXT    H N N 157 
HOH O      O N N 158 
HOH H1     H N N 159 
HOH H2     H N N 160 
ILE N      N N N 161 
ILE CA     C N S 162 
ILE C      C N N 163 
ILE O      O N N 164 
ILE CB     C N S 165 
ILE CG1    C N N 166 
ILE CG2    C N N 167 
ILE CD1    C N N 168 
ILE OXT    O N N 169 
ILE H      H N N 170 
ILE H2     H N N 171 
ILE HA     H N N 172 
ILE HB     H N N 173 
ILE HG12   H N N 174 
ILE HG13   H N N 175 
ILE HG21   H N N 176 
ILE HG22   H N N 177 
ILE HG23   H N N 178 
ILE HD11   H N N 179 
ILE HD12   H N N 180 
ILE HD13   H N N 181 
ILE HXT    H N N 182 
LEU N      N N N 183 
LEU CA     C N S 184 
LEU C      C N N 185 
LEU O      O N N 186 
LEU CB     C N N 187 
LEU CG     C N N 188 
LEU CD1    C N N 189 
LEU CD2    C N N 190 
LEU OXT    O N N 191 
LEU H      H N N 192 
LEU H2     H N N 193 
LEU HA     H N N 194 
LEU HB2    H N N 195 
LEU HB3    H N N 196 
LEU HG     H N N 197 
LEU HD11   H N N 198 
LEU HD12   H N N 199 
LEU HD13   H N N 200 
LEU HD21   H N N 201 
LEU HD22   H N N 202 
LEU HD23   H N N 203 
LEU HXT    H N N 204 
LYS N      N N N 205 
LYS CA     C N S 206 
LYS C      C N N 207 
LYS O      O N N 208 
LYS CB     C N N 209 
LYS CG     C N N 210 
LYS CD     C N N 211 
LYS CE     C N N 212 
LYS NZ     N N N 213 
LYS OXT    O N N 214 
LYS H      H N N 215 
LYS H2     H N N 216 
LYS HA     H N N 217 
LYS HB2    H N N 218 
LYS HB3    H N N 219 
LYS HG2    H N N 220 
LYS HG3    H N N 221 
LYS HD2    H N N 222 
LYS HD3    H N N 223 
LYS HE2    H N N 224 
LYS HE3    H N N 225 
LYS HZ1    H N N 226 
LYS HZ2    H N N 227 
LYS HZ3    H N N 228 
LYS HXT    H N N 229 
MET N      N N N 230 
MET CA     C N S 231 
MET C      C N N 232 
MET O      O N N 233 
MET CB     C N N 234 
MET CG     C N N 235 
MET SD     S N N 236 
MET CE     C N N 237 
MET OXT    O N N 238 
MET H      H N N 239 
MET H2     H N N 240 
MET HA     H N N 241 
MET HB2    H N N 242 
MET HB3    H N N 243 
MET HG2    H N N 244 
MET HG3    H N N 245 
MET HE1    H N N 246 
MET HE2    H N N 247 
MET HE3    H N N 248 
MET HXT    H N N 249 
OMP P      P N N 250 
OMP O1P    O N N 251 
OMP O2P    O N N 252 
OMP O3P    O N N 253 
OMP "O5'"  O N N 254 
OMP "C5'"  C N N 255 
OMP "C4'"  C N R 256 
OMP "O4'"  O N N 257 
OMP "C3'"  C N S 258 
OMP "O3'"  O N N 259 
OMP "C2'"  C N R 260 
OMP "O2'"  O N N 261 
OMP "C1'"  C N R 262 
OMP N1     N N N 263 
OMP C2     C N N 264 
OMP O2     O N N 265 
OMP N3     N N N 266 
OMP C4     C N N 267 
OMP O4     O N N 268 
OMP C5     C N N 269 
OMP C6     C N N 270 
OMP C7     C N N 271 
OMP O71    O N N 272 
OMP O72    O N N 273 
OMP HOP2   H N N 274 
OMP HOP3   H N N 275 
OMP "H1'"  H N N 276 
OMP "H2'"  H N N 277 
OMP "H3'"  H N N 278 
OMP "H4'"  H N N 279 
OMP "HO2'" H N N 280 
OMP "HO3'" H N N 281 
OMP "H5'1" H N N 282 
OMP "H5'2" H N N 283 
OMP HN3    H N N 284 
OMP H5     H N N 285 
OMP HO7    H N N 286 
PHE N      N N N 287 
PHE CA     C N S 288 
PHE C      C N N 289 
PHE O      O N N 290 
PHE CB     C N N 291 
PHE CG     C Y N 292 
PHE CD1    C Y N 293 
PHE CD2    C Y N 294 
PHE CE1    C Y N 295 
PHE CE2    C Y N 296 
PHE CZ     C Y N 297 
PHE OXT    O N N 298 
PHE H      H N N 299 
PHE H2     H N N 300 
PHE HA     H N N 301 
PHE HB2    H N N 302 
PHE HB3    H N N 303 
PHE HD1    H N N 304 
PHE HD2    H N N 305 
PHE HE1    H N N 306 
PHE HE2    H N N 307 
PHE HZ     H N N 308 
PHE HXT    H N N 309 
PRO N      N N N 310 
PRO CA     C N S 311 
PRO C      C N N 312 
PRO O      O N N 313 
PRO CB     C N N 314 
PRO CG     C N N 315 
PRO CD     C N N 316 
PRO OXT    O N N 317 
PRO H      H N N 318 
PRO HA     H N N 319 
PRO HB2    H N N 320 
PRO HB3    H N N 321 
PRO HG2    H N N 322 
PRO HG3    H N N 323 
PRO HD2    H N N 324 
PRO HD3    H N N 325 
PRO HXT    H N N 326 
SER N      N N N 327 
SER CA     C N S 328 
SER C      C N N 329 
SER O      O N N 330 
SER CB     C N N 331 
SER OG     O N N 332 
SER OXT    O N N 333 
SER H      H N N 334 
SER H2     H N N 335 
SER HA     H N N 336 
SER HB2    H N N 337 
SER HB3    H N N 338 
SER HG     H N N 339 
SER HXT    H N N 340 
THR N      N N N 341 
THR CA     C N S 342 
THR C      C N N 343 
THR O      O N N 344 
THR CB     C N R 345 
THR OG1    O N N 346 
THR CG2    C N N 347 
THR OXT    O N N 348 
THR H      H N N 349 
THR H2     H N N 350 
THR HA     H N N 351 
THR HB     H N N 352 
THR HG1    H N N 353 
THR HG21   H N N 354 
THR HG22   H N N 355 
THR HG23   H N N 356 
THR HXT    H N N 357 
TYR N      N N N 358 
TYR CA     C N S 359 
TYR C      C N N 360 
TYR O      O N N 361 
TYR CB     C N N 362 
TYR CG     C Y N 363 
TYR CD1    C Y N 364 
TYR CD2    C Y N 365 
TYR CE1    C Y N 366 
TYR CE2    C Y N 367 
TYR CZ     C Y N 368 
TYR OH     O N N 369 
TYR OXT    O N N 370 
TYR H      H N N 371 
TYR H2     H N N 372 
TYR HA     H N N 373 
TYR HB2    H N N 374 
TYR HB3    H N N 375 
TYR HD1    H N N 376 
TYR HD2    H N N 377 
TYR HE1    H N N 378 
TYR HE2    H N N 379 
TYR HH     H N N 380 
TYR HXT    H N N 381 
VAL N      N N N 382 
VAL CA     C N S 383 
VAL C      C N N 384 
VAL O      O N N 385 
VAL CB     C N N 386 
VAL CG1    C N N 387 
VAL CG2    C N N 388 
VAL OXT    O N N 389 
VAL H      H N N 390 
VAL H2     H N N 391 
VAL HA     H N N 392 
VAL HB     H N N 393 
VAL HG11   H N N 394 
VAL HG12   H N N 395 
VAL HG13   H N N 396 
VAL HG21   H N N 397 
VAL HG22   H N N 398 
VAL HG23   H N N 399 
VAL HXT    H N N 400 
# 
loop_
_chem_comp_bond.comp_id 
_chem_comp_bond.atom_id_1 
_chem_comp_bond.atom_id_2 
_chem_comp_bond.value_order 
_chem_comp_bond.pdbx_aromatic_flag 
_chem_comp_bond.pdbx_stereo_config 
_chem_comp_bond.pdbx_ordinal 
ALA N     CA     sing N N 1   
ALA N     H      sing N N 2   
ALA N     H2     sing N N 3   
ALA CA    C      sing N N 4   
ALA CA    CB     sing N N 5   
ALA CA    HA     sing N N 6   
ALA C     O      doub N N 7   
ALA C     OXT    sing N N 8   
ALA CB    HB1    sing N N 9   
ALA CB    HB2    sing N N 10  
ALA CB    HB3    sing N N 11  
ALA OXT   HXT    sing N N 12  
ARG N     CA     sing N N 13  
ARG N     H      sing N N 14  
ARG N     H2     sing N N 15  
ARG CA    C      sing N N 16  
ARG CA    CB     sing N N 17  
ARG CA    HA     sing N N 18  
ARG C     O      doub N N 19  
ARG C     OXT    sing N N 20  
ARG CB    CG     sing N N 21  
ARG CB    HB2    sing N N 22  
ARG CB    HB3    sing N N 23  
ARG CG    CD     sing N N 24  
ARG CG    HG2    sing N N 25  
ARG CG    HG3    sing N N 26  
ARG CD    NE     sing N N 27  
ARG CD    HD2    sing N N 28  
ARG CD    HD3    sing N N 29  
ARG NE    CZ     sing N N 30  
ARG NE    HE     sing N N 31  
ARG CZ    NH1    sing N N 32  
ARG CZ    NH2    doub N N 33  
ARG NH1   HH11   sing N N 34  
ARG NH1   HH12   sing N N 35  
ARG NH2   HH21   sing N N 36  
ARG NH2   HH22   sing N N 37  
ARG OXT   HXT    sing N N 38  
ASN N     CA     sing N N 39  
ASN N     H      sing N N 40  
ASN N     H2     sing N N 41  
ASN CA    C      sing N N 42  
ASN CA    CB     sing N N 43  
ASN CA    HA     sing N N 44  
ASN C     O      doub N N 45  
ASN C     OXT    sing N N 46  
ASN CB    CG     sing N N 47  
ASN CB    HB2    sing N N 48  
ASN CB    HB3    sing N N 49  
ASN CG    OD1    doub N N 50  
ASN CG    ND2    sing N N 51  
ASN ND2   HD21   sing N N 52  
ASN ND2   HD22   sing N N 53  
ASN OXT   HXT    sing N N 54  
ASP N     CA     sing N N 55  
ASP N     H      sing N N 56  
ASP N     H2     sing N N 57  
ASP CA    C      sing N N 58  
ASP CA    CB     sing N N 59  
ASP CA    HA     sing N N 60  
ASP C     O      doub N N 61  
ASP C     OXT    sing N N 62  
ASP CB    CG     sing N N 63  
ASP CB    HB2    sing N N 64  
ASP CB    HB3    sing N N 65  
ASP CG    OD1    doub N N 66  
ASP CG    OD2    sing N N 67  
ASP OD2   HD2    sing N N 68  
ASP OXT   HXT    sing N N 69  
CYS N     CA     sing N N 70  
CYS N     H      sing N N 71  
CYS N     H2     sing N N 72  
CYS CA    C      sing N N 73  
CYS CA    CB     sing N N 74  
CYS CA    HA     sing N N 75  
CYS C     O      doub N N 76  
CYS C     OXT    sing N N 77  
CYS CB    SG     sing N N 78  
CYS CB    HB2    sing N N 79  
CYS CB    HB3    sing N N 80  
CYS SG    HG     sing N N 81  
CYS OXT   HXT    sing N N 82  
GLN N     CA     sing N N 83  
GLN N     H      sing N N 84  
GLN N     H2     sing N N 85  
GLN CA    C      sing N N 86  
GLN CA    CB     sing N N 87  
GLN CA    HA     sing N N 88  
GLN C     O      doub N N 89  
GLN C     OXT    sing N N 90  
GLN CB    CG     sing N N 91  
GLN CB    HB2    sing N N 92  
GLN CB    HB3    sing N N 93  
GLN CG    CD     sing N N 94  
GLN CG    HG2    sing N N 95  
GLN CG    HG3    sing N N 96  
GLN CD    OE1    doub N N 97  
GLN CD    NE2    sing N N 98  
GLN NE2   HE21   sing N N 99  
GLN NE2   HE22   sing N N 100 
GLN OXT   HXT    sing N N 101 
GLU N     CA     sing N N 102 
GLU N     H      sing N N 103 
GLU N     H2     sing N N 104 
GLU CA    C      sing N N 105 
GLU CA    CB     sing N N 106 
GLU CA    HA     sing N N 107 
GLU C     O      doub N N 108 
GLU C     OXT    sing N N 109 
GLU CB    CG     sing N N 110 
GLU CB    HB2    sing N N 111 
GLU CB    HB3    sing N N 112 
GLU CG    CD     sing N N 113 
GLU CG    HG2    sing N N 114 
GLU CG    HG3    sing N N 115 
GLU CD    OE1    doub N N 116 
GLU CD    OE2    sing N N 117 
GLU OE2   HE2    sing N N 118 
GLU OXT   HXT    sing N N 119 
GLY N     CA     sing N N 120 
GLY N     H      sing N N 121 
GLY N     H2     sing N N 122 
GLY CA    C      sing N N 123 
GLY CA    HA2    sing N N 124 
GLY CA    HA3    sing N N 125 
GLY C     O      doub N N 126 
GLY C     OXT    sing N N 127 
GLY OXT   HXT    sing N N 128 
HIS N     CA     sing N N 129 
HIS N     H      sing N N 130 
HIS N     H2     sing N N 131 
HIS CA    C      sing N N 132 
HIS CA    CB     sing N N 133 
HIS CA    HA     sing N N 134 
HIS C     O      doub N N 135 
HIS C     OXT    sing N N 136 
HIS CB    CG     sing N N 137 
HIS CB    HB2    sing N N 138 
HIS CB    HB3    sing N N 139 
HIS CG    ND1    sing Y N 140 
HIS CG    CD2    doub Y N 141 
HIS ND1   CE1    doub Y N 142 
HIS ND1   HD1    sing N N 143 
HIS CD2   NE2    sing Y N 144 
HIS CD2   HD2    sing N N 145 
HIS CE1   NE2    sing Y N 146 
HIS CE1   HE1    sing N N 147 
HIS NE2   HE2    sing N N 148 
HIS OXT   HXT    sing N N 149 
HOH O     H1     sing N N 150 
HOH O     H2     sing N N 151 
ILE N     CA     sing N N 152 
ILE N     H      sing N N 153 
ILE N     H2     sing N N 154 
ILE CA    C      sing N N 155 
ILE CA    CB     sing N N 156 
ILE CA    HA     sing N N 157 
ILE C     O      doub N N 158 
ILE C     OXT    sing N N 159 
ILE CB    CG1    sing N N 160 
ILE CB    CG2    sing N N 161 
ILE CB    HB     sing N N 162 
ILE CG1   CD1    sing N N 163 
ILE CG1   HG12   sing N N 164 
ILE CG1   HG13   sing N N 165 
ILE CG2   HG21   sing N N 166 
ILE CG2   HG22   sing N N 167 
ILE CG2   HG23   sing N N 168 
ILE CD1   HD11   sing N N 169 
ILE CD1   HD12   sing N N 170 
ILE CD1   HD13   sing N N 171 
ILE OXT   HXT    sing N N 172 
LEU N     CA     sing N N 173 
LEU N     H      sing N N 174 
LEU N     H2     sing N N 175 
LEU CA    C      sing N N 176 
LEU CA    CB     sing N N 177 
LEU CA    HA     sing N N 178 
LEU C     O      doub N N 179 
LEU C     OXT    sing N N 180 
LEU CB    CG     sing N N 181 
LEU CB    HB2    sing N N 182 
LEU CB    HB3    sing N N 183 
LEU CG    CD1    sing N N 184 
LEU CG    CD2    sing N N 185 
LEU CG    HG     sing N N 186 
LEU CD1   HD11   sing N N 187 
LEU CD1   HD12   sing N N 188 
LEU CD1   HD13   sing N N 189 
LEU CD2   HD21   sing N N 190 
LEU CD2   HD22   sing N N 191 
LEU CD2   HD23   sing N N 192 
LEU OXT   HXT    sing N N 193 
LYS N     CA     sing N N 194 
LYS N     H      sing N N 195 
LYS N     H2     sing N N 196 
LYS CA    C      sing N N 197 
LYS CA    CB     sing N N 198 
LYS CA    HA     sing N N 199 
LYS C     O      doub N N 200 
LYS C     OXT    sing N N 201 
LYS CB    CG     sing N N 202 
LYS CB    HB2    sing N N 203 
LYS CB    HB3    sing N N 204 
LYS CG    CD     sing N N 205 
LYS CG    HG2    sing N N 206 
LYS CG    HG3    sing N N 207 
LYS CD    CE     sing N N 208 
LYS CD    HD2    sing N N 209 
LYS CD    HD3    sing N N 210 
LYS CE    NZ     sing N N 211 
LYS CE    HE2    sing N N 212 
LYS CE    HE3    sing N N 213 
LYS NZ    HZ1    sing N N 214 
LYS NZ    HZ2    sing N N 215 
LYS NZ    HZ3    sing N N 216 
LYS OXT   HXT    sing N N 217 
MET N     CA     sing N N 218 
MET N     H      sing N N 219 
MET N     H2     sing N N 220 
MET CA    C      sing N N 221 
MET CA    CB     sing N N 222 
MET CA    HA     sing N N 223 
MET C     O      doub N N 224 
MET C     OXT    sing N N 225 
MET CB    CG     sing N N 226 
MET CB    HB2    sing N N 227 
MET CB    HB3    sing N N 228 
MET CG    SD     sing N N 229 
MET CG    HG2    sing N N 230 
MET CG    HG3    sing N N 231 
MET SD    CE     sing N N 232 
MET CE    HE1    sing N N 233 
MET CE    HE2    sing N N 234 
MET CE    HE3    sing N N 235 
MET OXT   HXT    sing N N 236 
OMP P     O1P    doub N N 237 
OMP P     O2P    sing N N 238 
OMP P     O3P    sing N N 239 
OMP P     "O5'"  sing N N 240 
OMP O2P   HOP2   sing N N 241 
OMP O3P   HOP3   sing N N 242 
OMP "O5'" "C5'"  sing N N 243 
OMP "C5'" "C4'"  sing N N 244 
OMP "C5'" "H5'1" sing N N 245 
OMP "C5'" "H5'2" sing N N 246 
OMP "C4'" "O4'"  sing N N 247 
OMP "C4'" "C3'"  sing N N 248 
OMP "C4'" "H4'"  sing N N 249 
OMP "O4'" "C1'"  sing N N 250 
OMP "C3'" "C2'"  sing N N 251 
OMP "C3'" "O3'"  sing N N 252 
OMP "C3'" "H3'"  sing N N 253 
OMP "O3'" "HO3'" sing N N 254 
OMP "C2'" "C1'"  sing N N 255 
OMP "C2'" "O2'"  sing N N 256 
OMP "C2'" "H2'"  sing N N 257 
OMP "O2'" "HO2'" sing N N 258 
OMP "C1'" N1     sing N N 259 
OMP "C1'" "H1'"  sing N N 260 
OMP N1    C2     sing N N 261 
OMP N1    C6     sing N N 262 
OMP C2    N3     sing N N 263 
OMP C2    O2     doub N N 264 
OMP N3    C4     sing N N 265 
OMP N3    HN3    sing N N 266 
OMP C4    C5     sing N N 267 
OMP C4    O4     doub N N 268 
OMP C5    C6     doub N N 269 
OMP C5    H5     sing N N 270 
OMP C6    C7     sing N N 271 
OMP C7    O71    doub N N 272 
OMP C7    O72    sing N N 273 
OMP O72   HO7    sing N N 274 
PHE N     CA     sing N N 275 
PHE N     H      sing N N 276 
PHE N     H2     sing N N 277 
PHE CA    C      sing N N 278 
PHE CA    CB     sing N N 279 
PHE CA    HA     sing N N 280 
PHE C     O      doub N N 281 
PHE C     OXT    sing N N 282 
PHE CB    CG     sing N N 283 
PHE CB    HB2    sing N N 284 
PHE CB    HB3    sing N N 285 
PHE CG    CD1    doub Y N 286 
PHE CG    CD2    sing Y N 287 
PHE CD1   CE1    sing Y N 288 
PHE CD1   HD1    sing N N 289 
PHE CD2   CE2    doub Y N 290 
PHE CD2   HD2    sing N N 291 
PHE CE1   CZ     doub Y N 292 
PHE CE1   HE1    sing N N 293 
PHE CE2   CZ     sing Y N 294 
PHE CE2   HE2    sing N N 295 
PHE CZ    HZ     sing N N 296 
PHE OXT   HXT    sing N N 297 
PRO N     CA     sing N N 298 
PRO N     CD     sing N N 299 
PRO N     H      sing N N 300 
PRO CA    C      sing N N 301 
PRO CA    CB     sing N N 302 
PRO CA    HA     sing N N 303 
PRO C     O      doub N N 304 
PRO C     OXT    sing N N 305 
PRO CB    CG     sing N N 306 
PRO CB    HB2    sing N N 307 
PRO CB    HB3    sing N N 308 
PRO CG    CD     sing N N 309 
PRO CG    HG2    sing N N 310 
PRO CG    HG3    sing N N 311 
PRO CD    HD2    sing N N 312 
PRO CD    HD3    sing N N 313 
PRO OXT   HXT    sing N N 314 
SER N     CA     sing N N 315 
SER N     H      sing N N 316 
SER N     H2     sing N N 317 
SER CA    C      sing N N 318 
SER CA    CB     sing N N 319 
SER CA    HA     sing N N 320 
SER C     O      doub N N 321 
SER C     OXT    sing N N 322 
SER CB    OG     sing N N 323 
SER CB    HB2    sing N N 324 
SER CB    HB3    sing N N 325 
SER OG    HG     sing N N 326 
SER OXT   HXT    sing N N 327 
THR N     CA     sing N N 328 
THR N     H      sing N N 329 
THR N     H2     sing N N 330 
THR CA    C      sing N N 331 
THR CA    CB     sing N N 332 
THR CA    HA     sing N N 333 
THR C     O      doub N N 334 
THR C     OXT    sing N N 335 
THR CB    OG1    sing N N 336 
THR CB    CG2    sing N N 337 
THR CB    HB     sing N N 338 
THR OG1   HG1    sing N N 339 
THR CG2   HG21   sing N N 340 
THR CG2   HG22   sing N N 341 
THR CG2   HG23   sing N N 342 
THR OXT   HXT    sing N N 343 
TYR N     CA     sing N N 344 
TYR N     H      sing N N 345 
TYR N     H2     sing N N 346 
TYR CA    C      sing N N 347 
TYR CA    CB     sing N N 348 
TYR CA    HA     sing N N 349 
TYR C     O      doub N N 350 
TYR C     OXT    sing N N 351 
TYR CB    CG     sing N N 352 
TYR CB    HB2    sing N N 353 
TYR CB    HB3    sing N N 354 
TYR CG    CD1    doub Y N 355 
TYR CG    CD2    sing Y N 356 
TYR CD1   CE1    sing Y N 357 
TYR CD1   HD1    sing N N 358 
TYR CD2   CE2    doub Y N 359 
TYR CD2   HD2    sing N N 360 
TYR CE1   CZ     doub Y N 361 
TYR CE1   HE1    sing N N 362 
TYR CE2   CZ     sing Y N 363 
TYR CE2   HE2    sing N N 364 
TYR CZ    OH     sing N N 365 
TYR OH    HH     sing N N 366 
TYR OXT   HXT    sing N N 367 
VAL N     CA     sing N N 368 
VAL N     H      sing N N 369 
VAL N     H2     sing N N 370 
VAL CA    C      sing N N 371 
VAL CA    CB     sing N N 372 
VAL CA    HA     sing N N 373 
VAL C     O      doub N N 374 
VAL C     OXT    sing N N 375 
VAL CB    CG1    sing N N 376 
VAL CB    CG2    sing N N 377 
VAL CB    HB     sing N N 378 
VAL CG1   HG11   sing N N 379 
VAL CG1   HG12   sing N N 380 
VAL CG1   HG13   sing N N 381 
VAL CG2   HG21   sing N N 382 
VAL CG2   HG22   sing N N 383 
VAL CG2   HG23   sing N N 384 
VAL OXT   HXT    sing N N 385 
# 
_atom_sites.entry_id                    1STO 
_atom_sites.fract_transf_matrix[1][1]   -0.00736355 
_atom_sites.fract_transf_matrix[1][2]   0.01873977 
_atom_sites.fract_transf_matrix[1][3]   -0.00659134 
_atom_sites.fract_transf_matrix[2][1]   -0.01204787 
_atom_sites.fract_transf_matrix[2][2]   -0.00980208 
_atom_sites.fract_transf_matrix[2][3]   -0.01440884 
_atom_sites.fract_transf_matrix[3][1]   -0.00344061 
_atom_sites.fract_transf_matrix[3][2]   -0.00027441 
_atom_sites.fract_transf_matrix[3][3]   0.00306352 
_atom_sites.fract_transf_vector[1]      0.596438 
_atom_sites.fract_transf_vector[2]      0.675694 
_atom_sites.fract_transf_vector[3]      0.072345 
# 
loop_
_atom_type.symbol 
C 
N 
O 
P 
S 
# 
loop_
_atom_site.group_PDB 
_atom_site.id 
_atom_site.type_symbol 
_atom_site.label_atom_id 
_atom_site.label_alt_id 
_atom_site.label_comp_id 
_atom_site.label_asym_id 
_atom_site.label_entity_id 
_atom_site.label_seq_id 
_atom_site.pdbx_PDB_ins_code 
_atom_site.Cartn_x 
_atom_site.Cartn_y 
_atom_site.Cartn_z 
_atom_site.occupancy 
_atom_site.B_iso_or_equiv 
_atom_site.pdbx_formal_charge 
_atom_site.auth_seq_id 
_atom_site.auth_comp_id 
_atom_site.auth_asym_id 
_atom_site.auth_atom_id 
_atom_site.pdbx_PDB_model_num 
ATOM   1    N N     . MET A 1 1   ? -17.173 0.791   -3.952  1.00 43.93 ? 1   MET A N     1 
ATOM   2    C CA    . MET A 1 1   ? -16.128 0.434   -4.886  1.00 40.67 ? 1   MET A CA    1 
ATOM   3    C C     . MET A 1 1   ? -16.087 1.429   -5.978  1.00 38.08 ? 1   MET A C     1 
ATOM   4    O O     . MET A 1 1   ? -17.049 1.661   -6.662  1.00 39.20 ? 1   MET A O     1 
ATOM   5    C CB    . MET A 1 1   ? -16.288 -0.980  -5.496  1.00 41.86 ? 1   MET A CB    1 
ATOM   6    C CG    . MET A 1 1   ? -15.033 -1.865  -5.335  1.00 43.19 ? 1   MET A CG    1 
ATOM   7    S SD    . MET A 1 1   ? -14.861 -3.297  -6.475  1.00 42.34 ? 1   MET A SD    1 
ATOM   8    C CE    . MET A 1 1   ? -16.548 -3.960  -6.639  1.00 40.64 ? 1   MET A CE    1 
ATOM   9    N N     . LYS A 1 2   ? -14.950 2.013   -6.126  1.00 36.34 ? 2   LYS A N     1 
ATOM   10   C CA    . LYS A 1 2   ? -14.709 2.924   -7.187  1.00 35.88 ? 2   LYS A CA    1 
ATOM   11   C C     . LYS A 1 2   ? -13.972 2.169   -8.323  1.00 36.04 ? 2   LYS A C     1 
ATOM   12   O O     . LYS A 1 2   ? -13.100 1.378   -8.006  1.00 37.67 ? 2   LYS A O     1 
ATOM   13   C CB    . LYS A 1 2   ? -13.859 4.028   -6.607  1.00 37.79 ? 2   LYS A CB    1 
ATOM   14   C CG    . LYS A 1 2   ? -14.623 5.324   -6.396  1.00 40.62 ? 2   LYS A CG    1 
ATOM   15   C CD    . LYS A 1 2   ? -15.047 5.523   -4.967  1.00 43.97 ? 2   LYS A CD    1 
ATOM   16   C CE    . LYS A 1 2   ? -13.893 6.013   -4.117  1.00 47.48 ? 2   LYS A CE    1 
ATOM   17   N NZ    . LYS A 1 2   ? -13.585 7.452   -4.352  1.00 49.94 ? 2   LYS A NZ    1 
ATOM   18   N N     . PRO A 1 3   ? -14.262 2.470   -9.631  1.00 34.35 ? 3   PRO A N     1 
ATOM   19   C CA    . PRO A 1 3   ? -13.706 1.804   -10.832 1.00 32.52 ? 3   PRO A CA    1 
ATOM   20   C C     . PRO A 1 3   ? -12.236 1.361   -10.863 1.00 32.80 ? 3   PRO A C     1 
ATOM   21   O O     . PRO A 1 3   ? -11.918 0.261   -11.371 1.00 33.81 ? 3   PRO A O     1 
ATOM   22   C CB    . PRO A 1 3   ? -13.961 2.715   -12.017 1.00 30.26 ? 3   PRO A CB    1 
ATOM   23   C CG    . PRO A 1 3   ? -14.900 3.778   -11.528 1.00 30.33 ? 3   PRO A CG    1 
ATOM   24   C CD    . PRO A 1 3   ? -14.823 3.786   -10.028 1.00 32.58 ? 3   PRO A CD    1 
ATOM   25   N N     . TYR A 1 4   ? -11.326 2.263   -10.485 1.00 30.93 ? 4   TYR A N     1 
ATOM   26   C CA    . TYR A 1 4   ? -9.912  1.943   -10.495 1.00 27.38 ? 4   TYR A CA    1 
ATOM   27   C C     . TYR A 1 4   ? -9.593  0.761   -9.579  1.00 28.86 ? 4   TYR A C     1 
ATOM   28   O O     . TYR A 1 4   ? -8.812  -0.138  -9.954  1.00 31.27 ? 4   TYR A O     1 
ATOM   29   C CB    . TYR A 1 4   ? -9.039  3.188   -10.306 1.00 23.87 ? 4   TYR A CB    1 
ATOM   30   C CG    . TYR A 1 4   ? -9.109  3.731   -8.940  1.00 21.72 ? 4   TYR A CG    1 
ATOM   31   C CD1   . TYR A 1 4   ? -8.328  3.154   -7.949  1.00 24.68 ? 4   TYR A CD1   1 
ATOM   32   C CD2   . TYR A 1 4   ? -9.978  4.758   -8.585  1.00 19.99 ? 4   TYR A CD2   1 
ATOM   33   C CE1   . TYR A 1 4   ? -8.346  3.642   -6.638  1.00 26.16 ? 4   TYR A CE1   1 
ATOM   34   C CE2   . TYR A 1 4   ? -10.068 5.205   -7.265  1.00 20.01 ? 4   TYR A CE2   1 
ATOM   35   C CZ    . TYR A 1 4   ? -9.214  4.681   -6.291  1.00 23.45 ? 4   TYR A CZ    1 
ATOM   36   O OH    . TYR A 1 4   ? -9.202  5.178   -4.984  1.00 23.84 ? 4   TYR A OH    1 
ATOM   37   N N     . GLN A 1 5   ? -10.321 0.707   -8.431  1.00 27.00 ? 5   GLN A N     1 
ATOM   38   C CA    . GLN A 1 5   ? -10.350 -0.427  -7.505  1.00 24.65 ? 5   GLN A CA    1 
ATOM   39   C C     . GLN A 1 5   ? -10.837 -1.670  -8.171  1.00 27.42 ? 5   GLN A C     1 
ATOM   40   O O     . GLN A 1 5   ? -10.341 -2.713  -7.901  1.00 30.56 ? 5   GLN A O     1 
ATOM   41   C CB    . GLN A 1 5   ? -11.337 -0.139  -6.392  1.00 22.36 ? 5   GLN A CB    1 
ATOM   42   C CG    . GLN A 1 5   ? -11.195 1.306   -5.968  1.00 19.66 ? 5   GLN A CG    1 
ATOM   43   C CD    . GLN A 1 5   ? -11.876 1.528   -4.693  1.00 16.92 ? 5   GLN A CD    1 
ATOM   44   O OE1   . GLN A 1 5   ? -13.079 1.419   -4.649  1.00 18.91 ? 5   GLN A OE1   1 
ATOM   45   N NE2   . GLN A 1 5   ? -11.120 1.842   -3.675  1.00 13.80 ? 5   GLN A NE2   1 
ATOM   46   N N     . ARG A 1 6   ? -11.838 -1.572  -9.024  1.00 30.01 ? 6   ARG A N     1 
ATOM   47   C CA    . ARG A 1 6   ? -12.296 -2.728  -9.758  1.00 34.06 ? 6   ARG A CA    1 
ATOM   48   C C     . ARG A 1 6   ? -11.223 -3.316  -10.649 1.00 35.20 ? 6   ARG A C     1 
ATOM   49   O O     . ARG A 1 6   ? -10.954 -4.510  -10.522 1.00 35.99 ? 6   ARG A O     1 
ATOM   50   C CB    . ARG A 1 6   ? -13.616 -2.554  -10.503 1.00 37.79 ? 6   ARG A CB    1 
ATOM   51   C CG    . ARG A 1 6   ? -14.379 -3.876  -10.696 1.00 41.73 ? 6   ARG A CG    1 
ATOM   52   C CD    . ARG A 1 6   ? -15.830 -3.730  -10.305 1.00 45.42 ? 6   ARG A CD    1 
ATOM   53   N NE    . ARG A 1 6   ? -16.252 -2.381  -10.640 1.00 49.86 ? 6   ARG A NE    1 
ATOM   54   C CZ    . ARG A 1 6   ? -17.207 -1.660  -10.035 1.00 53.93 ? 6   ARG A CZ    1 
ATOM   55   N NH1   . ARG A 1 6   ? -17.979 -2.148  -9.010  1.00 55.32 ? 6   ARG A NH1   1 
ATOM   56   N NH2   . ARG A 1 6   ? -17.411 -0.420  -10.505 1.00 54.10 ? 6   ARG A NH2   1 
ATOM   57   N N     . GLN A 1 7   ? -10.575 -2.468  -11.517 1.00 34.46 ? 7   GLN A N     1 
ATOM   58   C CA    . GLN A 1 7   ? -9.508  -2.943  -12.410 1.00 32.19 ? 7   GLN A CA    1 
ATOM   59   C C     . GLN A 1 7   ? -8.204  -3.364  -11.693 1.00 27.21 ? 7   GLN A C     1 
ATOM   60   O O     . GLN A 1 7   ? -7.517  -4.325  -12.111 1.00 25.41 ? 7   GLN A O     1 
ATOM   61   C CB    . GLN A 1 7   ? -9.280  -2.017  -13.590 1.00 34.74 ? 7   GLN A CB    1 
ATOM   62   C CG    . GLN A 1 7   ? -10.590 -1.469  -14.168 1.00 37.21 ? 7   GLN A CG    1 
ATOM   63   C CD    . GLN A 1 7   ? -10.439 0.008   -14.414 1.00 39.27 ? 7   GLN A CD    1 
ATOM   64   O OE1   . GLN A 1 7   ? -9.400  0.412   -14.913 1.00 39.94 ? 7   GLN A OE1   1 
ATOM   65   N NE2   . GLN A 1 7   ? -11.382 0.827   -13.911 1.00 40.21 ? 7   GLN A NE2   1 
ATOM   66   N N     . PHE A 1 8   ? -7.944  -2.720  -10.553 1.00 22.71 ? 8   PHE A N     1 
ATOM   67   C CA    . PHE A 1 8   ? -6.840  -3.090  -9.720  1.00 21.10 ? 8   PHE A CA    1 
ATOM   68   C C     . PHE A 1 8   ? -6.914  -4.542  -9.301  1.00 21.06 ? 8   PHE A C     1 
ATOM   69   O O     . PHE A 1 8   ? -5.946  -5.289  -9.395  1.00 23.54 ? 8   PHE A O     1 
ATOM   70   C CB    . PHE A 1 8   ? -6.720  -2.172  -8.506  1.00 22.61 ? 8   PHE A CB    1 
ATOM   71   C CG    . PHE A 1 8   ? -5.431  -2.399  -7.762  1.00 24.79 ? 8   PHE A CG    1 
ATOM   72   C CD1   . PHE A 1 8   ? -4.237  -1.831  -8.200  1.00 27.64 ? 8   PHE A CD1   1 
ATOM   73   C CD2   . PHE A 1 8   ? -5.374  -3.245  -6.659  1.00 23.60 ? 8   PHE A CD2   1 
ATOM   74   C CE1   . PHE A 1 8   ? -3.027  -2.070  -7.539  1.00 27.28 ? 8   PHE A CE1   1 
ATOM   75   C CE2   . PHE A 1 8   ? -4.181  -3.468  -5.973  1.00 23.27 ? 8   PHE A CE2   1 
ATOM   76   C CZ    . PHE A 1 8   ? -2.994  -2.889  -6.414  1.00 24.43 ? 8   PHE A CZ    1 
ATOM   77   N N     . ILE A 1 9   ? -8.062  -4.939  -8.795  1.00 20.02 ? 9   ILE A N     1 
ATOM   78   C CA    . ILE A 1 9   ? -8.249  -6.311  -8.354  1.00 19.31 ? 9   ILE A CA    1 
ATOM   79   C C     . ILE A 1 9   ? -7.951  -7.226  -9.511  1.00 22.52 ? 9   ILE A C     1 
ATOM   80   O O     . ILE A 1 9   ? -7.098  -8.116  -9.473  1.00 23.49 ? 9   ILE A O     1 
ATOM   81   C CB    . ILE A 1 9   ? -9.653  -6.579  -7.736  1.00 16.20 ? 9   ILE A CB    1 
ATOM   82   C CG1   . ILE A 1 9   ? -10.211 -5.352  -7.006  1.00 13.33 ? 9   ILE A CG1   1 
ATOM   83   C CG2   . ILE A 1 9   ? -9.623  -7.782  -6.770  1.00 17.05 ? 9   ILE A CG2   1 
ATOM   84   C CD1   . ILE A 1 9   ? -10.163 -5.445  -5.466  1.00 11.77 ? 9   ILE A CD1   1 
ATOM   85   N N     . GLU A 1 10  ? -8.606  -6.899  -10.583 1.00 25.46 ? 10  GLU A N     1 
ATOM   86   C CA    . GLU A 1 10  ? -8.428  -7.558  -11.826 1.00 30.00 ? 10  GLU A CA    1 
ATOM   87   C C     . GLU A 1 10  ? -6.975  -7.597  -12.216 1.00 31.94 ? 10  GLU A C     1 
ATOM   88   O O     . GLU A 1 10  ? -6.447  -8.596  -12.667 1.00 33.35 ? 10  GLU A O     1 
ATOM   89   C CB    . GLU A 1 10  ? -9.067  -6.662  -12.827 1.00 33.61 ? 10  GLU A CB    1 
ATOM   90   C CG    . GLU A 1 10  ? -10.525 -6.437  -12.492 1.00 37.22 ? 10  GLU A CG    1 
ATOM   91   C CD    . GLU A 1 10  ? -11.376 -7.202  -13.439 1.00 41.53 ? 10  GLU A CD    1 
ATOM   92   O OE1   . GLU A 1 10  ? -10.708 -7.690  -14.500 1.00 44.53 ? 10  GLU A OE1   1 
ATOM   93   O OE2   . GLU A 1 10  ? -12.554 -7.320  -13.262 1.00 42.57 ? 10  GLU A OE2   1 
ATOM   94   N N     . PHE A 1 11  ? -6.379  -6.426  -12.190 1.00 30.87 ? 11  PHE A N     1 
ATOM   95   C CA    . PHE A 1 11  ? -5.033  -6.306  -12.584 1.00 27.51 ? 11  PHE A CA    1 
ATOM   96   C C     . PHE A 1 11  ? -4.246  -7.197  -11.710 1.00 27.23 ? 11  PHE A C     1 
ATOM   97   O O     . PHE A 1 11  ? -3.563  -8.108  -12.175 1.00 28.84 ? 11  PHE A O     1 
ATOM   98   C CB    . PHE A 1 11  ? -4.670  -4.874  -12.393 1.00 27.36 ? 11  PHE A CB    1 
ATOM   99   C CG    . PHE A 1 11  ? -3.210  -4.640  -12.265 1.00 28.40 ? 11  PHE A CG    1 
ATOM   100  C CD1   . PHE A 1 11  ? -2.311  -5.364  -13.041 1.00 29.86 ? 11  PHE A CD1   1 
ATOM   101  C CD2   . PHE A 1 11  ? -2.733  -3.651  -11.402 1.00 27.36 ? 11  PHE A CD2   1 
ATOM   102  C CE1   . PHE A 1 11  ? -0.946  -5.105  -12.904 1.00 31.52 ? 11  PHE A CE1   1 
ATOM   103  C CE2   . PHE A 1 11  ? -1.381  -3.385  -11.245 1.00 27.30 ? 11  PHE A CE2   1 
ATOM   104  C CZ    . PHE A 1 11  ? -0.492  -4.103  -12.038 1.00 30.05 ? 11  PHE A CZ    1 
ATOM   105  N N     . ALA A 1 12  ? -4.482  -7.004  -10.437 1.00 25.62 ? 12  ALA A N     1 
ATOM   106  C CA    . ALA A 1 12  ? -3.856  -7.798  -9.432  1.00 25.02 ? 12  ALA A CA    1 
ATOM   107  C C     . ALA A 1 12  ? -4.052  -9.328  -9.634  1.00 25.69 ? 12  ALA A C     1 
ATOM   108  O O     . ALA A 1 12  ? -3.146  -10.122 -9.387  1.00 24.66 ? 12  ALA A O     1 
ATOM   109  C CB    . ALA A 1 12  ? -4.331  -7.329  -8.055  1.00 23.87 ? 12  ALA A CB    1 
ATOM   110  N N     . LEU A 1 13  ? -5.283  -9.774  -9.969  1.00 26.58 ? 13  LEU A N     1 
ATOM   111  C CA    . LEU A 1 13  ? -5.599  -11.221 -10.127 1.00 26.48 ? 13  LEU A CA    1 
ATOM   112  C C     . LEU A 1 13  ? -4.782  -11.885 -11.230 1.00 28.71 ? 13  LEU A C     1 
ATOM   113  O O     . LEU A 1 13  ? -4.068  -12.859 -11.017 1.00 28.21 ? 13  LEU A O     1 
ATOM   114  C CB    . LEU A 1 13  ? -7.051  -11.379 -10.587 1.00 25.93 ? 13  LEU A CB    1 
ATOM   115  C CG    . LEU A 1 13  ? -8.034  -12.077 -9.684  1.00 25.52 ? 13  LEU A CG    1 
ATOM   116  C CD1   . LEU A 1 13  ? -7.316  -12.879 -8.607  1.00 26.49 ? 13  LEU A CD1   1 
ATOM   117  C CD2   . LEU A 1 13  ? -8.944  -11.012 -9.097  1.00 24.76 ? 13  LEU A CD2   1 
ATOM   118  N N     . ASN A 1 14  ? -5.068  -11.420 -12.476 1.00 31.86 ? 14  ASN A N     1 
ATOM   119  C CA    . ASN A 1 14  ? -4.431  -11.889 -13.697 1.00 32.12 ? 14  ASN A CA    1 
ATOM   120  C C     . ASN A 1 14  ? -2.984  -11.982 -13.470 1.00 26.34 ? 14  ASN A C     1 
ATOM   121  O O     . ASN A 1 14  ? -2.349  -12.797 -13.995 1.00 25.64 ? 14  ASN A O     1 
ATOM   122  C CB    . ASN A 1 14  ? -4.601  -10.964 -14.896 1.00 38.25 ? 14  ASN A CB    1 
ATOM   123  C CG    . ASN A 1 14  ? -5.973  -10.379 -15.150 1.00 43.77 ? 14  ASN A CG    1 
ATOM   124  O OD1   . ASN A 1 14  ? -6.085  -9.452  -15.992 1.00 47.15 ? 14  ASN A OD1   1 
ATOM   125  N ND2   . ASN A 1 14  ? -7.010  -10.881 -14.450 1.00 43.92 ? 14  ASN A ND2   1 
ATOM   126  N N     . LYS A 1 15  ? -2.472  -11.076 -12.747 1.00 25.12 ? 15  LYS A N     1 
ATOM   127  C CA    . LYS A 1 15  ? -1.098  -11.129 -12.404 1.00 28.04 ? 15  LYS A CA    1 
ATOM   128  C C     . LYS A 1 15  ? -0.778  -12.286 -11.445 1.00 28.93 ? 15  LYS A C     1 
ATOM   129  O O     . LYS A 1 15  ? 0.321   -12.814 -11.465 1.00 31.08 ? 15  LYS A O     1 
ATOM   130  C CB    . LYS A 1 15  ? -0.631  -9.802  -11.811 1.00 31.74 ? 15  LYS A CB    1 
ATOM   131  C CG    . LYS A 1 15  ? 0.071   -8.967  -12.832 1.00 34.42 ? 15  LYS A CG    1 
ATOM   132  C CD    . LYS A 1 15  ? 0.238   -9.751  -14.122 1.00 38.29 ? 15  LYS A CD    1 
ATOM   133  C CE    . LYS A 1 15  ? -0.489  -9.128  -15.318 1.00 43.02 ? 15  LYS A CE    1 
ATOM   134  N NZ    . LYS A 1 15  ? 0.368   -8.786  -16.502 1.00 45.11 ? 15  LYS A NZ    1 
ATOM   135  N N     . GLN A 1 16  ? -1.705  -12.663 -10.596 1.00 28.36 ? 16  GLN A N     1 
ATOM   136  C CA    . GLN A 1 16  ? -1.447  -13.655 -9.584  1.00 29.29 ? 16  GLN A CA    1 
ATOM   137  C C     . GLN A 1 16  ? -0.749  -13.038 -8.405  1.00 28.36 ? 16  GLN A C     1 
ATOM   138  O O     . GLN A 1 16  ? -0.279  -13.697 -7.483  1.00 29.83 ? 16  GLN A O     1 
ATOM   139  C CB    . GLN A 1 16  ? -0.763  -14.926 -10.048 1.00 33.41 ? 16  GLN A CB    1 
ATOM   140  C CG    . GLN A 1 16  ? -1.760  -16.014 -10.464 1.00 40.13 ? 16  GLN A CG    1 
ATOM   141  C CD    . GLN A 1 16  ? -1.177  -16.905 -11.566 1.00 45.80 ? 16  GLN A CD    1 
ATOM   142  O OE1   . GLN A 1 16  ? -1.352  -16.641 -12.795 1.00 47.32 ? 16  GLN A OE1   1 
ATOM   143  N NE2   . GLN A 1 16  ? -0.407  -17.914 -11.138 1.00 47.14 ? 16  GLN A NE2   1 
ATOM   144  N N     . VAL A 1 17  ? -0.685  -11.725 -8.399  1.00 27.17 ? 17  VAL A N     1 
ATOM   145  C CA    . VAL A 1 17  ? -0.150  -11.032 -7.230  1.00 25.76 ? 17  VAL A CA    1 
ATOM   146  C C     . VAL A 1 17  ? -1.141  -11.348 -6.060  1.00 23.02 ? 17  VAL A C     1 
ATOM   147  O O     . VAL A 1 17  ? -0.716  -11.720 -4.952  1.00 22.37 ? 17  VAL A O     1 
ATOM   148  C CB    . VAL A 1 17  ? -0.002  -9.534  -7.563  1.00 25.64 ? 17  VAL A CB    1 
ATOM   149  C CG1   . VAL A 1 17  ? -1.282  -8.804  -7.229  1.00 25.81 ? 17  VAL A CG1   1 
ATOM   150  C CG2   . VAL A 1 17  ? 1.133   -8.908  -6.798  1.00 26.71 ? 17  VAL A CG2   1 
ATOM   151  N N     . LEU A 1 18  ? -2.471  -11.359 -6.438  1.00 19.95 ? 18  LEU A N     1 
ATOM   152  C CA    . LEU A 1 18  ? -3.639  -11.787 -5.655  1.00 19.97 ? 18  LEU A CA    1 
ATOM   153  C C     . LEU A 1 18  ? -3.950  -13.262 -5.879  1.00 23.92 ? 18  LEU A C     1 
ATOM   154  O O     . LEU A 1 18  ? -4.376  -13.729 -6.946  1.00 23.61 ? 18  LEU A O     1 
ATOM   155  C CB    . LEU A 1 18  ? -4.893  -11.008 -6.032  1.00 18.53 ? 18  LEU A CB    1 
ATOM   156  C CG    . LEU A 1 18  ? -5.597  -10.297 -4.897  1.00 17.31 ? 18  LEU A CG    1 
ATOM   157  C CD1   . LEU A 1 18  ? -6.903  -9.764  -5.431  1.00 17.53 ? 18  LEU A CD1   1 
ATOM   158  C CD2   . LEU A 1 18  ? -5.909  -11.264 -3.773  1.00 18.03 ? 18  LEU A CD2   1 
ATOM   159  N N     . LYS A 1 19  ? -3.795  -14.023 -4.847  1.00 28.06 ? 19  LYS A N     1 
ATOM   160  C CA    . LYS A 1 19  ? -3.919  -15.449 -5.011  1.00 29.91 ? 19  LYS A CA    1 
ATOM   161  C C     . LYS A 1 19  ? -4.897  -16.037 -3.979  1.00 30.02 ? 19  LYS A C     1 
ATOM   162  O O     . LYS A 1 19  ? -4.956  -15.578 -2.842  1.00 30.01 ? 19  LYS A O     1 
ATOM   163  C CB    . LYS A 1 19  ? -2.512  -16.032 -4.906  1.00 29.92 ? 19  LYS A CB    1 
ATOM   164  C CG    . LYS A 1 19  ? -2.313  -17.246 -5.762  1.00 33.22 ? 19  LYS A CG    1 
ATOM   165  C CD    . LYS A 1 19  ? -1.069  -18.047 -5.336  1.00 38.42 ? 19  LYS A CD    1 
ATOM   166  C CE    . LYS A 1 19  ? 0.108   -18.046 -6.350  1.00 41.56 ? 19  LYS A CE    1 
ATOM   167  N NZ    . LYS A 1 19  ? 0.950   -19.285 -6.331  1.00 42.87 ? 19  LYS A NZ    1 
ATOM   168  N N     . PHE A 1 20  ? -5.678  -17.037 -4.381  1.00 29.75 ? 20  PHE A N     1 
ATOM   169  C CA    . PHE A 1 20  ? -6.642  -17.667 -3.472  1.00 27.92 ? 20  PHE A CA    1 
ATOM   170  C C     . PHE A 1 20  ? -6.243  -19.107 -3.190  1.00 30.45 ? 20  PHE A C     1 
ATOM   171  O O     . PHE A 1 20  ? -6.202  -19.940 -4.117  1.00 31.15 ? 20  PHE A O     1 
ATOM   172  C CB    . PHE A 1 20  ? -8.103  -17.609 -4.007  1.00 24.26 ? 20  PHE A CB    1 
ATOM   173  C CG    . PHE A 1 20  ? -8.704  -16.250 -3.816  1.00 21.90 ? 20  PHE A CG    1 
ATOM   174  C CD1   . PHE A 1 20  ? -8.897  -15.730 -2.530  1.00 21.18 ? 20  PHE A CD1   1 
ATOM   175  C CD2   . PHE A 1 20  ? -8.922  -15.405 -4.904  1.00 20.76 ? 20  PHE A CD2   1 
ATOM   176  C CE1   . PHE A 1 20  ? -9.390  -14.439 -2.326  1.00 20.44 ? 20  PHE A CE1   1 
ATOM   177  C CE2   . PHE A 1 20  ? -9.410  -14.105 -4.728  1.00 20.10 ? 20  PHE A CE2   1 
ATOM   178  C CZ    . PHE A 1 20  ? -9.603  -13.613 -3.433  1.00 20.37 ? 20  PHE A CZ    1 
ATOM   179  N N     . GLY A 1 21  ? -5.967  -19.407 -1.909  1.00 31.53 ? 21  GLY A N     1 
ATOM   180  C CA    . GLY A 1 21  ? -5.629  -20.775 -1.534  1.00 31.56 ? 21  GLY A CA    1 
ATOM   181  C C     . GLY A 1 21  ? -5.680  -21.103 -0.045  1.00 30.73 ? 21  GLY A C     1 
ATOM   182  O O     . GLY A 1 21  ? -6.709  -21.473 0.539   1.00 32.82 ? 21  GLY A O     1 
ATOM   183  N N     . GLU A 1 22  ? -4.504  -21.054 0.520   1.00 28.06 ? 22  GLU A N     1 
ATOM   184  C CA    . GLU A 1 22  ? -4.293  -21.396 1.860   1.00 27.55 ? 22  GLU A CA    1 
ATOM   185  C C     . GLU A 1 22  ? -2.871  -21.055 2.229   1.00 25.41 ? 22  GLU A C     1 
ATOM   186  O O     . GLU A 1 22  ? -1.998  -21.889 2.127   1.00 23.79 ? 22  GLU A O     1 
ATOM   187  C CB    . GLU A 1 22  ? -4.563  -22.882 2.060   1.00 30.97 ? 22  GLU A CB    1 
ATOM   188  C CG    . GLU A 1 22  ? -4.005  -23.419 3.388   1.00 35.28 ? 22  GLU A CG    1 
ATOM   189  C CD    . GLU A 1 22  ? -4.666  -24.713 3.804   1.00 39.78 ? 22  GLU A CD    1 
ATOM   190  O OE1   . GLU A 1 22  ? -4.867  -25.582 2.771   1.00 38.71 ? 22  GLU A OE1   1 
ATOM   191  O OE2   . GLU A 1 22  ? -5.031  -24.903 4.980   1.00 42.18 ? 22  GLU A OE2   1 
ATOM   192  N N     . PHE A 1 23  ? -2.654  -19.787 2.608   1.00 24.05 ? 23  PHE A N     1 
ATOM   193  C CA    . PHE A 1 23  ? -1.382  -19.320 3.005   1.00 21.59 ? 23  PHE A CA    1 
ATOM   194  C C     . PHE A 1 23  ? -1.291  -19.275 4.476   1.00 23.03 ? 23  PHE A C     1 
ATOM   195  O O     . PHE A 1 23  ? -2.229  -19.650 5.161   1.00 25.78 ? 23  PHE A O     1 
ATOM   196  C CB    . PHE A 1 23  ? -1.029  -18.019 2.342   1.00 20.52 ? 23  PHE A CB    1 
ATOM   197  C CG    . PHE A 1 23  ? -1.482  -18.078 0.907   1.00 21.20 ? 23  PHE A CG    1 
ATOM   198  C CD1   . PHE A 1 23  ? -0.659  -18.599 -0.086  1.00 23.04 ? 23  PHE A CD1   1 
ATOM   199  C CD2   . PHE A 1 23  ? -2.762  -17.693 0.536   1.00 22.04 ? 23  PHE A CD2   1 
ATOM   200  C CE1   . PHE A 1 23  ? -1.074  -18.740 -1.410  1.00 23.30 ? 23  PHE A CE1   1 
ATOM   201  C CE2   . PHE A 1 23  ? -3.177  -17.755 -0.794  1.00 23.76 ? 23  PHE A CE2   1 
ATOM   202  C CZ    . PHE A 1 23  ? -2.358  -18.333 -1.759  1.00 23.82 ? 23  PHE A CZ    1 
ATOM   203  N N     . THR A 1 24  ? -0.110  -19.010 4.935   1.00 21.70 ? 24  THR A N     1 
ATOM   204  C CA    . THR A 1 24  ? 0.182   -18.982 6.310   1.00 23.94 ? 24  THR A CA    1 
ATOM   205  C C     . THR A 1 24  ? 0.874   -17.719 6.434   1.00 27.91 ? 24  THR A C     1 
ATOM   206  O O     . THR A 1 24  ? 2.001   -17.662 5.989   1.00 32.06 ? 24  THR A O     1 
ATOM   207  C CB    . THR A 1 24  ? 1.156   -20.109 6.743   1.00 24.43 ? 24  THR A CB    1 
ATOM   208  O OG1   . THR A 1 24  ? 0.554   -21.387 6.598   1.00 24.61 ? 24  THR A OG1   1 
ATOM   209  C CG2   . THR A 1 24  ? 1.610   -19.896 8.206   1.00 24.72 ? 24  THR A CG2   1 
ATOM   210  N N     . LEU A 1 25  ? 0.347   -16.619 6.926   1.00 27.65 ? 25  LEU A N     1 
ATOM   211  C CA    . LEU A 1 25  ? 0.958   -15.372 7.127   1.00 29.17 ? 25  LEU A CA    1 
ATOM   212  C C     . LEU A 1 25  ? 2.189   -15.426 8.044   1.00 32.75 ? 25  LEU A C     1 
ATOM   213  O O     . LEU A 1 25  ? 2.577   -16.475 8.608   1.00 30.22 ? 25  LEU A O     1 
ATOM   214  C CB    . LEU A 1 25  ? -0.110  -14.327 7.439   1.00 29.06 ? 25  LEU A CB    1 
ATOM   215  C CG    . LEU A 1 25  ? -1.425  -14.731 6.766   1.00 29.03 ? 25  LEU A CG    1 
ATOM   216  C CD1   . LEU A 1 25  ? -2.540  -13.977 7.382   1.00 27.11 ? 25  LEU A CD1   1 
ATOM   217  C CD2   . LEU A 1 25  ? -1.397  -14.374 5.276   1.00 31.27 ? 25  LEU A CD2   1 
ATOM   218  N N     . LYS A 1 26  ? 2.879   -14.293 8.036   1.00 39.56 ? 26  LYS A N     1 
ATOM   219  C CA    . LYS A 1 26  ? 4.081   -14.044 8.806   1.00 47.52 ? 26  LYS A CA    1 
ATOM   220  C C     . LYS A 1 26  ? 3.781   -14.028 10.298  1.00 48.22 ? 26  LYS A C     1 
ATOM   221  O O     . LYS A 1 26  ? 4.687   -13.976 11.162  1.00 52.35 ? 26  LYS A O     1 
ATOM   222  C CB    . LYS A 1 26  ? 4.593   -12.666 8.445   1.00 55.89 ? 26  LYS A CB    1 
ATOM   223  C CG    . LYS A 1 26  ? 6.116   -12.501 8.603   1.00 61.04 ? 26  LYS A CG    1 
ATOM   224  C CD    . LYS A 1 26  ? 6.719   -11.268 7.849   1.00 64.28 ? 26  LYS A CD    1 
ATOM   225  C CE    . LYS A 1 26  ? 7.823   -11.588 6.802   1.00 67.69 ? 26  LYS A CE    1 
ATOM   226  N NZ    . LYS A 1 26  ? 8.503   -10.379 6.241   1.00 69.78 ? 26  LYS A NZ    1 
ATOM   227  N N     . SER A 1 27  ? 2.481   -13.983 10.569  1.00 42.65 ? 27  SER A N     1 
ATOM   228  C CA    . SER A 1 27  ? 1.978   -13.954 11.908  1.00 37.50 ? 27  SER A CA    1 
ATOM   229  C C     . SER A 1 27  ? 1.796   -15.347 12.433  1.00 33.61 ? 27  SER A C     1 
ATOM   230  O O     . SER A 1 27  ? 1.782   -15.580 13.635  1.00 34.74 ? 27  SER A O     1 
ATOM   231  C CB    . SER A 1 27  ? 0.638   -13.270 11.894  1.00 35.93 ? 27  SER A CB    1 
ATOM   232  O OG    . SER A 1 27  ? -0.289  -14.188 11.367  1.00 34.35 ? 27  SER A OG    1 
ATOM   233  N N     . GLY A 1 28  ? 1.582   -16.252 11.517  1.00 29.43 ? 28  GLY A N     1 
ATOM   234  C CA    . GLY A 1 28  ? 1.318   -17.606 11.887  1.00 29.77 ? 28  GLY A CA    1 
ATOM   235  C C     . GLY A 1 28  ? -0.108  -18.020 11.519  1.00 30.84 ? 28  GLY A C     1 
ATOM   236  O O     . GLY A 1 28  ? -0.435  -19.206 11.480  1.00 31.48 ? 28  GLY A O     1 
ATOM   237  N N     . ARG A 1 29  ? -0.969  -17.038 11.209  1.00 30.37 ? 29  ARG A N     1 
ATOM   238  C CA    . ARG A 1 29  ? -2.382  -17.322 10.790  1.00 26.95 ? 29  ARG A CA    1 
ATOM   239  C C     . ARG A 1 29  ? -2.440  -17.964 9.433   1.00 22.81 ? 29  ARG A C     1 
ATOM   240  O O     . ARG A 1 29  ? -1.472  -17.945 8.733   1.00 24.83 ? 29  ARG A O     1 
ATOM   241  C CB    . ARG A 1 29  ? -3.406  -16.149 10.912  1.00 26.20 ? 29  ARG A CB    1 
ATOM   242  C CG    . ARG A 1 29  ? -3.467  -15.482 12.281  1.00 25.75 ? 29  ARG A CG    1 
ATOM   243  C CD    . ARG A 1 29  ? -4.416  -14.280 12.368  1.00 27.41 ? 29  ARG A CD    1 
ATOM   244  N NE    . ARG A 1 29  ? -4.010  -13.406 13.475  1.00 27.59 ? 29  ARG A NE    1 
ATOM   245  C CZ    . ARG A 1 29  ? -4.279  -12.121 13.596  1.00 25.89 ? 29  ARG A CZ    1 
ATOM   246  N NH1   . ARG A 1 29  ? -5.073  -11.504 12.743  1.00 25.32 ? 29  ARG A NH1   1 
ATOM   247  N NH2   . ARG A 1 29  ? -3.708  -11.441 14.616  1.00 25.38 ? 29  ARG A NH2   1 
ATOM   248  N N     . LYS A 1 30  ? -3.581  -18.423 9.058   1.00 19.50 ? 30  LYS A N     1 
ATOM   249  C CA    . LYS A 1 30  ? -3.719  -19.164 7.880   1.00 22.36 ? 30  LYS A CA    1 
ATOM   250  C C     . LYS A 1 30  ? -4.793  -18.520 7.001   1.00 24.81 ? 30  LYS A C     1 
ATOM   251  O O     . LYS A 1 30  ? -5.959  -18.909 6.952   1.00 26.59 ? 30  LYS A O     1 
ATOM   252  C CB    . LYS A 1 30  ? -3.964  -20.640 8.271   1.00 26.10 ? 30  LYS A CB    1 
ATOM   253  C CG    . LYS A 1 30  ? -3.084  -21.632 7.501   1.00 30.70 ? 30  LYS A CG    1 
ATOM   254  C CD    . LYS A 1 30  ? -2.453  -22.758 8.323   1.00 33.52 ? 30  LYS A CD    1 
ATOM   255  C CE    . LYS A 1 30  ? -1.013  -22.469 8.827   1.00 36.16 ? 30  LYS A CE    1 
ATOM   256  N NZ    . LYS A 1 30  ? 0.052   -23.471 8.507   1.00 37.55 ? 30  LYS A NZ    1 
ATOM   257  N N     . SER A 1 31  ? -4.353  -17.472 6.323   1.00 25.39 ? 31  SER A N     1 
ATOM   258  C CA    . SER A 1 31  ? -5.287  -16.765 5.515   1.00 25.06 ? 31  SER A CA    1 
ATOM   259  C C     . SER A 1 31  ? -5.628  -17.524 4.287   1.00 22.75 ? 31  SER A C     1 
ATOM   260  O O     . SER A 1 31  ? -4.840  -18.292 3.829   1.00 23.91 ? 31  SER A O     1 
ATOM   261  C CB    . SER A 1 31  ? -4.789  -15.407 5.121   1.00 28.44 ? 31  SER A CB    1 
ATOM   262  O OG    . SER A 1 31  ? -5.556  -15.060 3.977   1.00 31.88 ? 31  SER A OG    1 
ATOM   263  N N     . PRO A 1 32  ? -6.737  -17.186 3.687   1.00 21.55 ? 32  PRO A N     1 
ATOM   264  C CA    . PRO A 1 32  ? -7.207  -17.832 2.495   1.00 20.99 ? 32  PRO A CA    1 
ATOM   265  C C     . PRO A 1 32  ? -6.776  -17.109 1.261   1.00 19.08 ? 32  PRO A C     1 
ATOM   266  O O     . PRO A 1 32  ? -7.046  -17.585 0.168   1.00 18.47 ? 32  PRO A O     1 
ATOM   267  C CB    . PRO A 1 32  ? -8.734  -17.729 2.496   1.00 22.10 ? 32  PRO A CB    1 
ATOM   268  C CG    . PRO A 1 32  ? -9.105  -16.793 3.617   1.00 22.64 ? 32  PRO A CG    1 
ATOM   269  C CD    . PRO A 1 32  ? -7.847  -16.588 4.446   1.00 22.77 ? 32  PRO A CD    1 
ATOM   270  N N     . TYR A 1 33  ? -6.255  -15.908 1.447   1.00 17.34 ? 33  TYR A N     1 
ATOM   271  C CA    . TYR A 1 33  ? -5.745  -15.125 0.337   1.00 16.15 ? 33  TYR A CA    1 
ATOM   272  C C     . TYR A 1 33  ? -4.459  -14.420 0.702   1.00 18.44 ? 33  TYR A C     1 
ATOM   273  O O     . TYR A 1 33  ? -4.148  -14.133 1.869   1.00 18.60 ? 33  TYR A O     1 
ATOM   274  C CB    . TYR A 1 33  ? -6.733  -14.098 -0.188  1.00 14.42 ? 33  TYR A CB    1 
ATOM   275  C CG    . TYR A 1 33  ? -6.758  -12.873 0.687   1.00 12.91 ? 33  TYR A CG    1 
ATOM   276  C CD1   . TYR A 1 33  ? -7.501  -12.863 1.865   1.00 12.65 ? 33  TYR A CD1   1 
ATOM   277  C CD2   . TYR A 1 33  ? -5.985  -11.763 0.377   1.00 11.91 ? 33  TYR A CD2   1 
ATOM   278  C CE1   . TYR A 1 33  ? -7.475  -11.781 2.742   1.00 12.87 ? 33  TYR A CE1   1 
ATOM   279  C CE2   . TYR A 1 33  ? -5.999  -10.651 1.217   1.00 12.95 ? 33  TYR A CE2   1 
ATOM   280  C CZ    . TYR A 1 33  ? -6.830  -10.620 2.338   1.00 13.19 ? 33  TYR A CZ    1 
ATOM   281  O OH    . TYR A 1 33  ? -6.837  -9.535  3.159   1.00 13.58 ? 33  TYR A OH    1 
ATOM   282  N N     . PHE A 1 34  ? -3.686  -14.152 -0.333  1.00 20.92 ? 34  PHE A N     1 
ATOM   283  C CA    . PHE A 1 34  ? -2.376  -13.521 -0.211  1.00 19.95 ? 34  PHE A CA    1 
ATOM   284  C C     . PHE A 1 34  ? -2.248  -12.496 -1.279  1.00 19.62 ? 34  PHE A C     1 
ATOM   285  O O     . PHE A 1 34  ? -2.704  -12.700 -2.407  1.00 18.54 ? 34  PHE A O     1 
ATOM   286  C CB    . PHE A 1 34  ? -1.240  -14.568 -0.381  1.00 20.47 ? 34  PHE A CB    1 
ATOM   287  C CG    . PHE A 1 34  ? 0.075   -14.157 0.304   1.00 21.40 ? 34  PHE A CG    1 
ATOM   288  C CD1   . PHE A 1 34  ? 0.278   -14.316 1.672   1.00 20.16 ? 34  PHE A CD1   1 
ATOM   289  C CD2   . PHE A 1 34  ? 1.154   -13.670 -0.434  1.00 22.06 ? 34  PHE A CD2   1 
ATOM   290  C CE1   . PHE A 1 34  ? 1.437   -13.861 2.303   1.00 19.42 ? 34  PHE A CE1   1 
ATOM   291  C CE2   . PHE A 1 34  ? 2.303   -13.186 0.185   1.00 20.96 ? 34  PHE A CE2   1 
ATOM   292  C CZ    . PHE A 1 34  ? 2.474   -13.314 1.558   1.00 18.82 ? 34  PHE A CZ    1 
ATOM   293  N N     . PHE A 1 35  ? -1.631  -11.402 -0.924  1.00 21.83 ? 35  PHE A N     1 
ATOM   294  C CA    . PHE A 1 35  ? -1.318  -10.356 -1.889  1.00 23.72 ? 35  PHE A CA    1 
ATOM   295  C C     . PHE A 1 35  ? 0.193   -10.175 -1.986  1.00 24.17 ? 35  PHE A C     1 
ATOM   296  O O     . PHE A 1 35  ? 0.888   -10.064 -0.965  1.00 24.54 ? 35  PHE A O     1 
ATOM   297  C CB    . PHE A 1 35  ? -1.968  -9.042  -1.467  1.00 24.50 ? 35  PHE A CB    1 
ATOM   298  C CG    . PHE A 1 35  ? -1.691  -7.883  -2.411  1.00 22.92 ? 35  PHE A CG    1 
ATOM   299  C CD1   . PHE A 1 35  ? -0.570  -7.072  -2.243  1.00 21.71 ? 35  PHE A CD1   1 
ATOM   300  C CD2   . PHE A 1 35  ? -2.648  -7.521  -3.361  1.00 21.35 ? 35  PHE A CD2   1 
ATOM   301  C CE1   . PHE A 1 35  ? -0.403  -5.935  -3.042  1.00 23.09 ? 35  PHE A CE1   1 
ATOM   302  C CE2   . PHE A 1 35  ? -2.419  -6.463  -4.240  1.00 21.40 ? 35  PHE A CE2   1 
ATOM   303  C CZ    . PHE A 1 35  ? -1.316  -5.630  -4.051  1.00 21.96 ? 35  PHE A CZ    1 
ATOM   304  N N     . ASN A 1 36  ? 0.747   -10.237 -3.182  1.00 24.46 ? 36  ASN A N     1 
ATOM   305  C CA    . ASN A 1 36  ? 2.217   -10.168 -3.234  1.00 21.90 ? 36  ASN A CA    1 
ATOM   306  C C     . ASN A 1 36  ? 2.771   -9.250  -4.312  1.00 20.37 ? 36  ASN A C     1 
ATOM   307  O O     . ASN A 1 36  ? 3.317   -9.705  -5.312  1.00 19.77 ? 36  ASN A O     1 
ATOM   308  C CB    . ASN A 1 36  ? 2.826   -11.566 -3.211  1.00 20.49 ? 36  ASN A CB    1 
ATOM   309  C CG    . ASN A 1 36  ? 4.326   -11.573 -3.325  1.00 24.04 ? 36  ASN A CG    1 
ATOM   310  O OD1   . ASN A 1 36  ? 4.994   -10.509 -3.263  1.00 26.97 ? 36  ASN A OD1   1 
ATOM   311  N ND2   . ASN A 1 36  ? 4.882   -12.787 -3.478  1.00 23.84 ? 36  ASN A ND2   1 
ATOM   312  N N     . ALA A 1 37  ? 2.634   -7.953  -4.051  1.00 20.45 ? 37  ALA A N     1 
ATOM   313  C CA    . ALA A 1 37  ? 3.123   -6.899  -4.907  1.00 21.62 ? 37  ALA A CA    1 
ATOM   314  C C     . ALA A 1 37  ? 4.474   -7.214  -5.589  1.00 24.79 ? 37  ALA A C     1 
ATOM   315  O O     . ALA A 1 37  ? 4.798   -6.631  -6.624  1.00 28.43 ? 37  ALA A O     1 
ATOM   316  C CB    . ALA A 1 37  ? 3.189   -5.585  -4.142  1.00 20.26 ? 37  ALA A CB    1 
ATOM   317  N N     . GLY A 1 38  ? 5.278   -8.136  -5.043  1.00 23.52 ? 38  GLY A N     1 
ATOM   318  C CA    . GLY A 1 38  ? 6.546   -8.452  -5.679  1.00 24.84 ? 38  GLY A CA    1 
ATOM   319  C C     . GLY A 1 38  ? 6.410   -8.976  -7.142  1.00 29.05 ? 38  GLY A C     1 
ATOM   320  O O     . GLY A 1 38  ? 7.361   -8.947  -7.967  1.00 30.27 ? 38  GLY A O     1 
ATOM   321  N N     . LEU A 1 39  ? 5.234   -9.527  -7.474  1.00 29.79 ? 39  LEU A N     1 
ATOM   322  C CA    . LEU A 1 39  ? 4.984   -10.115 -8.810  1.00 28.43 ? 39  LEU A CA    1 
ATOM   323  C C     . LEU A 1 39  ? 4.678   -9.060  -9.856  1.00 25.02 ? 39  LEU A C     1 
ATOM   324  O O     . LEU A 1 39  ? 4.091   -9.323  -10.890 1.00 22.01 ? 39  LEU A O     1 
ATOM   325  C CB    . LEU A 1 39  ? 3.814   -11.124 -8.801  1.00 31.57 ? 39  LEU A CB    1 
ATOM   326  C CG    . LEU A 1 39  ? 3.943   -12.377 -7.911  1.00 31.08 ? 39  LEU A CG    1 
ATOM   327  C CD1   . LEU A 1 39  ? 4.158   -13.625 -8.764  1.00 27.92 ? 39  LEU A CD1   1 
ATOM   328  C CD2   . LEU A 1 39  ? 5.048   -12.220 -6.875  1.00 32.41 ? 39  LEU A CD2   1 
ATOM   329  N N     . PHE A 1 40  ? 5.033   -7.838  -9.537  1.00 25.72 ? 40  PHE A N     1 
ATOM   330  C CA    . PHE A 1 40  ? 4.949   -6.741  -10.466 1.00 27.02 ? 40  PHE A CA    1 
ATOM   331  C C     . PHE A 1 40  ? 6.387   -6.501  -10.925 1.00 28.88 ? 40  PHE A C     1 
ATOM   332  O O     . PHE A 1 40  ? 7.173   -5.774  -10.259 1.00 26.82 ? 40  PHE A O     1 
ATOM   333  C CB    . PHE A 1 40  ? 4.366   -5.508  -9.743  1.00 27.16 ? 40  PHE A CB    1 
ATOM   334  C CG    . PHE A 1 40  ? 2.896   -5.625  -9.443  1.00 25.66 ? 40  PHE A CG    1 
ATOM   335  C CD1   . PHE A 1 40  ? 1.994   -5.992  -10.436 1.00 26.96 ? 40  PHE A CD1   1 
ATOM   336  C CD2   . PHE A 1 40  ? 2.418   -5.373  -8.163  1.00 26.52 ? 40  PHE A CD2   1 
ATOM   337  C CE1   . PHE A 1 40  ? 0.629   -6.118  -10.183 1.00 28.37 ? 40  PHE A CE1   1 
ATOM   338  C CE2   . PHE A 1 40  ? 1.058   -5.486  -7.880  1.00 28.24 ? 40  PHE A CE2   1 
ATOM   339  C CZ    . PHE A 1 40  ? 0.163   -5.813  -8.904  1.00 29.12 ? 40  PHE A CZ    1 
ATOM   340  N N     . ASN A 1 41  ? 6.798   -7.304  -11.950 1.00 31.95 ? 41  ASN A N     1 
ATOM   341  C CA    . ASN A 1 41  ? 8.227   -7.402  -12.324 1.00 32.63 ? 41  ASN A CA    1 
ATOM   342  C C     . ASN A 1 41  ? 8.568   -7.013  -13.768 1.00 28.46 ? 41  ASN A C     1 
ATOM   343  O O     . ASN A 1 41  ? 9.607   -7.367  -14.306 1.00 26.09 ? 41  ASN A O     1 
ATOM   344  C CB    . ASN A 1 41  ? 8.777   -8.797  -11.946 1.00 33.48 ? 41  ASN A CB    1 
ATOM   345  C CG    . ASN A 1 41  ? 7.971   -9.946  -12.556 1.00 33.51 ? 41  ASN A CG    1 
ATOM   346  O OD1   . ASN A 1 41  ? 7.157   -9.757  -13.489 1.00 33.64 ? 41  ASN A OD1   1 
ATOM   347  N ND2   . ASN A 1 41  ? 8.254   -11.156 -12.070 1.00 33.13 ? 41  ASN A ND2   1 
ATOM   348  N N     . THR A 1 42  ? 7.705   -6.197  -14.310 1.00 25.77 ? 42  THR A N     1 
ATOM   349  C CA    . THR A 1 42  ? 7.800   -5.794  -15.656 1.00 24.09 ? 42  THR A CA    1 
ATOM   350  C C     . THR A 1 42  ? 7.373   -4.342  -15.883 1.00 24.40 ? 42  THR A C     1 
ATOM   351  O O     . THR A 1 42  ? 6.649   -3.747  -15.103 1.00 25.45 ? 42  THR A O     1 
ATOM   352  C CB    . THR A 1 42  ? 6.922   -6.744  -16.448 1.00 21.73 ? 42  THR A CB    1 
ATOM   353  O OG1   . THR A 1 42  ? 7.720   -7.640  -17.149 1.00 21.01 ? 42  THR A OG1   1 
ATOM   354  C CG2   . THR A 1 42  ? 6.046   -5.956  -17.380 1.00 20.17 ? 42  THR A CG2   1 
ATOM   355  N N     . GLY A 1 43  ? 7.777   -3.797  -17.012 1.00 23.18 ? 43  GLY A N     1 
ATOM   356  C CA    . GLY A 1 43  ? 7.538   -2.415  -17.315 1.00 21.94 ? 43  GLY A CA    1 
ATOM   357  C C     . GLY A 1 43  ? 6.109   -2.010  -17.188 1.00 20.89 ? 43  GLY A C     1 
ATOM   358  O O     . GLY A 1 43  ? 5.797   -1.104  -16.423 1.00 21.39 ? 43  GLY A O     1 
ATOM   359  N N     . ARG A 1 44  ? 5.273   -2.684  -17.942 1.00 21.21 ? 44  ARG A N     1 
ATOM   360  C CA    . ARG A 1 44  ? 3.848   -2.461  -17.870 1.00 24.79 ? 44  ARG A CA    1 
ATOM   361  C C     . ARG A 1 44  ? 3.318   -2.602  -16.434 1.00 23.71 ? 44  ARG A C     1 
ATOM   362  O O     . ARG A 1 44  ? 2.481   -1.831  -16.032 1.00 22.98 ? 44  ARG A O     1 
ATOM   363  C CB    . ARG A 1 44  ? 3.130   -3.472  -18.734 1.00 29.51 ? 44  ARG A CB    1 
ATOM   364  C CG    . ARG A 1 44  ? 1.655   -3.228  -18.902 1.00 34.62 ? 44  ARG A CG    1 
ATOM   365  C CD    . ARG A 1 44  ? 1.232   -3.541  -20.335 1.00 42.72 ? 44  ARG A CD    1 
ATOM   366  N NE    . ARG A 1 44  ? 1.791   -2.600  -21.359 1.00 49.82 ? 44  ARG A NE    1 
ATOM   367  C CZ    . ARG A 1 44  ? 2.053   -2.935  -22.663 1.00 53.74 ? 44  ARG A CZ    1 
ATOM   368  N NH1   . ARG A 1 44  ? 1.816   -4.184  -23.116 1.00 55.03 ? 44  ARG A NH1   1 
ATOM   369  N NH2   . ARG A 1 44  ? 2.540   -2.005  -23.538 1.00 54.04 ? 44  ARG A NH2   1 
ATOM   370  N N     . ASP A 1 45  ? 3.758   -3.639  -15.678 1.00 23.06 ? 45  ASP A N     1 
ATOM   371  C CA    . ASP A 1 45  ? 3.221   -3.809  -14.337 1.00 23.22 ? 45  ASP A CA    1 
ATOM   372  C C     . ASP A 1 45  ? 3.564   -2.624  -13.540 1.00 23.59 ? 45  ASP A C     1 
ATOM   373  O O     . ASP A 1 45  ? 2.797   -2.107  -12.758 1.00 26.61 ? 45  ASP A O     1 
ATOM   374  C CB    . ASP A 1 45  ? 3.692   -5.037  -13.568 1.00 23.83 ? 45  ASP A CB    1 
ATOM   375  C CG    . ASP A 1 45  ? 3.670   -6.361  -14.306 1.00 24.37 ? 45  ASP A CG    1 
ATOM   376  O OD1   . ASP A 1 45  ? 2.780   -6.467  -15.298 1.00 21.85 ? 45  ASP A OD1   1 
ATOM   377  O OD2   . ASP A 1 45  ? 4.402   -7.272  -13.935 1.00 26.13 ? 45  ASP A OD2   1 
ATOM   378  N N     . LEU A 1 46  ? 4.715   -2.167  -13.755 1.00 21.60 ? 46  LEU A N     1 
ATOM   379  C CA    . LEU A 1 46  ? 5.106   -1.001  -13.079 1.00 21.15 ? 46  LEU A CA    1 
ATOM   380  C C     . LEU A 1 46  ? 4.332   0.201   -13.558 1.00 19.25 ? 46  LEU A C     1 
ATOM   381  O O     . LEU A 1 46  ? 4.230   1.204   -12.830 1.00 17.69 ? 46  LEU A O     1 
ATOM   382  C CB    . LEU A 1 46  ? 6.520   -0.754  -13.483 1.00 22.96 ? 46  LEU A CB    1 
ATOM   383  C CG    . LEU A 1 46  ? 7.462   -0.840  -12.349 1.00 21.91 ? 46  LEU A CG    1 
ATOM   384  C CD1   . LEU A 1 46  ? 6.998   -1.971  -11.468 1.00 22.72 ? 46  LEU A CD1   1 
ATOM   385  C CD2   . LEU A 1 46  ? 8.795   -1.132  -12.994 1.00 21.64 ? 46  LEU A CD2   1 
ATOM   386  N N     . ALA A 1 47  ? 4.003   0.192   -14.857 1.00 20.02 ? 47  ALA A N     1 
ATOM   387  C CA    . ALA A 1 47  ? 3.369   1.370   -15.505 1.00 20.96 ? 47  ALA A CA    1 
ATOM   388  C C     . ALA A 1 47  ? 1.960   1.643   -14.992 1.00 22.82 ? 47  ALA A C     1 
ATOM   389  O O     . ALA A 1 47  ? 1.587   2.759   -14.582 1.00 22.27 ? 47  ALA A O     1 
ATOM   390  C CB    . ALA A 1 47  ? 3.440   1.326   -17.035 1.00 19.95 ? 47  ALA A CB    1 
ATOM   391  N N     . LEU A 1 48  ? 1.211   0.566   -15.007 1.00 25.97 ? 48  LEU A N     1 
ATOM   392  C CA    . LEU A 1 48  ? -0.138  0.448   -14.492 1.00 28.31 ? 48  LEU A CA    1 
ATOM   393  C C     . LEU A 1 48  ? -0.187  0.682   -12.977 1.00 27.51 ? 48  LEU A C     1 
ATOM   394  O O     . LEU A 1 48  ? -0.999  1.450   -12.459 1.00 28.09 ? 48  LEU A O     1 
ATOM   395  C CB    . LEU A 1 48  ? -0.605  -1.009  -14.740 1.00 29.66 ? 48  LEU A CB    1 
ATOM   396  C CG    . LEU A 1 48  ? -1.675  -1.207  -15.820 1.00 30.34 ? 48  LEU A CG    1 
ATOM   397  C CD1   . LEU A 1 48  ? -2.417  0.083   -16.181 1.00 29.04 ? 48  LEU A CD1   1 
ATOM   398  C CD2   . LEU A 1 48  ? -0.996  -1.761  -17.036 1.00 32.97 ? 48  LEU A CD2   1 
ATOM   399  N N     . LEU A 1 49  ? 0.643   -0.082  -12.289 1.00 25.86 ? 49  LEU A N     1 
ATOM   400  C CA    . LEU A 1 49  ? 0.751   -0.026  -10.849 1.00 25.27 ? 49  LEU A CA    1 
ATOM   401  C C     . LEU A 1 49  ? 0.755   1.373   -10.303 1.00 24.41 ? 49  LEU A C     1 
ATOM   402  O O     . LEU A 1 49  ? 0.034   1.665   -9.347  1.00 28.95 ? 49  LEU A O     1 
ATOM   403  C CB    . LEU A 1 49  ? 1.980   -0.806  -10.324 1.00 25.29 ? 49  LEU A CB    1 
ATOM   404  C CG    . LEU A 1 49  ? 2.067   -0.780  -8.803  1.00 24.22 ? 49  LEU A CG    1 
ATOM   405  C CD1   . LEU A 1 49  ? 0.709   -1.034  -8.212  1.00 22.13 ? 49  LEU A CD1   1 
ATOM   406  C CD2   . LEU A 1 49  ? 3.024   -1.853  -8.315  1.00 25.37 ? 49  LEU A CD2   1 
ATOM   407  N N     . GLY A 1 50  ? 1.566   2.212   -10.930 1.00 20.25 ? 50  GLY A N     1 
ATOM   408  C CA    . GLY A 1 50  ? 1.710   3.608   -10.609 1.00 18.51 ? 50  GLY A CA    1 
ATOM   409  C C     . GLY A 1 50  ? 0.577   4.420   -11.126 1.00 18.95 ? 50  GLY A C     1 
ATOM   410  O O     . GLY A 1 50  ? 0.373   5.532   -10.722 1.00 19.42 ? 50  GLY A O     1 
ATOM   411  N N     . ARG A 1 51  ? -0.245  3.840   -11.938 1.00 23.00 ? 51  ARG A N     1 
ATOM   412  C CA    . ARG A 1 51  ? -1.434  4.557   -12.363 1.00 28.52 ? 51  ARG A CA    1 
ATOM   413  C C     . ARG A 1 51  ? -2.564  4.451   -11.364 1.00 29.48 ? 51  ARG A C     1 
ATOM   414  O O     . ARG A 1 51  ? -3.445  5.311   -11.265 1.00 31.65 ? 51  ARG A O     1 
ATOM   415  C CB    . ARG A 1 51  ? -1.933  4.094   -13.682 1.00 32.39 ? 51  ARG A CB    1 
ATOM   416  C CG    . ARG A 1 51  ? -1.343  4.977   -14.759 1.00 36.79 ? 51  ARG A CG    1 
ATOM   417  C CD    . ARG A 1 51  ? -1.133  4.220   -16.071 1.00 39.12 ? 51  ARG A CD    1 
ATOM   418  N NE    . ARG A 1 51  ? -1.298  5.080   -17.213 1.00 40.24 ? 51  ARG A NE    1 
ATOM   419  C CZ    . ARG A 1 51  ? -2.108  4.820   -18.177 1.00 41.77 ? 51  ARG A CZ    1 
ATOM   420  N NH1   . ARG A 1 51  ? -2.810  3.714   -18.198 1.00 41.36 ? 51  ARG A NH1   1 
ATOM   421  N NH2   . ARG A 1 51  ? -2.224  5.710   -19.158 1.00 44.32 ? 51  ARG A NH2   1 
ATOM   422  N N     . PHE A 1 52  ? -2.534  3.351   -10.657 1.00 25.74 ? 52  PHE A N     1 
ATOM   423  C CA    . PHE A 1 52  ? -3.463  3.059   -9.639  1.00 20.50 ? 52  PHE A CA    1 
ATOM   424  C C     . PHE A 1 52  ? -3.084  3.831   -8.421  1.00 19.65 ? 52  PHE A C     1 
ATOM   425  O O     . PHE A 1 52  ? -3.917  4.560   -7.846  1.00 22.99 ? 52  PHE A O     1 
ATOM   426  C CB    . PHE A 1 52  ? -3.302  1.601   -9.399  1.00 18.52 ? 52  PHE A CB    1 
ATOM   427  C CG    . PHE A 1 52  ? -3.927  0.811   -10.529 1.00 15.62 ? 52  PHE A CG    1 
ATOM   428  C CD1   . PHE A 1 52  ? -5.263  1.002   -10.865 1.00 12.80 ? 52  PHE A CD1   1 
ATOM   429  C CD2   . PHE A 1 52  ? -3.207  -0.201  -11.161 1.00 14.98 ? 52  PHE A CD2   1 
ATOM   430  C CE1   . PHE A 1 52  ? -5.878  0.201   -11.820 1.00 12.57 ? 52  PHE A CE1   1 
ATOM   431  C CE2   . PHE A 1 52  ? -3.797  -0.990  -12.146 1.00 13.09 ? 52  PHE A CE2   1 
ATOM   432  C CZ    . PHE A 1 52  ? -5.141  -0.799  -12.456 1.00 12.53 ? 52  PHE A CZ    1 
ATOM   433  N N     . TYR A 1 53  ? -1.793  3.791   -8.103  1.00 13.45 ? 53  TYR A N     1 
ATOM   434  C CA    . TYR A 1 53  ? -1.354  4.570   -6.976  1.00 11.35 ? 53  TYR A CA    1 
ATOM   435  C C     . TYR A 1 53  ? -1.660  6.044   -7.141  1.00 11.67 ? 53  TYR A C     1 
ATOM   436  O O     . TYR A 1 53  ? -2.045  6.689   -6.227  1.00 12.80 ? 53  TYR A O     1 
ATOM   437  C CB    . TYR A 1 53  ? 0.143   4.379   -6.645  1.00 12.13 ? 53  TYR A CB    1 
ATOM   438  C CG    . TYR A 1 53  ? 0.501   3.220   -5.755  1.00 11.59 ? 53  TYR A CG    1 
ATOM   439  C CD1   . TYR A 1 53  ? 0.303   1.894   -6.130  1.00 10.69 ? 53  TYR A CD1   1 
ATOM   440  C CD2   . TYR A 1 53  ? 1.172   3.451   -4.561  1.00 12.58 ? 53  TYR A CD2   1 
ATOM   441  C CE1   . TYR A 1 53  ? 0.709   0.837   -5.313  1.00 11.30 ? 53  TYR A CE1   1 
ATOM   442  C CE2   . TYR A 1 53  ? 1.551   2.402   -3.719  1.00 12.64 ? 53  TYR A CE2   1 
ATOM   443  C CZ    . TYR A 1 53  ? 1.388   1.080   -4.123  1.00 12.49 ? 53  TYR A CZ    1 
ATOM   444  O OH    . TYR A 1 53  ? 1.785   0.024   -3.267  1.00 14.35 ? 53  TYR A OH    1 
ATOM   445  N N     . ALA A 1 54  ? -1.389  6.637   -8.286  1.00 13.68 ? 54  ALA A N     1 
ATOM   446  C CA    . ALA A 1 54  ? -1.645  8.063   -8.423  1.00 14.20 ? 54  ALA A CA    1 
ATOM   447  C C     . ALA A 1 54  ? -3.133  8.351   -8.188  1.00 19.66 ? 54  ALA A C     1 
ATOM   448  O O     . ALA A 1 54  ? -3.515  9.278   -7.433  1.00 21.63 ? 54  ALA A O     1 
ATOM   449  C CB    . ALA A 1 54  ? -1.188  8.574   -9.785  1.00 12.22 ? 54  ALA A CB    1 
ATOM   450  N N     . GLU A 1 55  ? -4.018  7.525   -8.791  1.00 19.96 ? 55  GLU A N     1 
ATOM   451  C CA    . GLU A 1 55  ? -5.438  7.731   -8.571  1.00 18.60 ? 55  GLU A CA    1 
ATOM   452  C C     . GLU A 1 55  ? -5.821  7.808   -7.109  1.00 17.66 ? 55  GLU A C     1 
ATOM   453  O O     . GLU A 1 55  ? -6.334  8.803   -6.644  1.00 18.61 ? 55  GLU A O     1 
ATOM   454  C CB    . GLU A 1 55  ? -6.210  6.643   -9.216  1.00 19.64 ? 55  GLU A CB    1 
ATOM   455  C CG    . GLU A 1 55  ? -6.083  6.823   -10.695 1.00 24.25 ? 55  GLU A CG    1 
ATOM   456  C CD    . GLU A 1 55  ? -7.375  7.150   -11.303 1.00 29.26 ? 55  GLU A CD    1 
ATOM   457  O OE1   . GLU A 1 55  ? -7.933  8.216   -11.185 1.00 29.61 ? 55  GLU A OE1   1 
ATOM   458  O OE2   . GLU A 1 55  ? -7.851  6.126   -11.946 1.00 33.70 ? 55  GLU A OE2   1 
ATOM   459  N N     . ALA A 1 56  ? -5.469  6.792   -6.361  1.00 15.46 ? 56  ALA A N     1 
ATOM   460  C CA    . ALA A 1 56  ? -5.887  6.715   -4.996  1.00 13.12 ? 56  ALA A CA    1 
ATOM   461  C C     . ALA A 1 56  ? -5.329  7.833   -4.260  1.00 14.31 ? 56  ALA A C     1 
ATOM   462  O O     . ALA A 1 56  ? -5.711  8.111   -3.127  1.00 17.26 ? 56  ALA A O     1 
ATOM   463  C CB    . ALA A 1 56  ? -5.445  5.419   -4.341  1.00 10.84 ? 56  ALA A CB    1 
ATOM   464  N N     . LEU A 1 57  ? -4.350  8.433   -4.875  1.00 13.62 ? 57  LEU A N     1 
ATOM   465  C CA    . LEU A 1 57  ? -3.644  9.527   -4.242  1.00 14.76 ? 57  LEU A CA    1 
ATOM   466  C C     . LEU A 1 57  ? -4.472  10.752  -4.447  1.00 15.25 ? 57  LEU A C     1 
ATOM   467  O O     . LEU A 1 57  ? -4.891  11.442  -3.524  1.00 13.60 ? 57  LEU A O     1 
ATOM   468  C CB    . LEU A 1 57  ? -2.283  9.686   -4.940  1.00 15.78 ? 57  LEU A CB    1 
ATOM   469  C CG    . LEU A 1 57  ? -1.322  10.452  -4.096  1.00 15.92 ? 57  LEU A CG    1 
ATOM   470  C CD1   . LEU A 1 57  ? -1.300  9.766   -2.767  1.00 15.36 ? 57  LEU A CD1   1 
ATOM   471  C CD2   . LEU A 1 57  ? 0.061   10.436  -4.728  1.00 15.11 ? 57  LEU A CD2   1 
ATOM   472  N N     . VAL A 1 58  ? -4.749  10.917  -5.716  1.00 18.00 ? 58  VAL A N     1 
ATOM   473  C CA    . VAL A 1 58  ? -5.539  11.961  -6.212  1.00 21.12 ? 58  VAL A CA    1 
ATOM   474  C C     . VAL A 1 58  ? -6.902  11.878  -5.639  1.00 26.89 ? 58  VAL A C     1 
ATOM   475  O O     . VAL A 1 58  ? -7.266  12.701  -4.769  1.00 31.11 ? 58  VAL A O     1 
ATOM   476  C CB    . VAL A 1 58  ? -5.590  11.880  -7.682  1.00 20.87 ? 58  VAL A CB    1 
ATOM   477  C CG1   . VAL A 1 58  ? -6.657  12.857  -8.107  1.00 21.21 ? 58  VAL A CG1   1 
ATOM   478  C CG2   . VAL A 1 58  ? -4.231  12.339  -8.204  1.00 20.84 ? 58  VAL A CG2   1 
ATOM   479  N N     . ASP A 1 59  ? -7.628  10.822  -6.019  1.00 27.63 ? 59  ASP A N     1 
ATOM   480  C CA    . ASP A 1 59  ? -8.925  10.569  -5.400  1.00 27.28 ? 59  ASP A CA    1 
ATOM   481  C C     . ASP A 1 59  ? -8.915  10.595  -3.849  1.00 26.00 ? 59  ASP A C     1 
ATOM   482  O O     . ASP A 1 59  ? -9.946  10.622  -3.258  1.00 27.88 ? 59  ASP A O     1 
ATOM   483  C CB    . ASP A 1 59  ? -9.716  9.386   -6.030  1.00 29.09 ? 59  ASP A CB    1 
ATOM   484  C CG    . ASP A 1 59  ? -10.821 8.799   -5.163  1.00 30.72 ? 59  ASP A CG    1 
ATOM   485  O OD1   . ASP A 1 59  ? -11.912 9.553   -5.194  1.00 33.16 ? 59  ASP A OD1   1 
ATOM   486  O OD2   . ASP A 1 59  ? -10.710 7.747   -4.495  1.00 28.61 ? 59  ASP A OD2   1 
ATOM   487  N N     . SER A 1 60  ? -7.778  10.757  -3.173  1.00 24.74 ? 60  SER A N     1 
ATOM   488  C CA    . SER A 1 60  ? -7.776  10.865  -1.705  1.00 23.55 ? 60  SER A CA    1 
ATOM   489  C C     . SER A 1 60  ? -8.049  12.283  -1.213  1.00 26.56 ? 60  SER A C     1 
ATOM   490  O O     . SER A 1 60  ? -8.939  12.546  -0.415  1.00 29.07 ? 60  SER A O     1 
ATOM   491  C CB    . SER A 1 60  ? -6.525  10.328  -1.071  1.00 20.74 ? 60  SER A CB    1 
ATOM   492  O OG    . SER A 1 60  ? -5.754  11.435  -0.691  1.00 20.86 ? 60  SER A OG    1 
ATOM   493  N N     . GLY A 1 61  ? -7.285  13.235  -1.702  1.00 27.44 ? 61  GLY A N     1 
ATOM   494  C CA    . GLY A 1 61  ? -7.517  14.598  -1.317  1.00 25.68 ? 61  GLY A CA    1 
ATOM   495  C C     . GLY A 1 61  ? -6.609  15.031  -0.211  1.00 25.90 ? 61  GLY A C     1 
ATOM   496  O O     . GLY A 1 61  ? -6.580  16.216  0.131   1.00 27.66 ? 61  GLY A O     1 
ATOM   497  N N     . ILE A 1 62  ? -5.823  14.092  0.319   1.00 24.49 ? 62  ILE A N     1 
ATOM   498  C CA    . ILE A 1 62  ? -4.872  14.484  1.317   1.00 24.34 ? 62  ILE A CA    1 
ATOM   499  C C     . ILE A 1 62  ? -3.946  15.416  0.588   1.00 29.27 ? 62  ILE A C     1 
ATOM   500  O O     . ILE A 1 62  ? -3.897  15.401  -0.662  1.00 29.54 ? 62  ILE A O     1 
ATOM   501  C CB    . ILE A 1 62  ? -4.038  13.331  1.900   1.00 23.00 ? 62  ILE A CB    1 
ATOM   502  C CG1   . ILE A 1 62  ? -4.822  12.154  2.429   1.00 28.33 ? 62  ILE A CG1   1 
ATOM   503  C CG2   . ILE A 1 62  ? -3.181  13.811  3.028   1.00 20.49 ? 62  ILE A CG2   1 
ATOM   504  C CD1   . ILE A 1 62  ? -6.320  12.424  2.680   1.00 32.48 ? 62  ILE A CD1   1 
ATOM   505  N N     . GLU A 1 63  ? -3.142  16.180  1.335   1.00 33.87 ? 63  GLU A N     1 
ATOM   506  C CA    . GLU A 1 63  ? -2.116  16.978  0.686   1.00 35.72 ? 63  GLU A CA    1 
ATOM   507  C C     . GLU A 1 63  ? -0.746  16.608  1.164   1.00 34.21 ? 63  GLU A C     1 
ATOM   508  O O     . GLU A 1 63  ? -0.545  16.206  2.323   1.00 34.38 ? 63  GLU A O     1 
ATOM   509  C CB    . GLU A 1 63  ? -2.349  18.486  0.618   1.00 39.74 ? 63  GLU A CB    1 
ATOM   510  C CG    . GLU A 1 63  ? -2.792  19.111  1.952   1.00 44.56 ? 63  GLU A CG    1 
ATOM   511  C CD    . GLU A 1 63  ? -3.323  20.554  1.860   1.00 48.60 ? 63  GLU A CD    1 
ATOM   512  O OE1   . GLU A 1 63  ? -3.452  21.038  0.600   1.00 47.45 ? 63  GLU A OE1   1 
ATOM   513  O OE2   . GLU A 1 63  ? -3.615  21.204  2.893   1.00 51.14 ? 63  GLU A OE2   1 
ATOM   514  N N     . PHE A 1 64  ? 0.177   16.662  0.227   1.00 32.01 ? 64  PHE A N     1 
ATOM   515  C CA    . PHE A 1 64  ? 1.522   16.320  0.508   1.00 31.11 ? 64  PHE A CA    1 
ATOM   516  C C     . PHE A 1 64  ? 2.414   17.038  -0.437  1.00 35.08 ? 64  PHE A C     1 
ATOM   517  O O     . PHE A 1 64  ? 1.975   17.497  -1.495  1.00 39.41 ? 64  PHE A O     1 
ATOM   518  C CB    . PHE A 1 64  ? 1.727   14.837  0.337   1.00 29.79 ? 64  PHE A CB    1 
ATOM   519  C CG    . PHE A 1 64  ? 1.314   14.398  -1.033  1.00 28.65 ? 64  PHE A CG    1 
ATOM   520  C CD1   . PHE A 1 64  ? -0.043  14.263  -1.339  1.00 28.23 ? 64  PHE A CD1   1 
ATOM   521  C CD2   . PHE A 1 64  ? 2.274   14.098  -2.003  1.00 27.64 ? 64  PHE A CD2   1 
ATOM   522  C CE1   . PHE A 1 64  ? -0.449  13.791  -2.586  1.00 28.73 ? 64  PHE A CE1   1 
ATOM   523  C CE2   . PHE A 1 64  ? 1.885   13.613  -3.248  1.00 27.66 ? 64  PHE A CE2   1 
ATOM   524  C CZ    . PHE A 1 64  ? 0.525   13.464  -3.532  1.00 28.90 ? 64  PHE A CZ    1 
ATOM   525  N N     . ASP A 1 65  ? 3.681   17.099  -0.101  1.00 34.16 ? 65  ASP A N     1 
ATOM   526  C CA    . ASP A 1 65  ? 4.590   17.845  -0.931  1.00 34.01 ? 65  ASP A CA    1 
ATOM   527  C C     . ASP A 1 65  ? 5.570   16.967  -1.644  1.00 33.60 ? 65  ASP A C     1 
ATOM   528  O O     . ASP A 1 65  ? 6.315   17.403  -2.509  1.00 32.45 ? 65  ASP A O     1 
ATOM   529  C CB    . ASP A 1 65  ? 5.390   18.825  -0.047  1.00 33.88 ? 65  ASP A CB    1 
ATOM   530  C CG    . ASP A 1 65  ? 4.596   20.039  0.343   1.00 31.82 ? 65  ASP A CG    1 
ATOM   531  O OD1   . ASP A 1 65  ? 3.798   20.575  -0.423  1.00 29.94 ? 65  ASP A OD1   1 
ATOM   532  O OD2   . ASP A 1 65  ? 4.906   20.478  1.555   1.00 31.69 ? 65  ASP A OD2   1 
ATOM   533  N N     . LEU A 1 66  ? 5.668   15.739  -1.214  1.00 33.01 ? 66  LEU A N     1 
ATOM   534  C CA    . LEU A 1 66  ? 6.757   15.017  -1.722  1.00 29.71 ? 66  LEU A CA    1 
ATOM   535  C C     . LEU A 1 66  ? 6.525   13.579  -1.528  1.00 27.29 ? 66  LEU A C     1 
ATOM   536  O O     . LEU A 1 66  ? 5.860   13.172  -0.576  1.00 26.55 ? 66  LEU A O     1 
ATOM   537  C CB    . LEU A 1 66  ? 7.974   15.554  -0.946  1.00 29.06 ? 66  LEU A CB    1 
ATOM   538  C CG    . LEU A 1 66  ? 9.162   14.666  -1.016  1.00 29.39 ? 66  LEU A CG    1 
ATOM   539  C CD1   . LEU A 1 66  ? 10.391  15.473  -1.423  1.00 30.62 ? 66  LEU A CD1   1 
ATOM   540  C CD2   . LEU A 1 66  ? 9.393   14.159  0.357   1.00 29.76 ? 66  LEU A CD2   1 
ATOM   541  N N     . LEU A 1 67  ? 6.987   12.813  -2.489  1.00 25.95 ? 67  LEU A N     1 
ATOM   542  C CA    . LEU A 1 67  ? 6.779   11.392  -2.398  1.00 24.16 ? 67  LEU A CA    1 
ATOM   543  C C     . LEU A 1 67  ? 7.932   10.762  -1.672  1.00 25.05 ? 67  LEU A C     1 
ATOM   544  O O     . LEU A 1 67  ? 8.949   11.394  -1.560  1.00 24.74 ? 67  LEU A O     1 
ATOM   545  C CB    . LEU A 1 67  ? 6.474   10.762  -3.770  1.00 21.36 ? 67  LEU A CB    1 
ATOM   546  C CG    . LEU A 1 67  ? 5.011   10.973  -4.182  1.00 20.08 ? 67  LEU A CG    1 
ATOM   547  C CD1   . LEU A 1 67  ? 4.842   10.794  -5.676  1.00 19.53 ? 67  LEU A CD1   1 
ATOM   548  C CD2   . LEU A 1 67  ? 4.079   10.002  -3.437  1.00 20.90 ? 67  LEU A CD2   1 
ATOM   549  N N     . PHE A 1 68  ? 7.728   9.621   -1.020  1.00 26.33 ? 68  PHE A N     1 
ATOM   550  C CA    . PHE A 1 68  ? 8.836   8.995   -0.337  1.00 27.80 ? 68  PHE A CA    1 
ATOM   551  C C     . PHE A 1 68  ? 8.731   7.529   -0.445  1.00 30.08 ? 68  PHE A C     1 
ATOM   552  O O     . PHE A 1 68  ? 7.753   6.982   -0.035  1.00 31.33 ? 68  PHE A O     1 
ATOM   553  C CB    . PHE A 1 68  ? 9.010   9.380   1.137   1.00 28.68 ? 68  PHE A CB    1 
ATOM   554  C CG    . PHE A 1 68  ? 10.132  8.625   1.857   1.00 29.11 ? 68  PHE A CG    1 
ATOM   555  C CD1   . PHE A 1 68  ? 9.984   7.283   2.234   1.00 29.67 ? 68  PHE A CD1   1 
ATOM   556  C CD2   . PHE A 1 68  ? 11.321  9.271   2.215   1.00 28.99 ? 68  PHE A CD2   1 
ATOM   557  C CE1   . PHE A 1 68  ? 10.999  6.562   2.877   1.00 29.17 ? 68  PHE A CE1   1 
ATOM   558  C CE2   . PHE A 1 68  ? 12.346  8.581   2.871   1.00 29.72 ? 68  PHE A CE2   1 
ATOM   559  C CZ    . PHE A 1 68  ? 12.183  7.230   3.209   1.00 29.85 ? 68  PHE A CZ    1 
ATOM   560  N N     . GLY A 1 69  ? 9.809   6.904   -0.933  1.00 30.98 ? 69  GLY A N     1 
ATOM   561  C CA    . GLY A 1 69  ? 9.882   5.481   -1.080  1.00 29.30 ? 69  GLY A CA    1 
ATOM   562  C C     . GLY A 1 69  ? 10.890  4.876   -0.109  1.00 29.10 ? 69  GLY A C     1 
ATOM   563  O O     . GLY A 1 69  ? 12.078  5.231   -0.121  1.00 27.79 ? 69  GLY A O     1 
ATOM   564  N N     . PRO A 1 70  ? 10.453  3.948   0.749   1.00 31.11 ? 70  PRO A N     1 
ATOM   565  C CA    . PRO A 1 70  ? 11.326  3.307   1.726   1.00 33.17 ? 70  PRO A CA    1 
ATOM   566  C C     . PRO A 1 70  ? 12.226  2.256   1.079   1.00 37.56 ? 70  PRO A C     1 
ATOM   567  O O     . PRO A 1 70  ? 11.789  1.591   0.091   1.00 36.58 ? 70  PRO A O     1 
ATOM   568  C CB    . PRO A 1 70  ? 10.357  2.702   2.716   1.00 30.24 ? 70  PRO A CB    1 
ATOM   569  C CG    . PRO A 1 70  ? 8.949   2.934   2.179   1.00 29.80 ? 70  PRO A CG    1 
ATOM   570  C CD    . PRO A 1 70  ? 9.056   3.528   0.816   1.00 30.10 ? 70  PRO A CD    1 
ATOM   571  N N     . ALA A 1 71  ? 13.439  2.162   1.651   1.00 42.57 ? 71  ALA A N     1 
ATOM   572  C CA    . ALA A 1 71  ? 14.333  0.963   1.553   1.00 42.99 ? 71  ALA A CA    1 
ATOM   573  C C     . ALA A 1 71  ? 14.638  0.624   0.128   1.00 43.93 ? 71  ALA A C     1 
ATOM   574  O O     . ALA A 1 71  ? 15.291  1.436   -0.543  1.00 45.50 ? 71  ALA A O     1 
ATOM   575  C CB    . ALA A 1 71  ? 13.663  -0.252  2.198   1.00 41.74 ? 71  ALA A CB    1 
ATOM   576  N N     . TYR A 1 72  ? 14.283  -0.627  -0.265  1.00 43.45 ? 72  TYR A N     1 
ATOM   577  C CA    . TYR A 1 72  ? 14.371  -1.049  -1.649  1.00 43.64 ? 72  TYR A CA    1 
ATOM   578  C C     . TYR A 1 72  ? 12.970  -1.141  -2.287  1.00 45.29 ? 72  TYR A C     1 
ATOM   579  O O     . TYR A 1 72  ? 12.749  -0.682  -3.415  1.00 47.54 ? 72  TYR A O     1 
ATOM   580  C CB    . TYR A 1 72  ? 15.224  -2.281  -2.065  1.00 43.06 ? 72  TYR A CB    1 
ATOM   581  C CG    . TYR A 1 72  ? 16.721  -2.063  -1.846  1.00 41.92 ? 72  TYR A CG    1 
ATOM   582  C CD1   . TYR A 1 72  ? 17.438  -1.229  -2.711  1.00 41.10 ? 72  TYR A CD1   1 
ATOM   583  C CD2   . TYR A 1 72  ? 17.366  -2.670  -0.763  1.00 41.54 ? 72  TYR A CD2   1 
ATOM   584  C CE1   . TYR A 1 72  ? 18.801  -0.997  -2.489  1.00 40.97 ? 72  TYR A CE1   1 
ATOM   585  C CE2   . TYR A 1 72  ? 18.729  -2.440  -0.541  1.00 40.92 ? 72  TYR A CE2   1 
ATOM   586  C CZ    . TYR A 1 72  ? 19.446  -1.601  -1.403  1.00 41.13 ? 72  TYR A CZ    1 
ATOM   587  O OH    . TYR A 1 72  ? 20.769  -1.376  -1.187  1.00 41.90 ? 72  TYR A OH    1 
ATOM   588  N N     . LYS A 1 73  ? 12.057  -1.752  -1.550  1.00 44.81 ? 73  LYS A N     1 
ATOM   589  C CA    . LYS A 1 73  ? 10.738  -2.154  -2.086  1.00 47.00 ? 73  LYS A CA    1 
ATOM   590  C C     . LYS A 1 73  ? 9.850   -0.921  -2.340  1.00 42.01 ? 73  LYS A C     1 
ATOM   591  O O     . LYS A 1 73  ? 8.709   -1.041  -2.810  1.00 40.03 ? 73  LYS A O     1 
ATOM   592  C CB    . LYS A 1 73  ? 10.025  -3.073  -1.093  1.00 54.75 ? 73  LYS A CB    1 
ATOM   593  C CG    . LYS A 1 73  ? 10.243  -2.658  0.362   1.00 61.23 ? 73  LYS A CG    1 
ATOM   594  C CD    . LYS A 1 73  ? 10.015  -3.801  1.351   1.00 65.66 ? 73  LYS A CD    1 
ATOM   595  C CE    . LYS A 1 73  ? 9.221   -3.374  2.586   1.00 68.64 ? 73  LYS A CE    1 
ATOM   596  N NZ    . LYS A 1 73  ? 9.793   -3.881  3.842   1.00 70.16 ? 73  LYS A NZ    1 
ATOM   597  N N     . GLY A 1 74  ? 10.407  0.239   -2.034  1.00 39.23 ? 74  GLY A N     1 
ATOM   598  C CA    . GLY A 1 74  ? 9.682   1.525   -2.133  1.00 36.91 ? 74  GLY A CA    1 
ATOM   599  C C     . GLY A 1 74  ? 10.072  2.253   -3.412  1.00 36.03 ? 74  GLY A C     1 
ATOM   600  O O     . GLY A 1 74  ? 9.158   2.859   -4.049  1.00 36.23 ? 74  GLY A O     1 
ATOM   601  N N     . ILE A 1 75  ? 11.425  2.194   -3.767  1.00 34.04 ? 75  ILE A N     1 
ATOM   602  C CA    . ILE A 1 75  ? 12.035  2.847   -4.957  1.00 33.02 ? 75  ILE A CA    1 
ATOM   603  C C     . ILE A 1 75  ? 11.272  2.676   -6.294  1.00 28.84 ? 75  ILE A C     1 
ATOM   604  O O     . ILE A 1 75  ? 10.927  3.701   -6.915  1.00 29.84 ? 75  ILE A O     1 
ATOM   605  C CB    . ILE A 1 75  ? 13.570  2.715   -5.071  1.00 37.37 ? 75  ILE A CB    1 
ATOM   606  C CG1   . ILE A 1 75  ? 14.208  2.761   -3.675  1.00 40.05 ? 75  ILE A CG1   1 
ATOM   607  C CG2   . ILE A 1 75  ? 14.187  3.783   -5.998  1.00 36.71 ? 75  ILE A CG2   1 
ATOM   608  C CD1   . ILE A 1 75  ? 15.693  2.379   -3.672  1.00 41.63 ? 75  ILE A CD1   1 
ATOM   609  N N     . PRO A 1 76  ? 10.970  1.423   -6.736  1.00 23.89 ? 76  PRO A N     1 
ATOM   610  C CA    . PRO A 1 76  ? 10.201  1.232   -7.949  1.00 22.64 ? 76  PRO A CA    1 
ATOM   611  C C     . PRO A 1 76  ? 8.802   1.799   -7.887  1.00 24.56 ? 76  PRO A C     1 
ATOM   612  O O     . PRO A 1 76  ? 8.210   2.124   -8.905  1.00 25.60 ? 76  PRO A O     1 
ATOM   613  C CB    . PRO A 1 76  ? 10.100  -0.252  -8.185  1.00 20.55 ? 76  PRO A CB    1 
ATOM   614  C CG    . PRO A 1 76  ? 11.230  -0.868  -7.405  1.00 21.34 ? 76  PRO A CG    1 
ATOM   615  C CD    . PRO A 1 76  ? 11.740  0.194   -6.452  1.00 22.61 ? 76  PRO A CD    1 
ATOM   616  N N     . ILE A 1 77  ? 8.254   1.921   -6.692  1.00 24.68 ? 77  ILE A N     1 
ATOM   617  C CA    . ILE A 1 77  ? 6.901   2.408   -6.600  1.00 24.94 ? 77  ILE A CA    1 
ATOM   618  C C     . ILE A 1 77  ? 6.817   3.897   -6.562  1.00 23.31 ? 77  ILE A C     1 
ATOM   619  O O     . ILE A 1 77  ? 5.937   4.495   -7.193  1.00 25.08 ? 77  ILE A O     1 
ATOM   620  C CB    . ILE A 1 77  ? 6.158   1.901   -5.398  1.00 27.93 ? 77  ILE A CB    1 
ATOM   621  C CG1   . ILE A 1 77  ? 6.169   0.372   -5.247  1.00 28.67 ? 77  ILE A CG1   1 
ATOM   622  C CG2   . ILE A 1 77  ? 4.731   2.444   -5.466  1.00 28.25 ? 77  ILE A CG2   1 
ATOM   623  C CD1   . ILE A 1 77  ? 5.427   -0.086  -3.974  1.00 28.61 ? 77  ILE A CD1   1 
ATOM   624  N N     . ALA A 1 78  ? 7.575   4.468   -5.652  1.00 20.26 ? 78  ALA A N     1 
ATOM   625  C CA    . ALA A 1 78  ? 7.634   5.901   -5.599  1.00 19.80 ? 78  ALA A CA    1 
ATOM   626  C C     . ALA A 1 78  ? 8.055   6.433   -6.997  1.00 22.24 ? 78  ALA A C     1 
ATOM   627  O O     . ALA A 1 78  ? 7.527   7.375   -7.508  1.00 25.03 ? 78  ALA A O     1 
ATOM   628  C CB    . ALA A 1 78  ? 8.607   6.343   -4.514  1.00 17.76 ? 78  ALA A CB    1 
ATOM   629  N N     . THR A 1 79  ? 8.964   5.782   -7.700  1.00 21.92 ? 79  THR A N     1 
ATOM   630  C CA    . THR A 1 79  ? 9.334   6.265   -9.056  1.00 20.06 ? 79  THR A CA    1 
ATOM   631  C C     . THR A 1 79  ? 8.148   6.248   -10.055 1.00 17.52 ? 79  THR A C     1 
ATOM   632  O O     . THR A 1 79  ? 7.804   7.248   -10.649 1.00 16.00 ? 79  THR A O     1 
ATOM   633  C CB    . THR A 1 79  ? 10.622  5.526   -9.542  1.00 19.13 ? 79  THR A CB    1 
ATOM   634  O OG1   . THR A 1 79  ? 11.489  5.382   -8.409  1.00 19.61 ? 79  THR A OG1   1 
ATOM   635  C CG2   . THR A 1 79  ? 11.367  6.283   -10.627 1.00 17.99 ? 79  THR A CG2   1 
ATOM   636  N N     . THR A 1 80  ? 7.398   5.144   -10.075 1.00 17.73 ? 80  THR A N     1 
ATOM   637  C CA    . THR A 1 80  ? 6.241   4.998   -10.937 1.00 17.13 ? 80  THR A CA    1 
ATOM   638  C C     . THR A 1 80  ? 5.078   5.907   -10.583 1.00 17.68 ? 80  THR A C     1 
ATOM   639  O O     . THR A 1 80  ? 4.466   6.552   -11.456 1.00 19.49 ? 80  THR A O     1 
ATOM   640  C CB    . THR A 1 80  ? 5.882   3.514   -11.318 1.00 18.04 ? 80  THR A CB    1 
ATOM   641  O OG1   . THR A 1 80  ? 4.934   3.444   -12.408 1.00 17.49 ? 80  THR A OG1   1 
ATOM   642  C CG2   . THR A 1 80  ? 5.417   2.671   -10.115 1.00 18.53 ? 80  THR A CG2   1 
ATOM   643  N N     . THR A 1 81  ? 4.803   6.024   -9.289  1.00 17.57 ? 81  THR A N     1 
ATOM   644  C CA    . THR A 1 81  ? 3.730   6.884   -8.817  1.00 15.00 ? 81  THR A CA    1 
ATOM   645  C C     . THR A 1 81  ? 4.014   8.294   -9.185  1.00 15.19 ? 81  THR A C     1 
ATOM   646  O O     . THR A 1 81  ? 3.073   9.043   -9.474  1.00 15.41 ? 81  THR A O     1 
ATOM   647  C CB    . THR A 1 81  ? 3.607   6.801   -7.314  1.00 11.66 ? 81  THR A CB    1 
ATOM   648  O OG1   . THR A 1 81  ? 2.986   5.570   -6.973  1.00 12.79 ? 81  THR A OG1   1 
ATOM   649  C CG2   . THR A 1 81  ? 2.828   8.006   -6.818  1.00 8.35  ? 81  THR A CG2   1 
ATOM   650  N N     . ALA A 1 82  ? 5.344   8.629   -9.163  1.00 15.40 ? 82  ALA A N     1 
ATOM   651  C CA    . ALA A 1 82  ? 5.838   9.978   -9.509  1.00 14.81 ? 82  ALA A CA    1 
ATOM   652  C C     . ALA A 1 82  ? 5.582   10.266  -10.946 1.00 17.62 ? 82  ALA A C     1 
ATOM   653  O O     . ALA A 1 82  ? 5.102   11.384  -11.232 1.00 17.87 ? 82  ALA A O     1 
ATOM   654  C CB    . ALA A 1 82  ? 7.273   10.331  -9.175  1.00 11.02 ? 82  ALA A CB    1 
ATOM   655  N N     . VAL A 1 83  ? 5.820   9.245   -11.838 1.00 17.70 ? 83  VAL A N     1 
ATOM   656  C CA    . VAL A 1 83  ? 5.585   9.469   -13.268 1.00 17.62 ? 83  VAL A CA    1 
ATOM   657  C C     . VAL A 1 83  ? 4.169   9.473   -13.649 1.00 18.77 ? 83  VAL A C     1 
ATOM   658  O O     . VAL A 1 83  ? 3.781   10.341  -14.428 1.00 20.42 ? 83  VAL A O     1 
ATOM   659  C CB    . VAL A 1 83  ? 6.533   8.978   -14.353 1.00 16.05 ? 83  VAL A CB    1 
ATOM   660  C CG1   . VAL A 1 83  ? 7.484   7.914   -13.833 1.00 16.81 ? 83  VAL A CG1   1 
ATOM   661  C CG2   . VAL A 1 83  ? 5.717   8.406   -15.481 1.00 14.53 ? 83  VAL A CG2   1 
ATOM   662  N N     . ALA A 1 84  ? 3.398   8.573   -13.037 1.00 17.99 ? 84  ALA A N     1 
ATOM   663  C CA    . ALA A 1 84  ? 1.949   8.582   -13.215 1.00 18.82 ? 84  ALA A CA    1 
ATOM   664  C C     . ALA A 1 84  ? 1.427   9.981   -12.975 1.00 18.88 ? 84  ALA A C     1 
ATOM   665  O O     . ALA A 1 84  ? 0.746   10.586  -13.800 1.00 21.17 ? 84  ALA A O     1 
ATOM   666  C CB    . ALA A 1 84  ? 1.327   7.758   -12.106 1.00 21.65 ? 84  ALA A CB    1 
ATOM   667  N N     . LEU A 1 85  ? 1.716   10.452  -11.757 1.00 17.08 ? 85  LEU A N     1 
ATOM   668  C CA    . LEU A 1 85  ? 1.352   11.750  -11.267 1.00 16.35 ? 85  LEU A CA    1 
ATOM   669  C C     . LEU A 1 85  ? 1.674   12.918  -12.229 1.00 20.84 ? 85  LEU A C     1 
ATOM   670  O O     . LEU A 1 85  ? 1.005   13.911  -12.245 1.00 23.65 ? 85  LEU A O     1 
ATOM   671  C CB    . LEU A 1 85  ? 2.027   11.939  -9.902  1.00 14.84 ? 85  LEU A CB    1 
ATOM   672  C CG    . LEU A 1 85  ? 1.110   12.330  -8.735  1.00 13.85 ? 85  LEU A CG    1 
ATOM   673  C CD1   . LEU A 1 85  ? -0.140  11.441  -8.739  1.00 17.18 ? 85  LEU A CD1   1 
ATOM   674  C CD2   . LEU A 1 85  ? 1.830   12.189  -7.412  1.00 8.25  ? 85  LEU A CD2   1 
ATOM   675  N N     . ALA A 1 86  ? 2.719   12.848  -13.034 1.00 22.18 ? 86  ALA A N     1 
ATOM   676  C CA    . ALA A 1 86  ? 3.024   13.972  -13.894 1.00 20.72 ? 86  ALA A CA    1 
ATOM   677  C C     . ALA A 1 86  ? 2.531   13.782  -15.317 1.00 21.55 ? 86  ALA A C     1 
ATOM   678  O O     . ALA A 1 86  ? 2.116   14.706  -15.996 1.00 20.47 ? 86  ALA A O     1 
ATOM   679  C CB    . ALA A 1 86  ? 4.492   14.297  -13.823 1.00 20.07 ? 86  ALA A CB    1 
ATOM   680  N N     . GLU A 1 87  ? 2.506   12.553  -15.764 1.00 23.93 ? 87  GLU A N     1 
ATOM   681  C CA    . GLU A 1 87  ? 2.005   12.261  -17.083 1.00 25.17 ? 87  GLU A CA    1 
ATOM   682  C C     . GLU A 1 87  ? 0.515   12.382  -17.164 1.00 25.52 ? 87  GLU A C     1 
ATOM   683  O O     . GLU A 1 87  ? -0.092  12.754  -18.187 1.00 26.75 ? 87  GLU A O     1 
ATOM   684  C CB    . GLU A 1 87  ? 2.317   10.826  -17.444 1.00 27.91 ? 87  GLU A CB    1 
ATOM   685  C CG    . GLU A 1 87  ? 3.825   10.549  -17.509 1.00 32.62 ? 87  GLU A CG    1 
ATOM   686  C CD    . GLU A 1 87  ? 4.447   10.914  -18.833 1.00 35.58 ? 87  GLU A CD    1 
ATOM   687  O OE1   . GLU A 1 87  ? 4.458   10.157  -19.795 1.00 37.83 ? 87  GLU A OE1   1 
ATOM   688  O OE2   . GLU A 1 87  ? 5.018   12.095  -18.819 1.00 34.80 ? 87  GLU A OE2   1 
ATOM   689  N N     . HIS A 1 88  ? -0.069  11.922  -16.097 1.00 25.24 ? 88  HIS A N     1 
ATOM   690  C CA    . HIS A 1 88  ? -1.472  11.653  -16.030 1.00 22.31 ? 88  HIS A CA    1 
ATOM   691  C C     . HIS A 1 88  ? -2.333  12.628  -15.306 1.00 23.51 ? 88  HIS A C     1 
ATOM   692  O O     . HIS A 1 88  ? -3.429  12.807  -15.721 1.00 23.09 ? 88  HIS A O     1 
ATOM   693  C CB    . HIS A 1 88  ? -1.626  10.257  -15.507 1.00 20.93 ? 88  HIS A CB    1 
ATOM   694  C CG    . HIS A 1 88  ? -1.190  9.279   -16.558 1.00 20.78 ? 88  HIS A CG    1 
ATOM   695  N ND1   . HIS A 1 88  ? -0.228  8.322   -16.309 1.00 20.38 ? 88  HIS A ND1   1 
ATOM   696  C CD2   . HIS A 1 88  ? -1.588  9.162   -17.850 1.00 20.04 ? 88  HIS A CD2   1 
ATOM   697  C CE1   . HIS A 1 88  ? -0.064  7.660   -17.434 1.00 19.84 ? 88  HIS A CE1   1 
ATOM   698  N NE2   . HIS A 1 88  ? -0.901  8.107   -18.353 1.00 19.79 ? 88  HIS A NE2   1 
ATOM   699  N N     . HIS A 1 89  ? -1.831  13.240  -14.229 1.00 27.07 ? 89  HIS A N     1 
ATOM   700  C CA    . HIS A 1 89  ? -2.573  14.219  -13.427 1.00 28.63 ? 89  HIS A CA    1 
ATOM   701  C C     . HIS A 1 89  ? -1.931  15.623  -13.497 1.00 32.61 ? 89  HIS A C     1 
ATOM   702  O O     . HIS A 1 89  ? -2.370  16.588  -12.861 1.00 35.09 ? 89  HIS A O     1 
ATOM   703  C CB    . HIS A 1 89  ? -2.812  13.759  -11.918 1.00 26.26 ? 89  HIS A CB    1 
ATOM   704  C CG    . HIS A 1 89  ? -3.322  12.353  -11.847 1.00 27.01 ? 89  HIS A CG    1 
ATOM   705  N ND1   . HIS A 1 89  ? -4.659  12.047  -12.040 1.00 26.81 ? 89  HIS A ND1   1 
ATOM   706  C CD2   . HIS A 1 89  ? -2.645  11.151  -11.752 1.00 27.97 ? 89  HIS A CD2   1 
ATOM   707  C CE1   . HIS A 1 89  ? -4.771  10.705  -12.067 1.00 26.16 ? 89  HIS A CE1   1 
ATOM   708  N NE2   . HIS A 1 89  ? -3.581  10.130  -11.889 1.00 26.48 ? 89  HIS A NE2   1 
ATOM   709  N N     . ASP A 1 90  ? -0.820  15.748  -14.179 1.00 34.03 ? 90  ASP A N     1 
ATOM   710  C CA    . ASP A 1 90  ? -0.116  17.033  -14.152 1.00 35.46 ? 90  ASP A CA    1 
ATOM   711  C C     . ASP A 1 90  ? 0.391   17.439  -12.770 1.00 33.90 ? 90  ASP A C     1 
ATOM   712  O O     . ASP A 1 90  ? 0.609   18.571  -12.476 1.00 36.59 ? 90  ASP A O     1 
ATOM   713  C CB    . ASP A 1 90  ? -0.917  18.159  -14.800 1.00 37.79 ? 90  ASP A CB    1 
ATOM   714  C CG    . ASP A 1 90  ? -0.827  18.094  -16.307 1.00 40.35 ? 90  ASP A CG    1 
ATOM   715  O OD1   . ASP A 1 90  ? -1.181  16.905  -16.801 1.00 40.28 ? 90  ASP A OD1   1 
ATOM   716  O OD2   . ASP A 1 90  ? -0.416  19.035  -16.980 1.00 41.80 ? 90  ASP A OD2   1 
ATOM   717  N N     . LYS A 1 91  ? 0.625   16.519  -11.916 1.00 29.57 ? 91  LYS A N     1 
ATOM   718  C CA    . LYS A 1 91  ? 1.142   16.891  -10.676 1.00 27.84 ? 91  LYS A CA    1 
ATOM   719  C C     . LYS A 1 91  ? 2.594   16.646  -10.799 1.00 26.99 ? 91  LYS A C     1 
ATOM   720  O O     . LYS A 1 91  ? 3.017   15.571  -11.232 1.00 29.93 ? 91  LYS A O     1 
ATOM   721  C CB    . LYS A 1 91  ? 0.544   16.005  -9.587  1.00 31.95 ? 91  LYS A CB    1 
ATOM   722  C CG    . LYS A 1 91  ? -0.747  16.525  -8.952  1.00 34.58 ? 91  LYS A CG    1 
ATOM   723  C CD    . LYS A 1 91  ? -0.565  16.794  -7.464  1.00 37.10 ? 91  LYS A CD    1 
ATOM   724  C CE    . LYS A 1 91  ? -0.741  18.272  -7.058  1.00 39.60 ? 91  LYS A CE    1 
ATOM   725  N NZ    . LYS A 1 91  ? 0.417   19.178  -7.318  1.00 40.80 ? 91  LYS A NZ    1 
ATOM   726  N N     . ASP A 1 92  ? 3.373   17.651  -10.546 1.00 24.84 ? 92  ASP A N     1 
ATOM   727  C CA    . ASP A 1 92  ? 4.800   17.507  -10.585 1.00 22.58 ? 92  ASP A CA    1 
ATOM   728  C C     . ASP A 1 92  ? 5.293   17.551  -9.181  1.00 22.14 ? 92  ASP A C     1 
ATOM   729  O O     . ASP A 1 92  ? 5.081   18.523  -8.457  1.00 24.05 ? 92  ASP A O     1 
ATOM   730  C CB    . ASP A 1 92  ? 5.516   18.583  -11.429 1.00 24.05 ? 92  ASP A CB    1 
ATOM   731  C CG    . ASP A 1 92  ? 6.961   18.216  -11.807 1.00 26.96 ? 92  ASP A CG    1 
ATOM   732  O OD1   . ASP A 1 92  ? 7.309   17.099  -12.186 1.00 28.44 ? 92  ASP A OD1   1 
ATOM   733  O OD2   . ASP A 1 92  ? 7.781   19.239  -11.802 1.00 27.93 ? 92  ASP A OD2   1 
ATOM   734  N N     . LEU A 1 93  ? 5.835   16.446  -8.753  1.00 20.44 ? 93  LEU A N     1 
ATOM   735  C CA    . LEU A 1 93  ? 6.276   16.347  -7.415  1.00 20.06 ? 93  LEU A CA    1 
ATOM   736  C C     . LEU A 1 93  ? 7.637   15.756  -7.358  1.00 18.45 ? 93  LEU A C     1 
ATOM   737  O O     . LEU A 1 93  ? 8.090   15.100  -8.242  1.00 17.73 ? 93  LEU A O     1 
ATOM   738  C CB    . LEU A 1 93  ? 5.302   15.517  -6.548  1.00 24.67 ? 93  LEU A CB    1 
ATOM   739  C CG    . LEU A 1 93  ? 4.109   16.316  -5.959  1.00 27.40 ? 93  LEU A CG    1 
ATOM   740  C CD1   . LEU A 1 93  ? 2.806   15.518  -6.144  1.00 27.28 ? 93  LEU A CD1   1 
ATOM   741  C CD2   . LEU A 1 93  ? 4.329   16.672  -4.469  1.00 28.18 ? 93  LEU A CD2   1 
ATOM   742  N N     . PRO A 1 94  ? 8.277   16.029  -6.288  1.00 20.78 ? 94  PRO A N     1 
ATOM   743  C CA    . PRO A 1 94  ? 9.607   15.590  -6.056  1.00 22.78 ? 94  PRO A CA    1 
ATOM   744  C C     . PRO A 1 94  ? 9.677   14.352  -5.202  1.00 22.76 ? 94  PRO A C     1 
ATOM   745  O O     . PRO A 1 94  ? 9.108   14.205  -4.104  1.00 20.68 ? 94  PRO A O     1 
ATOM   746  C CB    . PRO A 1 94  ? 10.377  16.754  -5.416  1.00 23.18 ? 94  PRO A CB    1 
ATOM   747  C CG    . PRO A 1 94  ? 9.405   17.922  -5.316  1.00 22.55 ? 94  PRO A CG    1 
ATOM   748  C CD    . PRO A 1 94  ? 8.086   17.453  -5.915  1.00 21.80 ? 94  PRO A CD    1 
ATOM   749  N N     . TYR A 1 95  ? 10.378  13.449  -5.782  1.00 24.63 ? 95  TYR A N     1 
ATOM   750  C CA    . TYR A 1 95  ? 10.553  12.233  -5.185  1.00 27.16 ? 95  TYR A CA    1 
ATOM   751  C C     . TYR A 1 95  ? 11.903  12.179  -4.587  1.00 29.80 ? 95  TYR A C     1 
ATOM   752  O O     . TYR A 1 95  ? 12.838  12.833  -5.068  1.00 31.75 ? 95  TYR A O     1 
ATOM   753  C CB    . TYR A 1 95  ? 10.444  11.163  -6.273  1.00 28.32 ? 95  TYR A CB    1 
ATOM   754  C CG    . TYR A 1 95  ? 11.806  10.802  -6.852  1.00 31.30 ? 95  TYR A CG    1 
ATOM   755  C CD1   . TYR A 1 95  ? 12.607  11.808  -7.402  1.00 31.80 ? 95  TYR A CD1   1 
ATOM   756  C CD2   . TYR A 1 95  ? 12.303  9.501   -6.717  1.00 31.75 ? 95  TYR A CD2   1 
ATOM   757  C CE1   . TYR A 1 95  ? 13.912  11.514  -7.814  1.00 32.98 ? 95  TYR A CE1   1 
ATOM   758  C CE2   . TYR A 1 95  ? 13.606  9.205   -7.134  1.00 31.62 ? 95  TYR A CE2   1 
ATOM   759  C CZ    . TYR A 1 95  ? 14.412  10.214  -7.677  1.00 32.99 ? 95  TYR A CZ    1 
ATOM   760  O OH    . TYR A 1 95  ? 15.681  9.930   -8.076  1.00 34.04 ? 95  TYR A OH    1 
ATOM   761  N N     . CYS A 1 96  ? 11.980  11.399  -3.567  1.00 31.09 ? 96  CYS A N     1 
ATOM   762  C CA    . CYS A 1 96  ? 13.235  10.879  -3.158  1.00 35.50 ? 96  CYS A CA    1 
ATOM   763  C C     . CYS A 1 96  ? 13.100  9.569   -2.409  1.00 38.01 ? 96  CYS A C     1 
ATOM   764  O O     . CYS A 1 96  ? 11.992  9.063   -2.194  1.00 39.96 ? 96  CYS A O     1 
ATOM   765  C CB    . CYS A 1 96  ? 13.957  11.825  -2.238  1.00 39.00 ? 96  CYS A CB    1 
ATOM   766  S SG    . CYS A 1 96  ? 13.496  11.382  -0.534  1.00 42.67 ? 96  CYS A SG    1 
ATOM   767  N N     . PHE A 1 97  ? 14.270  9.075   -2.026  1.00 39.59 ? 97  PHE A N     1 
ATOM   768  C CA    . PHE A 1 97  ? 14.404  7.806   -1.303  1.00 42.68 ? 97  PHE A CA    1 
ATOM   769  C C     . PHE A 1 97  ? 15.668  7.818   -0.433  1.00 42.22 ? 97  PHE A C     1 
ATOM   770  O O     . PHE A 1 97  ? 16.492  8.742   -0.510  1.00 41.15 ? 97  PHE A O     1 
ATOM   771  C CB    . PHE A 1 97  ? 14.305  6.631   -2.281  1.00 47.48 ? 97  PHE A CB    1 
ATOM   772  C CG    . PHE A 1 97  ? 15.243  6.757   -3.486  1.00 51.60 ? 97  PHE A CG    1 
ATOM   773  C CD1   . PHE A 1 97  ? 16.592  6.402   -3.364  1.00 53.24 ? 97  PHE A CD1   1 
ATOM   774  C CD2   . PHE A 1 97  ? 14.741  7.175   -4.726  1.00 53.41 ? 97  PHE A CD2   1 
ATOM   775  C CE1   . PHE A 1 97  ? 17.436  6.459   -4.481  1.00 54.68 ? 97  PHE A CE1   1 
ATOM   776  C CE2   . PHE A 1 97  ? 15.584  7.229   -5.842  1.00 54.87 ? 97  PHE A CE2   1 
ATOM   777  C CZ    . PHE A 1 97  ? 16.931  6.870   -5.720  1.00 55.34 ? 97  PHE A CZ    1 
ATOM   778  N N     . ASN A 1 98  ? 15.773  6.770   0.368   1.00 43.00 ? 98  ASN A N     1 
ATOM   779  C CA    . ASN A 1 98  ? 16.802  6.659   1.412   1.00 43.93 ? 98  ASN A CA    1 
ATOM   780  C C     . ASN A 1 98  ? 17.760  5.506   1.098   1.00 44.18 ? 98  ASN A C     1 
ATOM   781  O O     . ASN A 1 98  ? 17.329  4.404   0.719   1.00 43.60 ? 98  ASN A O     1 
ATOM   782  C CB    . ASN A 1 98  ? 16.141  6.493   2.783   1.00 43.81 ? 98  ASN A CB    1 
ATOM   783  C CG    . ASN A 1 98  ? 16.200  5.058   3.310   1.00 43.90 ? 98  ASN A CG    1 
ATOM   784  O OD1   . ASN A 1 98  ? 15.520  4.181   2.779   1.00 43.22 ? 98  ASN A OD1   1 
ATOM   785  N ND2   . ASN A 1 98  ? 16.978  4.762   4.334   1.00 44.97 ? 98  ASN A ND2   1 
ATOM   786  N N     . ARG A 1 99  ? 19.031  5.816   1.277   1.00 44.79 ? 99  ARG A N     1 
ATOM   787  C CA    . ARG A 1 99  ? 20.128  4.852   1.131   1.00 44.92 ? 99  ARG A CA    1 
ATOM   788  C C     . ARG A 1 99  ? 20.309  4.064   2.425   1.00 46.84 ? 99  ARG A C     1 
ATOM   789  O O     . ARG A 1 99  ? 20.741  4.610   3.451   1.00 47.41 ? 99  ARG A O     1 
ATOM   790  C CB    . ARG A 1 99  ? 21.453  5.598   0.953   1.00 44.45 ? 99  ARG A CB    1 
ATOM   791  C CG    . ARG A 1 99  ? 22.541  4.736   0.310   1.00 47.27 ? 99  ARG A CG    1 
ATOM   792  C CD    . ARG A 1 99  ? 23.770  5.544   -0.115  1.00 49.02 ? 99  ARG A CD    1 
ATOM   793  N NE    . ARG A 1 99  ? 23.750  5.916   -1.536  1.00 49.80 ? 99  ARG A NE    1 
ATOM   794  C CZ    . ARG A 1 99  ? 23.414  7.131   -1.988  1.00 51.47 ? 99  ARG A CZ    1 
ATOM   795  N NH1   . ARG A 1 99  ? 23.064  8.109   -1.141  1.00 50.29 ? 99  ARG A NH1   1 
ATOM   796  N NH2   . ARG A 1 99  ? 23.396  7.470   -3.284  1.00 53.11 ? 99  ARG A NH2   1 
ATOM   797  N N     . LYS A 1 100 ? 19.968  2.798   2.327   1.00 47.80 ? 100 LYS A N     1 
ATOM   798  C CA    . LYS A 1 100 ? 20.143  1.835   3.420   1.00 48.45 ? 100 LYS A CA    1 
ATOM   799  C C     . LYS A 1 100 ? 21.583  1.319   3.428   1.00 49.00 ? 100 LYS A C     1 
ATOM   800  O O     . LYS A 1 100 ? 21.864  0.199   2.983   1.00 50.61 ? 100 LYS A O     1 
ATOM   801  C CB    . LYS A 1 100 ? 19.291  0.595   3.153   1.00 49.51 ? 100 LYS A CB    1 
ATOM   802  C CG    . LYS A 1 100 ? 18.755  -0.052  4.429   1.00 51.32 ? 100 LYS A CG    1 
ATOM   803  C CD    . LYS A 1 100 ? 18.024  -1.370  4.166   1.00 52.49 ? 100 LYS A CD    1 
ATOM   804  C CE    . LYS A 1 100 ? 16.896  -1.637  5.162   1.00 51.93 ? 100 LYS A CE    1 
ATOM   805  N NZ    . LYS A 1 100 ? 15.696  -0.825  4.906   1.00 51.29 ? 100 LYS A NZ    1 
ATOM   806  N N     . ALA A 1 101 ? 22.468  2.157   3.940   1.00 0.00  ? 101 ALA A N     1 
ATOM   807  C CA    . ALA A 1 101 ? 23.918  1.933   3.825   1.00 0.00  ? 101 ALA A CA    1 
ATOM   808  C C     . ALA A 1 101 ? 24.621  2.205   5.158   1.00 0.00  ? 101 ALA A C     1 
ATOM   809  O O     . ALA A 1 101 ? 24.484  3.292   5.742   1.00 0.00  ? 101 ALA A O     1 
ATOM   810  C CB    . ALA A 1 101 ? 24.508  2.866   2.766   1.00 0.00  ? 101 ALA A CB    1 
ATOM   811  N N     . ALA A 1 102 ? 25.364  1.195   5.587   1.00 0.00  ? 102 ALA A N     1 
ATOM   812  C CA    . ALA A 1 102 ? 26.482  1.369   6.525   1.00 0.00  ? 102 ALA A CA    1 
ATOM   813  C C     . ALA A 1 102 ? 27.447  2.410   5.953   1.00 0.00  ? 102 ALA A C     1 
ATOM   814  O O     . ALA A 1 102 ? 28.533  2.645   6.504   1.00 0.00  ? 102 ALA A O     1 
ATOM   815  C CB    . ALA A 1 102 ? 27.216  0.041   6.718   1.00 0.00  ? 102 ALA A CB    1 
ATOM   816  N N     . GLY A 1 108 ? 23.255  5.057   5.949   1.00 76.45 ? 108 GLY A N     1 
ATOM   817  C CA    . GLY A 1 108 ? 22.640  6.181   6.655   1.00 75.61 ? 108 GLY A CA    1 
ATOM   818  C C     . GLY A 1 108 ? 21.691  6.926   5.738   1.00 74.39 ? 108 GLY A C     1 
ATOM   819  O O     . GLY A 1 108 ? 21.759  6.780   4.490   1.00 74.57 ? 108 GLY A O     1 
ATOM   820  N N     . GLY A 1 109 ? 20.844  7.746   6.405   1.00 72.67 ? 109 GLY A N     1 
ATOM   821  C CA    . GLY A 1 109 ? 19.798  8.586   5.823   1.00 70.99 ? 109 GLY A CA    1 
ATOM   822  C C     . GLY A 1 109 ? 19.945  8.868   4.331   1.00 68.82 ? 109 GLY A C     1 
ATOM   823  O O     . GLY A 1 109 ? 18.944  8.785   3.592   1.00 69.34 ? 109 GLY A O     1 
ATOM   824  N N     . SER A 1 110 ? 21.190  9.253   3.969   1.00 66.29 ? 110 SER A N     1 
ATOM   825  C CA    . SER A 1 110 ? 21.679  9.529   2.644   1.00 64.04 ? 110 SER A CA    1 
ATOM   826  C C     . SER A 1 110 ? 20.595  9.482   1.579   1.00 63.06 ? 110 SER A C     1 
ATOM   827  O O     . SER A 1 110 ? 20.446  8.490   0.852   1.00 65.70 ? 110 SER A O     1 
ATOM   828  C CB    . SER A 1 110 ? 22.797  8.567   2.324   1.00 64.49 ? 110 SER A CB    1 
ATOM   829  O OG    . SER A 1 110 ? 23.992  9.303   2.157   1.00 65.93 ? 110 SER A OG    1 
ATOM   830  N N     . LEU A 1 111 ? 19.688  10.455  1.653   1.00 58.84 ? 111 LEU A N     1 
ATOM   831  C CA    . LEU A 1 111 ? 18.590  10.450  0.728   1.00 53.53 ? 111 LEU A CA    1 
ATOM   832  C C     . LEU A 1 111 ? 19.060  10.652  -0.658  1.00 50.15 ? 111 LEU A C     1 
ATOM   833  O O     . LEU A 1 111 ? 20.053  11.339  -0.924  1.00 49.34 ? 111 LEU A O     1 
ATOM   834  C CB    . LEU A 1 111 ? 17.450  11.420  1.031   1.00 51.78 ? 111 LEU A CB    1 
ATOM   835  C CG    . LEU A 1 111 ? 17.219  11.612  2.497   1.00 49.44 ? 111 LEU A CG    1 
ATOM   836  C CD1   . LEU A 1 111 ? 17.591  13.039  2.834   1.00 48.44 ? 111 LEU A CD1   1 
ATOM   837  C CD2   . LEU A 1 111 ? 15.736  11.390  2.758   1.00 50.27 ? 111 LEU A CD2   1 
ATOM   838  N N     . VAL A 1 112 ? 18.226  10.132  -1.514  1.00 48.63 ? 112 VAL A N     1 
ATOM   839  C CA    . VAL A 1 112 ? 18.432  10.137  -2.915  1.00 46.28 ? 112 VAL A CA    1 
ATOM   840  C C     . VAL A 1 112 ? 17.269  10.790  -3.611  1.00 44.44 ? 112 VAL A C     1 
ATOM   841  O O     . VAL A 1 112 ? 16.224  10.173  -3.822  1.00 46.08 ? 112 VAL A O     1 
ATOM   842  C CB    . VAL A 1 112 ? 18.610  8.698   -3.382  1.00 44.40 ? 112 VAL A CB    1 
ATOM   843  C CG1   . VAL A 1 112 ? 19.293  8.689   -4.742  1.00 43.54 ? 112 VAL A CG1   1 
ATOM   844  C CG2   . VAL A 1 112 ? 19.435  7.947   -2.334  1.00 43.68 ? 112 VAL A CG2   1 
ATOM   845  N N     . GLY A 1 113 ? 17.484  12.013  -4.009  1.00 41.45 ? 113 GLY A N     1 
ATOM   846  C CA    . GLY A 1 113 ? 16.485  12.750  -4.726  1.00 40.91 ? 113 GLY A CA    1 
ATOM   847  C C     . GLY A 1 113 ? 16.270  14.074  -4.047  1.00 41.65 ? 113 GLY A C     1 
ATOM   848  O O     . GLY A 1 113 ? 17.169  14.583  -3.381  1.00 42.29 ? 113 GLY A O     1 
ATOM   849  N N     . SER A 1 114 ? 15.056  14.586  -4.098  1.00 42.80 ? 114 SER A N     1 
ATOM   850  C CA    . SER A 1 114 ? 14.825  15.854  -3.453  1.00 45.47 ? 114 SER A CA    1 
ATOM   851  C C     . SER A 1 114 ? 15.105  15.978  -1.926  1.00 49.83 ? 114 SER A C     1 
ATOM   852  O O     . SER A 1 114 ? 15.678  15.081  -1.264  1.00 50.99 ? 114 SER A O     1 
ATOM   853  C CB    . SER A 1 114 ? 13.782  16.778  -4.095  1.00 44.49 ? 114 SER A CB    1 
ATOM   854  O OG    . SER A 1 114 ? 13.552  16.403  -5.456  1.00 44.27 ? 114 SER A OG    1 
ATOM   855  N N     . ALA A 1 115 ? 14.657  17.140  -1.413  1.00 52.31 ? 115 ALA A N     1 
ATOM   856  C CA    . ALA A 1 115 ? 14.810  17.732  -0.056  1.00 51.91 ? 115 ALA A CA    1 
ATOM   857  C C     . ALA A 1 115 ? 14.808  16.858  1.193   1.00 50.98 ? 115 ALA A C     1 
ATOM   858  O O     . ALA A 1 115 ? 15.746  16.919  2.022   1.00 51.59 ? 115 ALA A O     1 
ATOM   859  C CB    . ALA A 1 115 ? 13.729  18.810  0.141   1.00 51.47 ? 115 ALA A CB    1 
ATOM   860  N N     . LEU A 1 116 ? 13.649  16.191  1.376   1.00 48.99 ? 116 LEU A N     1 
ATOM   861  C CA    . LEU A 1 116 ? 13.129  15.695  2.633   1.00 46.94 ? 116 LEU A CA    1 
ATOM   862  C C     . LEU A 1 116 ? 12.708  16.946  3.401   1.00 45.84 ? 116 LEU A C     1 
ATOM   863  O O     . LEU A 1 116 ? 13.179  17.225  4.510   1.00 45.16 ? 116 LEU A O     1 
ATOM   864  C CB    . LEU A 1 116 ? 14.036  14.779  3.486   1.00 45.02 ? 116 LEU A CB    1 
ATOM   865  C CG    . LEU A 1 116 ? 13.584  13.309  3.474   1.00 43.30 ? 116 LEU A CG    1 
ATOM   866  C CD1   . LEU A 1 116 ? 13.721  12.678  4.856   1.00 43.23 ? 116 LEU A CD1   1 
ATOM   867  C CD2   . LEU A 1 116 ? 12.166  13.149  2.943   1.00 41.98 ? 116 LEU A CD2   1 
ATOM   868  N N     . GLN A 1 117 ? 12.003  17.808  2.667   1.00 45.19 ? 117 GLN A N     1 
ATOM   869  C CA    . GLN A 1 117 ? 11.534  19.043  3.215   1.00 46.19 ? 117 GLN A CA    1 
ATOM   870  C C     . GLN A 1 117 ? 10.028  19.115  3.039   1.00 43.33 ? 117 GLN A C     1 
ATOM   871  O O     . GLN A 1 117 ? 9.536   18.792  1.932   1.00 42.80 ? 117 GLN A O     1 
ATOM   872  C CB    . GLN A 1 117 ? 12.266  20.290  2.624   1.00 50.11 ? 117 GLN A CB    1 
ATOM   873  C CG    . GLN A 1 117 ? 12.806  21.322  3.688   1.00 54.10 ? 117 GLN A CG    1 
ATOM   874  C CD    . GLN A 1 117 ? 14.010  22.202  3.231   1.00 58.09 ? 117 GLN A CD    1 
ATOM   875  O OE1   . GLN A 1 117 ? 13.841  23.373  2.797   1.00 59.16 ? 117 GLN A OE1   1 
ATOM   876  N NE2   . GLN A 1 117 ? 15.241  21.652  3.331   1.00 59.82 ? 117 GLN A NE2   1 
ATOM   877  N N     . GLY A 1 118 ? 9.322   19.459  4.165   1.00 39.90 ? 118 GLY A N     1 
ATOM   878  C CA    . GLY A 1 118 ? 7.888   19.658  4.169   1.00 37.94 ? 118 GLY A CA    1 
ATOM   879  C C     . GLY A 1 118 ? 7.067   18.401  4.451   1.00 36.86 ? 118 GLY A C     1 
ATOM   880  O O     . GLY A 1 118 ? 7.428   17.606  5.321   1.00 38.69 ? 118 GLY A O     1 
ATOM   881  N N     . ARG A 1 119 ? 5.924   18.264  3.719   1.00 33.38 ? 119 ARG A N     1 
ATOM   882  C CA    . ARG A 1 119 ? 4.909   17.210  3.935   1.00 29.41 ? 119 ARG A CA    1 
ATOM   883  C C     . ARG A 1 119 ? 5.123   15.971  3.092   1.00 26.41 ? 119 ARG A C     1 
ATOM   884  O O     . ARG A 1 119 ? 4.621   15.876  1.950   1.00 26.06 ? 119 ARG A O     1 
ATOM   885  C CB    . ARG A 1 119 ? 3.487   17.700  3.671   1.00 28.73 ? 119 ARG A CB    1 
ATOM   886  C CG    . ARG A 1 119 ? 3.010   18.803  4.603   1.00 29.07 ? 119 ARG A CG    1 
ATOM   887  C CD    . ARG A 1 119 ? 1.930   19.709  3.991   1.00 30.51 ? 119 ARG A CD    1 
ATOM   888  N NE    . ARG A 1 119 ? 2.213   20.190  2.630   1.00 34.99 ? 119 ARG A NE    1 
ATOM   889  C CZ    . ARG A 1 119 ? 1.355   20.960  1.868   1.00 40.15 ? 119 ARG A CZ    1 
ATOM   890  N NH1   . ARG A 1 119 ? 0.141   21.361  2.322   1.00 40.02 ? 119 ARG A NH1   1 
ATOM   891  N NH2   . ARG A 1 119 ? 1.721   21.333  0.607   1.00 43.25 ? 119 ARG A NH2   1 
ATOM   892  N N     . VAL A 1 120 ? 5.818   14.994  3.672   1.00 22.36 ? 120 VAL A N     1 
ATOM   893  C CA    . VAL A 1 120 ? 6.118   13.792  2.956   1.00 18.79 ? 120 VAL A CA    1 
ATOM   894  C C     . VAL A 1 120 ? 4.930   12.938  2.771   1.00 15.88 ? 120 VAL A C     1 
ATOM   895  O O     . VAL A 1 120 ? 4.259   12.669  3.710   1.00 14.17 ? 120 VAL A O     1 
ATOM   896  C CB    . VAL A 1 120 ? 7.098   12.974  3.735   1.00 19.30 ? 120 VAL A CB    1 
ATOM   897  C CG1   . VAL A 1 120 ? 7.128   11.528  3.200   1.00 20.91 ? 120 VAL A CG1   1 
ATOM   898  C CG2   . VAL A 1 120 ? 8.442   13.612  3.586   1.00 17.93 ? 120 VAL A CG2   1 
ATOM   899  N N     . MET A 1 121 ? 4.760   12.334  1.635   1.00 21.33 ? 121 MET A N     1 
ATOM   900  C CA    . MET A 1 121 ? 3.846   11.282  1.448   1.00 18.44 ? 121 MET A CA    1 
ATOM   901  C C     . MET A 1 121 ? 4.619   10.039  1.192   1.00 19.59 ? 121 MET A C     1 
ATOM   902  O O     . MET A 1 121 ? 5.427   9.907   0.255   1.00 17.63 ? 121 MET A O     1 
ATOM   903  C CB    . MET A 1 121 ? 2.847   11.448  0.360   1.00 17.48 ? 121 MET A CB    1 
ATOM   904  C CG    . MET A 1 121 ? 2.261   10.079  0.131   1.00 21.28 ? 121 MET A CG    1 
ATOM   905  S SD    . MET A 1 121 ? 0.784   9.801   1.172   1.00 25.94 ? 121 MET A SD    1 
ATOM   906  C CE    . MET A 1 121 ? -0.217  11.193  0.597   1.00 23.90 ? 121 MET A CE    1 
ATOM   907  N N     . LEU A 1 122 ? 4.437   9.167   2.125   1.00 22.69 ? 122 LEU A N     1 
ATOM   908  C CA    . LEU A 1 122 ? 5.108   7.907   2.137   1.00 23.18 ? 122 LEU A CA    1 
ATOM   909  C C     . LEU A 1 122 ? 4.308   6.895   1.311   1.00 24.34 ? 122 LEU A C     1 
ATOM   910  O O     . LEU A 1 122 ? 3.100   6.981   1.204   1.00 26.65 ? 122 LEU A O     1 
ATOM   911  C CB    . LEU A 1 122 ? 5.383   7.531   3.586   1.00 22.27 ? 122 LEU A CB    1 
ATOM   912  C CG    . LEU A 1 122 ? 6.245   6.312   3.705   1.00 25.66 ? 122 LEU A CG    1 
ATOM   913  C CD1   . LEU A 1 122 ? 6.778   6.197   5.161   1.00 26.59 ? 122 LEU A CD1   1 
ATOM   914  C CD2   . LEU A 1 122 ? 5.424   5.060   3.343   1.00 27.35 ? 122 LEU A CD2   1 
ATOM   915  N N     . VAL A 1 123 ? 4.990   5.975   0.680   1.00 23.58 ? 123 VAL A N     1 
ATOM   916  C CA    . VAL A 1 123 ? 4.403   5.091   -0.286  1.00 25.32 ? 123 VAL A CA    1 
ATOM   917  C C     . VAL A 1 123 ? 5.063   3.735   -0.180  1.00 28.94 ? 123 VAL A C     1 
ATOM   918  O O     . VAL A 1 123 ? 6.278   3.665   -0.082  1.00 31.95 ? 123 VAL A O     1 
ATOM   919  C CB    . VAL A 1 123 ? 4.660   5.630   -1.690  1.00 26.12 ? 123 VAL A CB    1 
ATOM   920  C CG1   . VAL A 1 123 ? 4.575   4.473   -2.648  1.00 26.19 ? 123 VAL A CG1   1 
ATOM   921  C CG2   . VAL A 1 123 ? 3.613   6.686   -2.073  1.00 26.82 ? 123 VAL A CG2   1 
ATOM   922  N N     . ASP A 1 124 ? 4.262   2.667   -0.205  1.00 29.48 ? 124 ASP A N     1 
ATOM   923  C CA    . ASP A 1 124 ? 4.731   1.336   0.009   1.00 30.49 ? 124 ASP A CA    1 
ATOM   924  C C     . ASP A 1 124 ? 3.807   0.301   -0.561  1.00 28.69 ? 124 ASP A C     1 
ATOM   925  O O     . ASP A 1 124 ? 2.978   0.597   -1.415  1.00 27.64 ? 124 ASP A O     1 
ATOM   926  C CB    . ASP A 1 124 ? 5.090   1.034   1.463   1.00 34.30 ? 124 ASP A CB    1 
ATOM   927  C CG    . ASP A 1 124 ? 6.149   -0.036  1.451   1.00 38.86 ? 124 ASP A CG    1 
ATOM   928  O OD1   . ASP A 1 124 ? 6.540   -0.506  0.385   1.00 39.59 ? 124 ASP A OD1   1 
ATOM   929  O OD2   . ASP A 1 124 ? 6.606   -0.405  2.659   1.00 40.50 ? 124 ASP A OD2   1 
ATOM   930  N N     . ASP A 1 125 ? 3.979   -0.937  -0.159  1.00 27.53 ? 125 ASP A N     1 
ATOM   931  C CA    . ASP A 1 125 ? 3.167   -1.950  -0.783  1.00 28.99 ? 125 ASP A CA    1 
ATOM   932  C C     . ASP A 1 125 ? 2.087   -2.546  0.109   1.00 29.36 ? 125 ASP A C     1 
ATOM   933  O O     . ASP A 1 125 ? 0.953   -2.664  -0.298  1.00 29.27 ? 125 ASP A O     1 
ATOM   934  C CB    . ASP A 1 125 ? 4.034   -3.055  -1.381  1.00 31.14 ? 125 ASP A CB    1 
ATOM   935  C CG    . ASP A 1 125 ? 4.922   -3.628  -0.334  1.00 33.84 ? 125 ASP A CG    1 
ATOM   936  O OD1   . ASP A 1 125 ? 5.168   -2.770  0.651   1.00 35.49 ? 125 ASP A OD1   1 
ATOM   937  O OD2   . ASP A 1 125 ? 5.280   -4.783  -0.340  1.00 34.06 ? 125 ASP A OD2   1 
ATOM   938  N N     . VAL A 1 126 ? 2.442   -2.926  1.325   1.00 29.83 ? 126 VAL A N     1 
ATOM   939  C CA    . VAL A 1 126 ? 1.505   -3.567  2.229   1.00 30.01 ? 126 VAL A CA    1 
ATOM   940  C C     . VAL A 1 126 ? 2.045   -3.586  3.652   1.00 32.02 ? 126 VAL A C     1 
ATOM   941  O O     . VAL A 1 126 ? 3.104   -4.125  3.893   1.00 34.90 ? 126 VAL A O     1 
ATOM   942  C CB    . VAL A 1 126 ? 1.357   -4.998  1.781   1.00 29.34 ? 126 VAL A CB    1 
ATOM   943  C CG1   . VAL A 1 126 ? 1.273   -5.930  2.972   1.00 29.10 ? 126 VAL A CG1   1 
ATOM   944  C CG2   . VAL A 1 126 ? 0.103   -5.163  0.973   1.00 30.64 ? 126 VAL A CG2   1 
ATOM   945  N N     . ILE A 1 127 ? 1.371   -2.999  4.613   1.00 30.78 ? 127 ILE A N     1 
ATOM   946  C CA    . ILE A 1 127 ? 1.923   -3.097  5.950   1.00 32.13 ? 127 ILE A CA    1 
ATOM   947  C C     . ILE A 1 127 ? 1.328   -4.279  6.644   1.00 33.41 ? 127 ILE A C     1 
ATOM   948  O O     . ILE A 1 127 ? 0.105   -4.414  6.735   1.00 36.02 ? 127 ILE A O     1 
ATOM   949  C CB    . ILE A 1 127 ? 1.722   -1.881  6.879   1.00 33.31 ? 127 ILE A CB    1 
ATOM   950  C CG1   . ILE A 1 127 ? 2.237   -0.600  6.255   1.00 33.13 ? 127 ILE A CG1   1 
ATOM   951  C CG2   . ILE A 1 127 ? 2.445   -2.135  8.218   1.00 34.15 ? 127 ILE A CG2   1 
ATOM   952  C CD1   . ILE A 1 127 ? 1.159   0.203   5.547   1.00 32.84 ? 127 ILE A CD1   1 
ATOM   953  N N     . THR A 1 128 ? 2.177   -5.071  7.233   1.00 32.89 ? 128 THR A N     1 
ATOM   954  C CA    . THR A 1 128 ? 1.700   -6.131  8.052   1.00 34.44 ? 128 THR A CA    1 
ATOM   955  C C     . THR A 1 128 ? 2.252   -5.981  9.445   1.00 39.55 ? 128 THR A C     1 
ATOM   956  O O     . THR A 1 128 ? 1.553   -5.892  10.455  1.00 40.31 ? 128 THR A O     1 
ATOM   957  C CB    . THR A 1 128 ? 1.982   -7.506  7.462   1.00 31.06 ? 128 THR A CB    1 
ATOM   958  O OG1   . THR A 1 128 ? 3.373   -7.745  7.445   1.00 29.46 ? 128 THR A OG1   1 
ATOM   959  C CG2   . THR A 1 128 ? 1.358   -7.563  6.063   1.00 29.84 ? 128 THR A CG2   1 
ATOM   960  N N     . ALA A 1 129 ? 3.513   -5.822  9.525   1.00 43.06 ? 129 ALA A N     1 
ATOM   961  C CA    . ALA A 1 129 ? 3.983   -5.727  10.838  1.00 48.27 ? 129 ALA A CA    1 
ATOM   962  C C     . ALA A 1 129 ? 4.360   -4.322  11.287  1.00 54.40 ? 129 ALA A C     1 
ATOM   963  O O     . ALA A 1 129 ? 5.519   -4.188  11.751  1.00 57.06 ? 129 ALA A O     1 
ATOM   964  C CB    . ALA A 1 129 ? 5.141   -6.689  10.990  1.00 48.51 ? 129 ALA A CB    1 
ATOM   965  N N     . GLY A 1 130 ? 3.397   -3.332  11.246  1.00 57.12 ? 130 GLY A N     1 
ATOM   966  C CA    . GLY A 1 130 ? 3.578   -1.914  11.713  1.00 60.47 ? 130 GLY A CA    1 
ATOM   967  C C     . GLY A 1 130 ? 5.062   -1.505  11.750  1.00 63.89 ? 130 GLY A C     1 
ATOM   968  O O     . GLY A 1 130 ? 5.617   -1.022  12.764  1.00 63.64 ? 130 GLY A O     1 
ATOM   969  N N     . THR A 1 131 ? 5.681   -1.798  10.596  1.00 66.32 ? 131 THR A N     1 
ATOM   970  C CA    . THR A 1 131 ? 7.105   -1.970  10.326  1.00 68.86 ? 131 THR A CA    1 
ATOM   971  C C     . THR A 1 131 ? 8.005   -0.745  10.011  1.00 70.52 ? 131 THR A C     1 
ATOM   972  O O     . THR A 1 131 ? 7.911   0.295   10.684  1.00 71.72 ? 131 THR A O     1 
ATOM   973  C CB    . THR A 1 131 ? 7.170   -2.996  9.191   1.00 69.70 ? 131 THR A CB    1 
ATOM   974  O OG1   . THR A 1 131 ? 5.827   -3.220  8.764   1.00 70.54 ? 131 THR A OG1   1 
ATOM   975  C CG2   . THR A 1 131 ? 7.845   -4.298  9.658   1.00 69.10 ? 131 THR A CG2   1 
ATOM   976  N N     . ALA A 1 132 ? 8.950   -0.975  9.017   1.00 70.09 ? 132 ALA A N     1 
ATOM   977  C CA    . ALA A 1 132 ? 10.005  -0.061  8.494   1.00 67.73 ? 132 ALA A CA    1 
ATOM   978  C C     . ALA A 1 132 ? 9.630   1.413   8.496   1.00 66.94 ? 132 ALA A C     1 
ATOM   979  O O     . ALA A 1 132 ? 10.517  2.287   8.553   1.00 67.05 ? 132 ALA A O     1 
ATOM   980  C CB    . ALA A 1 132 ? 10.596  -0.517  7.162   1.00 66.43 ? 132 ALA A CB    1 
ATOM   981  N N     . ILE A 1 133 ? 8.288   1.649   8.492   1.00 65.63 ? 133 ILE A N     1 
ATOM   982  C CA    . ILE A 1 133 ? 7.645   2.955   8.660   1.00 63.30 ? 133 ILE A CA    1 
ATOM   983  C C     . ILE A 1 133 ? 8.306   3.636   9.861   1.00 61.65 ? 133 ILE A C     1 
ATOM   984  O O     . ILE A 1 133 ? 8.693   4.805   9.827   1.00 61.62 ? 133 ILE A O     1 
ATOM   985  C CB    . ILE A 1 133 ? 6.125   2.785   8.930   1.00 63.40 ? 133 ILE A CB    1 
ATOM   986  C CG1   . ILE A 1 133 ? 5.424   1.914   7.884   1.00 63.77 ? 133 ILE A CG1   1 
ATOM   987  C CG2   . ILE A 1 133 ? 5.400   4.130   9.083   1.00 63.61 ? 133 ILE A CG2   1 
ATOM   988  C CD1   . ILE A 1 133 ? 4.492   0.859   8.504   1.00 64.74 ? 133 ILE A CD1   1 
ATOM   989  N N     . ARG A 1 134 ? 8.470   2.856   10.933  1.00 60.77 ? 134 ARG A N     1 
ATOM   990  C CA    . ARG A 1 134 ? 9.113   3.347   12.134  1.00 60.99 ? 134 ARG A CA    1 
ATOM   991  C C     . ARG A 1 134 ? 10.616  3.549   11.946  1.00 57.52 ? 134 ARG A C     1 
ATOM   992  O O     . ARG A 1 134 ? 11.322  3.956   12.858  1.00 57.18 ? 134 ARG A O     1 
ATOM   993  C CB    . ARG A 1 134 ? 8.765   2.567   13.421  1.00 64.34 ? 134 ARG A CB    1 
ATOM   994  C CG    . ARG A 1 134 ? 7.700   1.488   13.235  1.00 67.31 ? 134 ARG A CG    1 
ATOM   995  C CD    . ARG A 1 134 ? 6.309   2.067   13.052  1.00 70.75 ? 134 ARG A CD    1 
ATOM   996  N NE    . ARG A 1 134 ? 5.273   1.325   13.779  1.00 74.12 ? 134 ARG A NE    1 
ATOM   997  C CZ    . ARG A 1 134 ? 4.706   1.723   14.937  1.00 75.45 ? 134 ARG A CZ    1 
ATOM   998  N NH1   . ARG A 1 134 ? 5.066   2.843   15.573  1.00 75.61 ? 134 ARG A NH1   1 
ATOM   999  N NH2   . ARG A 1 134 ? 3.761   0.960   15.480  1.00 75.91 ? 134 ARG A NH2   1 
ATOM   1000 N N     . GLU A 1 135 ? 11.098  3.236   10.753  1.00 55.87 ? 135 GLU A N     1 
ATOM   1001 C CA    . GLU A 1 135 ? 12.502  3.442   10.375  1.00 54.81 ? 135 GLU A CA    1 
ATOM   1002 C C     . GLU A 1 135 ? 12.465  4.582   9.405   1.00 49.97 ? 135 GLU A C     1 
ATOM   1003 O O     . GLU A 1 135 ? 13.076  5.657   9.541   1.00 49.48 ? 135 GLU A O     1 
ATOM   1004 C CB    . GLU A 1 135 ? 13.096  2.173   9.665   1.00 57.37 ? 135 GLU A CB    1 
ATOM   1005 C CG    . GLU A 1 135 ? 14.064  2.431   8.461   1.00 59.43 ? 135 GLU A CG    1 
ATOM   1006 C CD    . GLU A 1 135 ? 14.473  1.154   7.723   1.00 62.26 ? 135 GLU A CD    1 
ATOM   1007 O OE1   . GLU A 1 135 ? 15.132  0.299   8.463   1.00 63.80 ? 135 GLU A OE1   1 
ATOM   1008 O OE2   . GLU A 1 135 ? 14.232  0.935   6.554   1.00 63.44 ? 135 GLU A OE2   1 
ATOM   1009 N N     . SER A 1 136 ? 11.585  4.324   8.491   1.00 45.35 ? 136 SER A N     1 
ATOM   1010 C CA    . SER A 1 136 ? 11.301  5.203   7.457   1.00 43.05 ? 136 SER A CA    1 
ATOM   1011 C C     . SER A 1 136 ? 10.893  6.511   8.037   1.00 43.01 ? 136 SER A C     1 
ATOM   1012 O O     . SER A 1 136 ? 11.344  7.544   7.649   1.00 43.25 ? 136 SER A O     1 
ATOM   1013 C CB    . SER A 1 136 ? 10.190  4.585   6.628   1.00 42.61 ? 136 SER A CB    1 
ATOM   1014 O OG    . SER A 1 136 ? 10.407  3.180   6.462   1.00 41.98 ? 136 SER A OG    1 
ATOM   1015 N N     . MET A 1 137 ? 10.066  6.447   9.023   1.00 45.98 ? 137 MET A N     1 
ATOM   1016 C CA    . MET A 1 137 ? 9.510   7.636   9.573   1.00 48.78 ? 137 MET A CA    1 
ATOM   1017 C C     . MET A 1 137 ? 10.424  8.296   10.576  1.00 49.12 ? 137 MET A C     1 
ATOM   1018 O O     . MET A 1 137 ? 10.272  9.473   10.900  1.00 48.09 ? 137 MET A O     1 
ATOM   1019 C CB    . MET A 1 137 ? 7.987   7.517   9.840   1.00 52.59 ? 137 MET A CB    1 
ATOM   1020 C CG    . MET A 1 137 ? 7.536   7.727   11.264  1.00 57.32 ? 137 MET A CG    1 
ATOM   1021 S SD    . MET A 1 137 ? 7.205   9.471   11.581  1.00 61.20 ? 137 MET A SD    1 
ATOM   1022 C CE    . MET A 1 137 ? 5.424   9.577   11.273  1.00 61.43 ? 137 MET A CE    1 
ATOM   1023 N N     . GLU A 1 138 ? 11.508  7.562   10.902  1.00 50.58 ? 138 GLU A N     1 
ATOM   1024 C CA    . GLU A 1 138 ? 12.605  8.085   11.700  1.00 52.24 ? 138 GLU A CA    1 
ATOM   1025 C C     . GLU A 1 138 ? 13.309  9.140   10.875  1.00 49.90 ? 138 GLU A C     1 
ATOM   1026 O O     . GLU A 1 138 ? 13.338  10.298  11.248  1.00 51.73 ? 138 GLU A O     1 
ATOM   1027 C CB    . GLU A 1 138 ? 13.604  6.993   12.104  1.00 57.81 ? 138 GLU A CB    1 
ATOM   1028 C CG    . GLU A 1 138 ? 13.406  6.496   13.558  1.00 63.60 ? 138 GLU A CG    1 
ATOM   1029 C CD    . GLU A 1 138 ? 14.556  6.862   14.489  1.00 68.65 ? 138 GLU A CD    1 
ATOM   1030 O OE1   . GLU A 1 138 ? 14.838  8.033   14.764  1.00 71.21 ? 138 GLU A OE1   1 
ATOM   1031 O OE2   . GLU A 1 138 ? 15.200  5.810   15.001  1.00 69.34 ? 138 GLU A OE2   1 
ATOM   1032 N N     . ILE A 1 139 ? 13.794  8.734   9.688   1.00 45.46 ? 139 ILE A N     1 
ATOM   1033 C CA    . ILE A 1 139 ? 14.339  9.635   8.676   1.00 40.88 ? 139 ILE A CA    1 
ATOM   1034 C C     . ILE A 1 139 ? 13.514  10.897  8.523   1.00 41.15 ? 139 ILE A C     1 
ATOM   1035 O O     . ILE A 1 139 ? 14.034  12.002  8.607   1.00 42.06 ? 139 ILE A O     1 
ATOM   1036 C CB    . ILE A 1 139 ? 14.281  9.018   7.276   1.00 37.11 ? 139 ILE A CB    1 
ATOM   1037 C CG1   . ILE A 1 139 ? 15.034  7.728   7.245   1.00 34.35 ? 139 ILE A CG1   1 
ATOM   1038 C CG2   . ILE A 1 139 ? 14.859  10.003  6.263   1.00 35.73 ? 139 ILE A CG2   1 
ATOM   1039 C CD1   . ILE A 1 139 ? 16.391  7.969   7.855   1.00 33.64 ? 139 ILE A CD1   1 
ATOM   1040 N N     . ILE A 1 140 ? 12.262  10.741  8.088   1.00 41.46 ? 140 ILE A N     1 
ATOM   1041 C CA    . ILE A 1 140 ? 11.452  11.910  7.804   1.00 43.53 ? 140 ILE A CA    1 
ATOM   1042 C C     . ILE A 1 140 ? 11.414  12.877  8.962   1.00 46.97 ? 140 ILE A C     1 
ATOM   1043 O O     . ILE A 1 140 ? 11.597  14.099  8.810   1.00 48.62 ? 140 ILE A O     1 
ATOM   1044 C CB    . ILE A 1 140 ? 10.044  11.585  7.452   1.00 42.28 ? 140 ILE A CB    1 
ATOM   1045 C CG1   . ILE A 1 140 ? 9.999   10.711  6.234   1.00 41.62 ? 140 ILE A CG1   1 
ATOM   1046 C CG2   . ILE A 1 140 ? 9.322   12.895  7.220   1.00 42.35 ? 140 ILE A CG2   1 
ATOM   1047 C CD1   . ILE A 1 140 ? 9.494   9.322   6.588   1.00 41.11 ? 140 ILE A CD1   1 
ATOM   1048 N N     . GLN A 1 141 ? 11.114  12.325  10.119  1.00 47.55 ? 141 GLN A N     1 
ATOM   1049 C CA    . GLN A 1 141 ? 11.095  13.114  11.291  1.00 49.86 ? 141 GLN A CA    1 
ATOM   1050 C C     . GLN A 1 141 ? 12.493  13.500  11.765  1.00 53.21 ? 141 GLN A C     1 
ATOM   1051 O O     . GLN A 1 141 ? 12.636  14.357  12.634  1.00 55.03 ? 141 GLN A O     1 
ATOM   1052 C CB    . GLN A 1 141 ? 10.372  12.385  12.392  1.00 51.31 ? 141 GLN A CB    1 
ATOM   1053 C CG    . GLN A 1 141 ? 9.159   13.166  12.906  1.00 51.77 ? 141 GLN A CG    1 
ATOM   1054 C CD    . GLN A 1 141 ? 7.932   12.297  12.973  1.00 51.51 ? 141 GLN A CD    1 
ATOM   1055 O OE1   . GLN A 1 141 ? 7.915   11.267  13.723  1.00 51.67 ? 141 GLN A OE1   1 
ATOM   1056 N NE2   . GLN A 1 141 ? 6.919   12.695  12.174  1.00 50.40 ? 141 GLN A NE2   1 
ATOM   1057 N N     . ALA A 1 142 ? 13.533  12.846  11.213  1.00 54.56 ? 142 ALA A N     1 
ATOM   1058 C CA    . ALA A 1 142 ? 14.938  13.096  11.596  1.00 53.57 ? 142 ALA A CA    1 
ATOM   1059 C C     . ALA A 1 142 ? 15.567  14.210  10.799  1.00 54.81 ? 142 ALA A C     1 
ATOM   1060 O O     . ALA A 1 142 ? 16.754  14.449  10.905  1.00 55.05 ? 142 ALA A O     1 
ATOM   1061 C CB    . ALA A 1 142 ? 15.809  11.844  11.452  1.00 50.98 ? 142 ALA A CB    1 
ATOM   1062 N N     . HIS A 1 143 ? 14.796  14.790  9.901   1.00 56.09 ? 143 HIS A N     1 
ATOM   1063 C CA    . HIS A 1 143 ? 15.308  15.817  9.010   1.00 57.00 ? 143 HIS A CA    1 
ATOM   1064 C C     . HIS A 1 143 ? 14.407  17.017  9.020   1.00 56.98 ? 143 HIS A C     1 
ATOM   1065 O O     . HIS A 1 143 ? 14.488  17.821  8.086   1.00 59.28 ? 143 HIS A O     1 
ATOM   1066 C CB    . HIS A 1 143 ? 15.363  15.372  7.513   1.00 58.89 ? 143 HIS A CB    1 
ATOM   1067 C CG    . HIS A 1 143 ? 16.330  14.293  7.168   1.00 61.58 ? 143 HIS A CG    1 
ATOM   1068 N ND1   . HIS A 1 143 ? 16.124  12.970  7.568   1.00 63.39 ? 143 HIS A ND1   1 
ATOM   1069 C CD2   . HIS A 1 143 ? 17.464  14.332  6.408   1.00 61.57 ? 143 HIS A CD2   1 
ATOM   1070 C CE1   . HIS A 1 143 ? 17.152  12.248  7.097   1.00 62.82 ? 143 HIS A CE1   1 
ATOM   1071 N NE2   . HIS A 1 143 ? 17.964  13.032  6.390   1.00 61.94 ? 143 HIS A NE2   1 
ATOM   1072 N N     . GLY A 1 144 ? 13.431  17.072  9.931   1.00 53.43 ? 144 GLY A N     1 
ATOM   1073 C CA    . GLY A 1 144 ? 12.572  18.232  9.901   1.00 49.40 ? 144 GLY A CA    1 
ATOM   1074 C C     . GLY A 1 144 ? 11.747  18.352  8.615   1.00 46.80 ? 144 GLY A C     1 
ATOM   1075 O O     . GLY A 1 144 ? 11.775  19.383  7.888   1.00 45.59 ? 144 GLY A O     1 
ATOM   1076 N N     . ALA A 1 145 ? 10.960  17.287  8.397   1.00 45.09 ? 145 ALA A N     1 
ATOM   1077 C CA    . ALA A 1 145 ? 9.878   17.228  7.427   1.00 40.77 ? 145 ALA A CA    1 
ATOM   1078 C C     . ALA A 1 145 ? 8.697   16.627  8.197   1.00 38.48 ? 145 ALA A C     1 
ATOM   1079 O O     . ALA A 1 145 ? 8.949   15.799  9.048   1.00 36.60 ? 145 ALA A O     1 
ATOM   1080 C CB    . ALA A 1 145 ? 10.274  16.334  6.263   1.00 37.22 ? 145 ALA A CB    1 
ATOM   1081 N N     . THR A 1 146 ? 7.434   17.038  7.984   1.00 37.59 ? 146 THR A N     1 
ATOM   1082 C CA    . THR A 1 146 ? 6.388   16.258  8.659   1.00 37.32 ? 146 THR A CA    1 
ATOM   1083 C C     . THR A 1 146 ? 6.019   15.051  7.807   1.00 35.61 ? 146 THR A C     1 
ATOM   1084 O O     . THR A 1 146 ? 6.462   14.933  6.658   1.00 34.40 ? 146 THR A O     1 
ATOM   1085 C CB    . THR A 1 146 ? 5.061   16.988  9.032   1.00 37.95 ? 146 THR A CB    1 
ATOM   1086 O OG1   . THR A 1 146 ? 4.432   17.549  7.900   1.00 37.38 ? 146 THR A OG1   1 
ATOM   1087 C CG2   . THR A 1 146 ? 5.251   17.993  10.163  1.00 38.59 ? 146 THR A CG2   1 
ATOM   1088 N N     . LEU A 1 147 ? 5.108   14.232  8.350   1.00 34.66 ? 147 LEU A N     1 
ATOM   1089 C CA    . LEU A 1 147 ? 4.494   13.111  7.647   1.00 33.19 ? 147 LEU A CA    1 
ATOM   1090 C C     . LEU A 1 147 ? 3.060   13.426  7.360   1.00 33.56 ? 147 LEU A C     1 
ATOM   1091 O O     . LEU A 1 147 ? 2.352   13.876  8.235   1.00 36.41 ? 147 LEU A O     1 
ATOM   1092 C CB    . LEU A 1 147 ? 4.542   11.795  8.402   1.00 32.88 ? 147 LEU A CB    1 
ATOM   1093 C CG    . LEU A 1 147 ? 5.181   10.700  7.588   1.00 35.11 ? 147 LEU A CG    1 
ATOM   1094 C CD1   . LEU A 1 147 ? 5.908   11.320  6.409   1.00 36.57 ? 147 LEU A CD1   1 
ATOM   1095 C CD2   . LEU A 1 147 ? 6.200   9.931   8.419   1.00 35.93 ? 147 LEU A CD2   1 
ATOM   1096 N N     . ALA A 1 148 ? 2.663   13.262  6.107   1.00 31.46 ? 148 ALA A N     1 
ATOM   1097 C CA    . ALA A 1 148 ? 1.313   13.500  5.687   1.00 28.59 ? 148 ALA A CA    1 
ATOM   1098 C C     . ALA A 1 148 ? 0.591   12.203  5.634   1.00 28.37 ? 148 ALA A C     1 
ATOM   1099 O O     . ALA A 1 148 ? -0.589  12.179  5.917   1.00 33.10 ? 148 ALA A O     1 
ATOM   1100 C CB    . ALA A 1 148 ? 1.186   14.237  4.347   1.00 27.43 ? 148 ALA A CB    1 
ATOM   1101 N N     . GLY A 1 149 ? 1.260   11.106  5.278   1.00 24.71 ? 149 GLY A N     1 
ATOM   1102 C CA    . GLY A 1 149 ? 0.502   9.864   5.223   1.00 24.25 ? 149 GLY A CA    1 
ATOM   1103 C C     . GLY A 1 149 ? 1.253   8.704   4.661   1.00 24.95 ? 149 GLY A C     1 
ATOM   1104 O O     . GLY A 1 149 ? 2.425   8.795   4.395   1.00 27.88 ? 149 GLY A O     1 
ATOM   1105 N N     . VAL A 1 150 ? 0.534   7.621   4.479   1.00 24.66 ? 150 VAL A N     1 
ATOM   1106 C CA    . VAL A 1 150 ? 1.025   6.369   3.896   1.00 24.42 ? 150 VAL A CA    1 
ATOM   1107 C C     . VAL A 1 150 ? 0.005   5.791   2.901   1.00 26.55 ? 150 VAL A C     1 
ATOM   1108 O O     . VAL A 1 150 ? -1.173  5.552   3.158   1.00 27.22 ? 150 VAL A O     1 
ATOM   1109 C CB    . VAL A 1 150 ? 1.364   5.352   4.964   1.00 21.98 ? 150 VAL A CB    1 
ATOM   1110 C CG1   . VAL A 1 150 ? 1.988   4.094   4.348   1.00 22.32 ? 150 VAL A CG1   1 
ATOM   1111 C CG2   . VAL A 1 150 ? 2.217   5.994   6.056   1.00 19.18 ? 150 VAL A CG2   1 
ATOM   1112 N N     . LEU A 1 151 ? 0.466   5.638   1.726   1.00 27.55 ? 151 LEU A N     1 
ATOM   1113 C CA    . LEU A 1 151 ? -0.348  5.189   0.663   1.00 28.82 ? 151 LEU A CA    1 
ATOM   1114 C C     . LEU A 1 151 ? 0.051   3.754   0.442   1.00 29.81 ? 151 LEU A C     1 
ATOM   1115 O O     . LEU A 1 151 ? 1.214   3.493   0.453   1.00 33.99 ? 151 LEU A O     1 
ATOM   1116 C CB    . LEU A 1 151 ? 0.122   6.060   -0.497  1.00 30.09 ? 151 LEU A CB    1 
ATOM   1117 C CG    . LEU A 1 151 ? -0.225  5.538   -1.863  1.00 32.65 ? 151 LEU A CG    1 
ATOM   1118 C CD1   . LEU A 1 151 ? -1.626  4.924   -1.861  1.00 31.45 ? 151 LEU A CD1   1 
ATOM   1119 C CD2   . LEU A 1 151 ? -0.124  6.708   -2.870  1.00 35.46 ? 151 LEU A CD2   1 
ATOM   1120 N N     . ILE A 1 152 ? -0.870  2.806   0.401   1.00 24.80 ? 152 ILE A N     1 
ATOM   1121 C CA    . ILE A 1 152 ? -0.506  1.420   0.234   1.00 18.51 ? 152 ILE A CA    1 
ATOM   1122 C C     . ILE A 1 152 ? -1.420  0.771   -0.771  1.00 18.63 ? 152 ILE A C     1 
ATOM   1123 O O     . ILE A 1 152 ? -2.284  1.444   -1.353  1.00 18.69 ? 152 ILE A O     1 
ATOM   1124 C CB    . ILE A 1 152 ? -0.453  0.652   1.547   1.00 15.77 ? 152 ILE A CB    1 
ATOM   1125 C CG1   . ILE A 1 152 ? -1.785  0.700   2.274   1.00 16.15 ? 152 ILE A CG1   1 
ATOM   1126 C CG2   . ILE A 1 152 ? 0.551   1.296   2.451   1.00 15.79 ? 152 ILE A CG2   1 
ATOM   1127 C CD1   . ILE A 1 152 ? -1.815  -0.323  3.386   1.00 15.96 ? 152 ILE A CD1   1 
ATOM   1128 N N     . SER A 1 153 ? -1.230  -0.534  -0.993  1.00 19.28 ? 153 SER A N     1 
ATOM   1129 C CA    . SER A 1 153 ? -2.061  -1.284  -1.936  1.00 19.42 ? 153 SER A CA    1 
ATOM   1130 C C     . SER A 1 153 ? -3.284  -1.963  -1.302  1.00 18.09 ? 153 SER A C     1 
ATOM   1131 O O     . SER A 1 153 ? -4.410  -1.897  -1.801  1.00 20.05 ? 153 SER A O     1 
ATOM   1132 C CB    . SER A 1 153 ? -1.205  -2.282  -2.677  1.00 20.52 ? 153 SER A CB    1 
ATOM   1133 O OG    . SER A 1 153 ? 0.083   -1.695  -2.784  1.00 22.95 ? 153 SER A OG    1 
ATOM   1134 N N     . LEU A 1 154 ? -3.047  -2.603  -0.207  1.00 14.67 ? 154 LEU A N     1 
ATOM   1135 C CA    . LEU A 1 154 ? -3.975  -3.479  0.395   1.00 14.63 ? 154 LEU A CA    1 
ATOM   1136 C C     . LEU A 1 154 ? -3.879  -3.420  1.866   1.00 19.18 ? 154 LEU A C     1 
ATOM   1137 O O     . LEU A 1 154 ? -2.839  -3.857  2.431   1.00 17.40 ? 154 LEU A O     1 
ATOM   1138 C CB    . LEU A 1 154 ? -3.589  -4.924  0.067   1.00 13.13 ? 154 LEU A CB    1 
ATOM   1139 C CG    . LEU A 1 154 ? -4.735  -5.954  -0.060  1.00 14.50 ? 154 LEU A CG    1 
ATOM   1140 C CD1   . LEU A 1 154 ? -4.226  -7.318  0.352   1.00 14.66 ? 154 LEU A CD1   1 
ATOM   1141 C CD2   . LEU A 1 154 ? -5.985  -5.643  0.749   1.00 13.80 ? 154 LEU A CD2   1 
ATOM   1142 N N     . ASP A 1 155 ? -5.024  -2.952  2.432   1.00 23.67 ? 155 ASP A N     1 
ATOM   1143 C CA    . ASP A 1 155 ? -5.453  -3.032  3.812   1.00 24.38 ? 155 ASP A CA    1 
ATOM   1144 C C     . ASP A 1 155 ? -6.202  -4.369  4.108   1.00 24.06 ? 155 ASP A C     1 
ATOM   1145 O O     . ASP A 1 155 ? -7.380  -4.572  3.698   1.00 21.00 ? 155 ASP A O     1 
ATOM   1146 C CB    . ASP A 1 155 ? -6.406  -1.936  4.071   1.00 27.37 ? 155 ASP A CB    1 
ATOM   1147 C CG    . ASP A 1 155 ? -6.509  -1.768  5.538   1.00 33.81 ? 155 ASP A CG    1 
ATOM   1148 O OD1   . ASP A 1 155 ? -6.395  -2.699  6.358   1.00 34.34 ? 155 ASP A OD1   1 
ATOM   1149 O OD2   . ASP A 1 155 ? -6.651  -0.497  5.849   1.00 38.03 ? 155 ASP A OD2   1 
ATOM   1150 N N     . ARG A 1 156 ? -5.440  -5.321  4.726   1.00 25.80 ? 156 ARG A N     1 
ATOM   1151 C CA    . ARG A 1 156 ? -5.849  -6.703  4.971   1.00 26.11 ? 156 ARG A CA    1 
ATOM   1152 C C     . ARG A 1 156 ? -6.980  -6.735  6.013   1.00 28.25 ? 156 ARG A C     1 
ATOM   1153 O O     . ARG A 1 156 ? -7.698  -7.734  6.232   1.00 27.98 ? 156 ARG A O     1 
ATOM   1154 C CB    . ARG A 1 156 ? -4.625  -7.513  5.391   1.00 24.32 ? 156 ARG A CB    1 
ATOM   1155 C CG    . ARG A 1 156 ? -3.965  -8.306  4.255   1.00 23.66 ? 156 ARG A CG    1 
ATOM   1156 C CD    . ARG A 1 156 ? -2.763  -9.155  4.726   1.00 22.27 ? 156 ARG A CD    1 
ATOM   1157 N NE    . ARG A 1 156 ? -3.179  -10.444 5.229   1.00 20.19 ? 156 ARG A NE    1 
ATOM   1158 C CZ    . ARG A 1 156 ? -3.700  -11.303 4.439   1.00 17.51 ? 156 ARG A CZ    1 
ATOM   1159 N NH1   . ARG A 1 156 ? -3.857  -11.001 3.174   1.00 15.50 ? 156 ARG A NH1   1 
ATOM   1160 N NH2   . ARG A 1 156 ? -4.210  -12.397 4.945   1.00 18.14 ? 156 ARG A NH2   1 
ATOM   1161 N N     . GLN A 1 157 ? -7.075  -5.577  6.665   1.00 27.57 ? 157 GLN A N     1 
ATOM   1162 C CA    . GLN A 1 157 ? -8.081  -5.244  7.626   1.00 24.72 ? 157 GLN A CA    1 
ATOM   1163 C C     . GLN A 1 157 ? -8.259  -6.254  8.682   1.00 28.68 ? 157 GLN A C     1 
ATOM   1164 O O     . GLN A 1 157 ? -9.423  -6.574  8.927   1.00 34.06 ? 157 GLN A O     1 
ATOM   1165 C CB    . GLN A 1 157 ? -9.430  -5.061  6.928   1.00 19.52 ? 157 GLN A CB    1 
ATOM   1166 C CG    . GLN A 1 157 ? -9.682  -3.580  6.641   1.00 15.68 ? 157 GLN A CG    1 
ATOM   1167 C CD    . GLN A 1 157 ? -11.005 -3.334  5.974   1.00 14.17 ? 157 GLN A CD    1 
ATOM   1168 O OE1   . GLN A 1 157 ? -11.677 -4.275  5.595   1.00 15.25 ? 157 GLN A OE1   1 
ATOM   1169 N NE2   . GLN A 1 157 ? -11.390 -2.071  5.859   1.00 12.71 ? 157 GLN A NE2   1 
ATOM   1170 N N     . GLU A 1 158 ? -7.176  -6.797  9.288   1.00 25.79 ? 158 GLU A N     1 
ATOM   1171 C CA    . GLU A 1 158 ? -7.374  -7.807  10.338  1.00 22.95 ? 158 GLU A CA    1 
ATOM   1172 C C     . GLU A 1 158 ? -6.692  -7.378  11.576  1.00 22.79 ? 158 GLU A C     1 
ATOM   1173 O O     . GLU A 1 158 ? -6.049  -6.374  11.485  1.00 23.09 ? 158 GLU A O     1 
ATOM   1174 C CB    . GLU A 1 158 ? -6.936  -9.226  9.931   1.00 21.38 ? 158 GLU A CB    1 
ATOM   1175 C CG    . GLU A 1 158 ? -5.589  -9.261  9.254   1.00 20.50 ? 158 GLU A CG    1 
ATOM   1176 C CD    . GLU A 1 158 ? -5.331  -10.528 8.538   1.00 21.66 ? 158 GLU A CD    1 
ATOM   1177 O OE1   . GLU A 1 158 ? -5.794  -10.757 7.439   1.00 22.08 ? 158 GLU A OE1   1 
ATOM   1178 O OE2   . GLU A 1 158 ? -4.478  -11.307 9.188   1.00 22.32 ? 158 GLU A OE2   1 
ATOM   1179 N N     . ARG A 1 159 ? -6.805  -8.166  12.684  1.00 22.80 ? 159 ARG A N     1 
ATOM   1180 C CA    . ARG A 1 159 ? -6.218  -7.857  13.966  1.00 25.15 ? 159 ARG A CA    1 
ATOM   1181 C C     . ARG A 1 159 ? -4.710  -8.153  14.038  1.00 25.46 ? 159 ARG A C     1 
ATOM   1182 O O     . ARG A 1 159 ? -4.245  -9.169  13.576  1.00 25.26 ? 159 ARG A O     1 
ATOM   1183 C CB    . ARG A 1 159 ? -6.817  -8.735  15.051  1.00 28.77 ? 159 ARG A CB    1 
ATOM   1184 C CG    . ARG A 1 159 ? -8.268  -8.441  15.425  1.00 33.76 ? 159 ARG A CG    1 
ATOM   1185 C CD    . ARG A 1 159 ? -8.754  -9.147  16.715  1.00 36.07 ? 159 ARG A CD    1 
ATOM   1186 N NE    . ARG A 1 159 ? -8.250  -10.508 16.869  1.00 39.69 ? 159 ARG A NE    1 
ATOM   1187 C CZ    . ARG A 1 159 ? -8.944  -11.631 16.522  1.00 43.72 ? 159 ARG A CZ    1 
ATOM   1188 N NH1   . ARG A 1 159 ? -10.214 -11.585 16.030  1.00 44.36 ? 159 ARG A NH1   1 
ATOM   1189 N NH2   . ARG A 1 159 ? -8.340  -12.838 16.678  1.00 44.10 ? 159 ARG A NH2   1 
ATOM   1190 N N     . GLY A 1 160 ? -3.996  -7.349  14.812  1.00 25.25 ? 160 GLY A N     1 
ATOM   1191 C CA    . GLY A 1 160 ? -2.624  -7.624  15.176  1.00 26.91 ? 160 GLY A CA    1 
ATOM   1192 C C     . GLY A 1 160 ? -2.567  -8.488  16.464  1.00 27.78 ? 160 GLY A C     1 
ATOM   1193 O O     . GLY A 1 160 ? -3.325  -9.445  16.581  1.00 27.29 ? 160 GLY A O     1 
ATOM   1194 N N     . ARG A 1 161 ? -1.727  -8.123  17.442  1.00 27.66 ? 161 ARG A N     1 
ATOM   1195 C CA    . ARG A 1 161 ? -1.738  -8.909  18.648  1.00 31.29 ? 161 ARG A CA    1 
ATOM   1196 C C     . ARG A 1 161 ? -2.875  -8.425  19.537  1.00 33.03 ? 161 ARG A C     1 
ATOM   1197 O O     . ARG A 1 161 ? -3.364  -9.159  20.419  1.00 32.66 ? 161 ARG A O     1 
ATOM   1198 C CB    . ARG A 1 161 ? -0.409  -8.932  19.435  1.00 33.52 ? 161 ARG A CB    1 
ATOM   1199 C CG    . ARG A 1 161 ? 0.679   -9.890  18.913  1.00 33.83 ? 161 ARG A CG    1 
ATOM   1200 C CD    . ARG A 1 161 ? 0.211   -11.342 18.812  1.00 35.02 ? 161 ARG A CD    1 
ATOM   1201 N NE    . ARG A 1 161 ? 0.508   -12.168 19.994  1.00 34.44 ? 161 ARG A NE    1 
ATOM   1202 C CZ    . ARG A 1 161 ? -0.173  -13.260 20.342  1.00 33.40 ? 161 ARG A CZ    1 
ATOM   1203 N NH1   . ARG A 1 161 ? -1.245  -13.675 19.679  1.00 33.71 ? 161 ARG A NH1   1 
ATOM   1204 N NH2   . ARG A 1 161 ? 0.224   -13.953 21.389  1.00 33.01 ? 161 ARG A NH2   1 
ATOM   1205 N N     . GLY A 1 162 ? -3.304  -7.183  19.268  1.00 32.93 ? 162 GLY A N     1 
ATOM   1206 C CA    . GLY A 1 162 ? -4.405  -6.597  20.009  1.00 34.31 ? 162 GLY A CA    1 
ATOM   1207 C C     . GLY A 1 162 ? -5.773  -6.543  19.277  1.00 36.69 ? 162 GLY A C     1 
ATOM   1208 O O     . GLY A 1 162 ? -6.094  -7.306  18.374  1.00 36.94 ? 162 GLY A O     1 
ATOM   1209 N N     . GLU A 1 163 ? -6.641  -5.659  19.725  1.00 39.89 ? 163 GLU A N     1 
ATOM   1210 C CA    . GLU A 1 163 ? -7.915  -5.578  19.056  1.00 43.63 ? 163 GLU A CA    1 
ATOM   1211 C C     . GLU A 1 163 ? -7.793  -4.849  17.761  1.00 41.71 ? 163 GLU A C     1 
ATOM   1212 O O     . GLU A 1 163 ? -8.643  -5.066  16.917  1.00 41.91 ? 163 GLU A O     1 
ATOM   1213 C CB    . GLU A 1 163 ? -9.165  -5.042  19.847  1.00 49.58 ? 163 GLU A CB    1 
ATOM   1214 C CG    . GLU A 1 163 ? -9.264  -5.320  21.383  1.00 55.40 ? 163 GLU A CG    1 
ATOM   1215 C CD    . GLU A 1 163 ? -9.626  -4.052  22.204  1.00 60.20 ? 163 GLU A CD    1 
ATOM   1216 O OE1   . GLU A 1 163 ? -10.208 -3.028  21.735  1.00 60.73 ? 163 GLU A OE1   1 
ATOM   1217 O OE2   . GLU A 1 163 ? -9.187  -4.143  23.459  1.00 61.96 ? 163 GLU A OE2   1 
ATOM   1218 N N     . ILE A 1 164 ? -6.807  -3.914  17.640  1.00 40.23 ? 164 ILE A N     1 
ATOM   1219 C CA    . ILE A 1 164 ? -6.666  -3.116  16.416  1.00 38.80 ? 164 ILE A CA    1 
ATOM   1220 C C     . ILE A 1 164 ? -5.701  -3.668  15.398  1.00 36.51 ? 164 ILE A C     1 
ATOM   1221 O O     . ILE A 1 164 ? -4.854  -4.501  15.664  1.00 36.88 ? 164 ILE A O     1 
ATOM   1222 C CB    . ILE A 1 164 ? -6.464  -1.611  16.594  1.00 41.12 ? 164 ILE A CB    1 
ATOM   1223 C CG1   . ILE A 1 164 ? -5.312  -1.288  17.544  1.00 41.89 ? 164 ILE A CG1   1 
ATOM   1224 C CG2   . ILE A 1 164 ? -7.762  -0.884  16.981  1.00 41.95 ? 164 ILE A CG2   1 
ATOM   1225 C CD1   . ILE A 1 164 ? -4.314  -0.294  16.935  1.00 41.53 ? 164 ILE A CD1   1 
ATOM   1226 N N     . SER A 1 165 ? -5.840  -3.160  14.216  1.00 35.16 ? 165 SER A N     1 
ATOM   1227 C CA    . SER A 1 165 ? -5.004  -3.545  13.125  1.00 33.04 ? 165 SER A CA    1 
ATOM   1228 C C     . SER A 1 165 ? -3.793  -2.653  13.031  1.00 32.55 ? 165 SER A C     1 
ATOM   1229 O O     . SER A 1 165 ? -3.686  -1.640  13.712  1.00 33.66 ? 165 SER A O     1 
ATOM   1230 C CB    . SER A 1 165 ? -5.790  -3.516  11.826  1.00 34.44 ? 165 SER A CB    1 
ATOM   1231 O OG    . SER A 1 165 ? -5.798  -2.200  11.312  1.00 35.57 ? 165 SER A OG    1 
ATOM   1232 N N     . ALA A 1 166 ? -2.886  -3.054  12.156  1.00 33.07 ? 166 ALA A N     1 
ATOM   1233 C CA    . ALA A 1 166 ? -1.587  -2.424  11.932  1.00 31.26 ? 166 ALA A CA    1 
ATOM   1234 C C     . ALA A 1 166 ? -1.710  -1.082  11.291  1.00 27.88 ? 166 ALA A C     1 
ATOM   1235 O O     . ALA A 1 166 ? -0.897  -0.191  11.511  1.00 27.13 ? 166 ALA A O     1 
ATOM   1236 C CB    . ALA A 1 166 ? -0.741  -3.313  11.034  1.00 31.63 ? 166 ALA A CB    1 
ATOM   1237 N N     . ILE A 1 167 ? -2.619  -1.006  10.374  1.00 25.75 ? 167 ILE A N     1 
ATOM   1238 C CA    . ILE A 1 167 ? -2.794  0.243   9.792   1.00 27.19 ? 167 ILE A CA    1 
ATOM   1239 C C     . ILE A 1 167 ? -3.223  1.177   10.920  1.00 29.31 ? 167 ILE A C     1 
ATOM   1240 O O     . ILE A 1 167 ? -2.526  2.135   11.256  1.00 29.77 ? 167 ILE A O     1 
ATOM   1241 C CB    . ILE A 1 167 ? -3.759  0.158   8.612   1.00 28.49 ? 167 ILE A CB    1 
ATOM   1242 C CG1   . ILE A 1 167 ? -3.009  -0.250  7.343   1.00 30.30 ? 167 ILE A CG1   1 
ATOM   1243 C CG2   . ILE A 1 167 ? -4.461  1.476   8.352   1.00 27.39 ? 167 ILE A CG2   1 
ATOM   1244 C CD1   . ILE A 1 167 ? -1.561  -0.645  7.607   1.00 31.22 ? 167 ILE A CD1   1 
ATOM   1245 N N     . GLN A 1 168 ? -4.256  0.750   11.641  1.00 30.77 ? 168 GLN A N     1 
ATOM   1246 C CA    . GLN A 1 168 ? -4.830  1.480   12.766  1.00 30.55 ? 168 GLN A CA    1 
ATOM   1247 C C     . GLN A 1 168 ? -3.781  1.896   13.770  1.00 32.35 ? 168 GLN A C     1 
ATOM   1248 O O     . GLN A 1 168 ? -3.789  3.017   14.292  1.00 33.77 ? 168 GLN A O     1 
ATOM   1249 C CB    . GLN A 1 168 ? -5.942  0.658   13.433  1.00 29.42 ? 168 GLN A CB    1 
ATOM   1250 C CG    . GLN A 1 168 ? -7.270  0.753   12.651  1.00 27.55 ? 168 GLN A CG    1 
ATOM   1251 C CD    . GLN A 1 168 ? -8.334  -0.161  13.186  1.00 24.07 ? 168 GLN A CD    1 
ATOM   1252 O OE1   . GLN A 1 168 ? -8.053  -1.160  13.891  1.00 21.08 ? 168 GLN A OE1   1 
ATOM   1253 N NE2   . GLN A 1 168 ? -9.557  0.175   12.811  1.00 23.78 ? 168 GLN A NE2   1 
ATOM   1254 N N     . GLU A 1 169 ? -2.875  0.985   14.034  1.00 32.96 ? 169 GLU A N     1 
ATOM   1255 C CA    . GLU A 1 169 ? -1.782  1.279   14.921  1.00 35.40 ? 169 GLU A CA    1 
ATOM   1256 C C     . GLU A 1 169 ? -0.881  2.310   14.323  1.00 35.97 ? 169 GLU A C     1 
ATOM   1257 O O     . GLU A 1 169 ? -0.388  3.171   15.040  1.00 36.83 ? 169 GLU A O     1 
ATOM   1258 C CB    . GLU A 1 169 ? -0.948  0.063   15.203  1.00 38.36 ? 169 GLU A CB    1 
ATOM   1259 C CG    . GLU A 1 169 ? -1.750  -1.149  15.648  1.00 42.49 ? 169 GLU A CG    1 
ATOM   1260 C CD    . GLU A 1 169 ? -0.754  -2.072  16.254  1.00 49.03 ? 169 GLU A CD    1 
ATOM   1261 O OE1   . GLU A 1 169 ? 0.458   -1.844  16.143  1.00 50.02 ? 169 GLU A OE1   1 
ATOM   1262 O OE2   . GLU A 1 169 ? -1.288  -3.069  16.978  1.00 52.60 ? 169 GLU A OE2   1 
ATOM   1263 N N     . VAL A 1 170 ? -0.617  2.189   13.002  1.00 36.03 ? 170 VAL A N     1 
ATOM   1264 C CA    . VAL A 1 170 ? 0.162   3.196   12.298  1.00 35.28 ? 170 VAL A CA    1 
ATOM   1265 C C     . VAL A 1 170 ? -0.505  4.564   12.457  1.00 35.89 ? 170 VAL A C     1 
ATOM   1266 O O     . VAL A 1 170 ? 0.109   5.437   13.033  1.00 36.11 ? 170 VAL A O     1 
ATOM   1267 C CB    . VAL A 1 170 ? 0.619   2.820   10.854  1.00 33.95 ? 170 VAL A CB    1 
ATOM   1268 C CG1   . VAL A 1 170 ? 0.076   3.791   9.822   1.00 33.04 ? 170 VAL A CG1   1 
ATOM   1269 C CG2   . VAL A 1 170 ? 2.160   2.763   10.755  1.00 33.41 ? 170 VAL A CG2   1 
ATOM   1270 N N     . GLU A 1 171 ? -1.817  4.700   12.115  1.00 36.57 ? 171 GLU A N     1 
ATOM   1271 C CA    . GLU A 1 171 ? -2.554  5.952   12.316  1.00 38.84 ? 171 GLU A CA    1 
ATOM   1272 C C     . GLU A 1 171 ? -2.457  6.408   13.781  1.00 41.13 ? 171 GLU A C     1 
ATOM   1273 O O     . GLU A 1 171 ? -2.338  7.599   14.119  1.00 40.96 ? 171 GLU A O     1 
ATOM   1274 C CB    . GLU A 1 171 ? -4.052  5.802   11.950  1.00 41.12 ? 171 GLU A CB    1 
ATOM   1275 C CG    . GLU A 1 171 ? -4.430  5.904   10.447  1.00 44.39 ? 171 GLU A CG    1 
ATOM   1276 C CD    . GLU A 1 171 ? -5.594  4.994   10.085  1.00 48.78 ? 171 GLU A CD    1 
ATOM   1277 O OE1   . GLU A 1 171 ? -5.847  4.024   10.757  1.00 53.01 ? 171 GLU A OE1   1 
ATOM   1278 O OE2   . GLU A 1 171 ? -6.337  5.348   9.035   1.00 48.53 ? 171 GLU A OE2   1 
ATOM   1279 N N     . ARG A 1 172 ? -2.573  5.419   14.659  1.00 43.89 ? 172 ARG A N     1 
ATOM   1280 C CA    . ARG A 1 172 ? -2.591  5.575   16.108  1.00 46.55 ? 172 ARG A CA    1 
ATOM   1281 C C     . ARG A 1 172 ? -1.232  5.940   16.715  1.00 48.67 ? 172 ARG A C     1 
ATOM   1282 O O     . ARG A 1 172 ? -1.166  6.188   17.898  1.00 49.84 ? 172 ARG A O     1 
ATOM   1283 C CB    . ARG A 1 172 ? -3.141  4.265   16.727  1.00 47.85 ? 172 ARG A CB    1 
ATOM   1284 C CG    . ARG A 1 172 ? -3.383  4.232   18.261  1.00 47.48 ? 172 ARG A CG    1 
ATOM   1285 C CD    . ARG A 1 172 ? -2.244  3.587   19.096  1.00 44.91 ? 172 ARG A CD    1 
ATOM   1286 N NE    . ARG A 1 172 ? -2.223  2.110   19.139  1.00 42.64 ? 172 ARG A NE    1 
ATOM   1287 C CZ    . ARG A 1 172 ? -1.152  1.382   19.538  1.00 41.10 ? 172 ARG A CZ    1 
ATOM   1288 N NH1   . ARG A 1 172 ? -0.008  1.940   19.916  1.00 40.24 ? 172 ARG A NH1   1 
ATOM   1289 N NH2   . ARG A 1 172 ? -1.214  0.057   19.562  1.00 40.95 ? 172 ARG A NH2   1 
ATOM   1290 N N     . ASP A 1 173 ? -0.140  5.943   15.926  1.00 49.75 ? 173 ASP A N     1 
ATOM   1291 C CA    . ASP A 1 173 ? 1.215   6.203   16.461  1.00 50.39 ? 173 ASP A CA    1 
ATOM   1292 C C     . ASP A 1 173 ? 2.020   7.340   15.794  1.00 49.56 ? 173 ASP A C     1 
ATOM   1293 O O     . ASP A 1 173 ? 2.895   7.936   16.439  1.00 51.22 ? 173 ASP A O     1 
ATOM   1294 C CB    . ASP A 1 173 ? 2.106   4.919   16.565  1.00 52.14 ? 173 ASP A CB    1 
ATOM   1295 C CG    . ASP A 1 173 ? 1.574   3.799   17.437  1.00 51.89 ? 173 ASP A CG    1 
ATOM   1296 O OD1   . ASP A 1 173 ? 0.414   3.415   17.378  1.00 52.65 ? 173 ASP A OD1   1 
ATOM   1297 O OD2   . ASP A 1 173 ? 2.499   3.254   18.212  1.00 50.27 ? 173 ASP A OD2   1 
ATOM   1298 N N     . TYR A 1 174 ? 1.757   7.619   14.513  1.00 47.22 ? 174 TYR A N     1 
ATOM   1299 C CA    . TYR A 1 174 ? 2.463   8.658   13.785  1.00 46.20 ? 174 TYR A CA    1 
ATOM   1300 C C     . TYR A 1 174 ? 1.571   9.850   13.405  1.00 45.92 ? 174 TYR A C     1 
ATOM   1301 O O     . TYR A 1 174 ? 1.973   10.747  12.606  1.00 48.12 ? 174 TYR A O     1 
ATOM   1302 C CB    . TYR A 1 174 ? 3.223   8.067   12.585  1.00 46.25 ? 174 TYR A CB    1 
ATOM   1303 C CG    . TYR A 1 174 ? 4.288   7.132   13.068  1.00 45.40 ? 174 TYR A CG    1 
ATOM   1304 C CD1   . TYR A 1 174 ? 5.499   7.632   13.533  1.00 45.39 ? 174 TYR A CD1   1 
ATOM   1305 C CD2   . TYR A 1 174 ? 4.016   5.776   13.229  1.00 44.86 ? 174 TYR A CD2   1 
ATOM   1306 C CE1   . TYR A 1 174 ? 6.481   6.780   14.028  1.00 46.82 ? 174 TYR A CE1   1 
ATOM   1307 C CE2   . TYR A 1 174 ? 4.987   4.912   13.725  1.00 45.45 ? 174 TYR A CE2   1 
ATOM   1308 C CZ    . TYR A 1 174 ? 6.218   5.417   14.144  1.00 46.99 ? 174 TYR A CZ    1 
ATOM   1309 O OH    . TYR A 1 174 ? 7.208   4.577   14.638  1.00 47.50 ? 174 TYR A OH    1 
ATOM   1310 N N     . GLY A 1 175 ? 0.386   9.882   14.047  1.00 42.72 ? 175 GLY A N     1 
ATOM   1311 C CA    . GLY A 1 175 ? -0.569  10.947  13.867  1.00 42.39 ? 175 GLY A CA    1 
ATOM   1312 C C     . GLY A 1 175 ? -0.715  11.271  12.404  1.00 43.97 ? 175 GLY A C     1 
ATOM   1313 O O     . GLY A 1 175 ? -0.728  12.449  11.990  1.00 43.61 ? 175 GLY A O     1 
ATOM   1314 N N     . CYS A 1 176 ? -0.644  10.181  11.616  1.00 45.19 ? 176 CYS A N     1 
ATOM   1315 C CA    . CYS A 1 176 ? -0.736  10.259  10.160  1.00 44.53 ? 176 CYS A CA    1 
ATOM   1316 C C     . CYS A 1 176 ? -1.939  9.528   9.639   1.00 41.86 ? 176 CYS A C     1 
ATOM   1317 O O     . CYS A 1 176 ? -2.633  8.859   10.376  1.00 41.53 ? 176 CYS A O     1 
ATOM   1318 C CB    . CYS A 1 176 ? 0.524   9.763   9.441   1.00 44.23 ? 176 CYS A CB    1 
ATOM   1319 S SG    . CYS A 1 176 ? 0.573   7.980   9.451   1.00 44.54 ? 176 CYS A SG    1 
ATOM   1320 N N     . LYS A 1 177 ? -2.204  9.692   8.367   1.00 40.58 ? 177 LYS A N     1 
ATOM   1321 C CA    . LYS A 1 177 ? -3.324  9.000   7.804   1.00 38.65 ? 177 LYS A CA    1 
ATOM   1322 C C     . LYS A 1 177 ? -2.886  8.068   6.674   1.00 31.96 ? 177 LYS A C     1 
ATOM   1323 O O     . LYS A 1 177 ? -2.105  8.455   5.832   1.00 30.49 ? 177 LYS A O     1 
ATOM   1324 C CB    . LYS A 1 177 ? -4.500  9.930   7.480   1.00 42.11 ? 177 LYS A CB    1 
ATOM   1325 C CG    . LYS A 1 177 ? -5.499  9.334   6.474   1.00 45.68 ? 177 LYS A CG    1 
ATOM   1326 C CD    . LYS A 1 177 ? -6.683  8.532   7.082   1.00 47.84 ? 177 LYS A CD    1 
ATOM   1327 C CE    . LYS A 1 177 ? -7.508  7.700   6.065   1.00 48.35 ? 177 LYS A CE    1 
ATOM   1328 N NZ    . LYS A 1 177 ? -8.043  8.479   4.915   1.00 48.39 ? 177 LYS A NZ    1 
ATOM   1329 N N     . VAL A 1 178 ? -3.235  6.794   6.803   1.00 27.59 ? 178 VAL A N     1 
ATOM   1330 C CA    . VAL A 1 178 ? -2.934  5.844   5.794   1.00 24.80 ? 178 VAL A CA    1 
ATOM   1331 C C     . VAL A 1 178 ? -4.058  5.802   4.826   1.00 25.48 ? 178 VAL A C     1 
ATOM   1332 O O     . VAL A 1 178 ? -5.126  5.425   5.222   1.00 24.49 ? 178 VAL A O     1 
ATOM   1333 C CB    . VAL A 1 178 ? -2.780  4.402   6.275   1.00 21.71 ? 178 VAL A CB    1 
ATOM   1334 C CG1   . VAL A 1 178 ? -2.510  3.515   5.046   1.00 19.19 ? 178 VAL A CG1   1 
ATOM   1335 C CG2   . VAL A 1 178 ? -1.688  4.220   7.355   1.00 21.15 ? 178 VAL A CG2   1 
ATOM   1336 N N     . ILE A 1 179 ? -3.750  6.050   3.564   1.00 26.23 ? 179 ILE A N     1 
ATOM   1337 C CA    . ILE A 1 179 ? -4.628  5.846   2.449   1.00 25.94 ? 179 ILE A CA    1 
ATOM   1338 C C     . ILE A 1 179 ? -4.283  4.474   1.841   1.00 24.79 ? 179 ILE A C     1 
ATOM   1339 O O     . ILE A 1 179 ? -3.287  3.859   2.251   1.00 24.36 ? 179 ILE A O     1 
ATOM   1340 C CB    . ILE A 1 179 ? -4.340  6.945   1.452   1.00 28.11 ? 179 ILE A CB    1 
ATOM   1341 C CG1   . ILE A 1 179 ? -4.698  8.278   2.068   1.00 31.21 ? 179 ILE A CG1   1 
ATOM   1342 C CG2   . ILE A 1 179 ? -5.132  6.738   0.198   1.00 27.09 ? 179 ILE A CG2   1 
ATOM   1343 C CD1   . ILE A 1 179 ? -3.456  9.109   2.397   1.00 31.51 ? 179 ILE A CD1   1 
ATOM   1344 N N     . SER A 1 180 ? -5.071  3.994   0.851   1.00 23.56 ? 180 SER A N     1 
ATOM   1345 C CA    . SER A 1 180 ? -4.822  2.683   0.287   1.00 24.64 ? 180 SER A CA    1 
ATOM   1346 C C     . SER A 1 180 ? -5.815  2.274   -0.807  1.00 24.76 ? 180 SER A C     1 
ATOM   1347 O O     . SER A 1 180 ? -6.945  2.704   -0.865  1.00 27.91 ? 180 SER A O     1 
ATOM   1348 C CB    . SER A 1 180 ? -4.711  1.630   1.365   1.00 27.08 ? 180 SER A CB    1 
ATOM   1349 O OG    . SER A 1 180 ? -5.979  1.013   1.497   1.00 28.54 ? 180 SER A OG    1 
ATOM   1350 N N     . ILE A 1 181 ? -5.392  1.439   -1.703  1.00 21.56 ? 181 ILE A N     1 
ATOM   1351 C CA    . ILE A 1 181 ? -6.213  1.181   -2.844  1.00 20.78 ? 181 ILE A CA    1 
ATOM   1352 C C     . ILE A 1 181 ? -7.357  0.225   -2.647  1.00 18.76 ? 181 ILE A C     1 
ATOM   1353 O O     . ILE A 1 181 ? -8.467  0.539   -2.999  1.00 17.96 ? 181 ILE A O     1 
ATOM   1354 C CB    . ILE A 1 181 ? -5.406  0.721   -4.010  1.00 22.82 ? 181 ILE A CB    1 
ATOM   1355 C CG1   . ILE A 1 181 ? -4.202  1.679   -4.200  1.00 23.36 ? 181 ILE A CG1   1 
ATOM   1356 C CG2   . ILE A 1 181 ? -6.374  0.742   -5.184  1.00 22.83 ? 181 ILE A CG2   1 
ATOM   1357 C CD1   . ILE A 1 181 ? -2.912  1.063   -4.756  1.00 21.02 ? 181 ILE A CD1   1 
ATOM   1358 N N     . ILE A 1 182 ? -7.053  -1.024  -2.340  1.00 15.96 ? 182 ILE A N     1 
ATOM   1359 C CA    . ILE A 1 182 ? -8.114  -1.875  -2.006  1.00 13.42 ? 182 ILE A CA    1 
ATOM   1360 C C     . ILE A 1 182 ? -8.085  -2.090  -0.520  1.00 15.45 ? 182 ILE A C     1 
ATOM   1361 O O     . ILE A 1 182 ? -7.157  -1.652  0.151   1.00 16.33 ? 182 ILE A O     1 
ATOM   1362 C CB    . ILE A 1 182 ? -8.210  -3.177  -2.762  1.00 10.81 ? 182 ILE A CB    1 
ATOM   1363 C CG1   . ILE A 1 182 ? -6.888  -3.920  -2.738  1.00 9.14  ? 182 ILE A CG1   1 
ATOM   1364 C CG2   . ILE A 1 182 ? -8.693  -2.941  -4.165  1.00 9.86  ? 182 ILE A CG2   1 
ATOM   1365 C CD1   . ILE A 1 182 ? -6.969  -5.202  -3.554  1.00 6.58  ? 182 ILE A CD1   1 
ATOM   1366 N N     . THR A 1 183 ? -9.194  -2.616  -0.019  1.00 17.15 ? 183 THR A N     1 
ATOM   1367 C CA    . THR A 1 183 ? -9.326  -3.108  1.338   1.00 19.06 ? 183 THR A CA    1 
ATOM   1368 C C     . THR A 1 183 ? -10.017 -4.461  1.214   1.00 20.03 ? 183 THR A C     1 
ATOM   1369 O O     . THR A 1 183 ? -10.503 -4.811  0.141   1.00 19.05 ? 183 THR A O     1 
ATOM   1370 C CB    . THR A 1 183 ? -10.249 -2.270  2.213   1.00 17.81 ? 183 THR A CB    1 
ATOM   1371 O OG1   . THR A 1 183 ? -11.433 -2.173  1.474   1.00 20.59 ? 183 THR A OG1   1 
ATOM   1372 C CG2   . THR A 1 183 ? -9.677  -0.925  2.665   1.00 11.41 ? 183 THR A CG2   1 
ATOM   1373 N N     . LEU A 1 184 ? -10.006 -5.207  2.305   1.00 21.72 ? 184 LEU A N     1 
ATOM   1374 C CA    . LEU A 1 184 ? -10.634 -6.509  2.407   1.00 23.33 ? 184 LEU A CA    1 
ATOM   1375 C C     . LEU A 1 184 ? -12.073 -6.410  1.860   1.00 23.73 ? 184 LEU A C     1 
ATOM   1376 O O     . LEU A 1 184 ? -12.617 -7.219  1.081   1.00 23.65 ? 184 LEU A O     1 
ATOM   1377 C CB    . LEU A 1 184 ? -10.624 -6.887  3.954   1.00 24.03 ? 184 LEU A CB    1 
ATOM   1378 C CG    . LEU A 1 184 ? -10.630 -8.398  4.265   1.00 24.62 ? 184 LEU A CG    1 
ATOM   1379 C CD1   . LEU A 1 184 ? -11.041 -8.719  5.715   1.00 22.89 ? 184 LEU A CD1   1 
ATOM   1380 C CD2   . LEU A 1 184 ? -11.574 -9.098  3.288   1.00 26.47 ? 184 LEU A CD2   1 
ATOM   1381 N N     . LYS A 1 185 ? -12.685 -5.352  2.301   1.00 23.03 ? 185 LYS A N     1 
ATOM   1382 C CA    . LYS A 1 185 ? -14.059 -5.133  2.071   1.00 22.19 ? 185 LYS A CA    1 
ATOM   1383 C C     . LYS A 1 185 ? -14.348 -5.083  0.592   1.00 19.32 ? 185 LYS A C     1 
ATOM   1384 O O     . LYS A 1 185 ? -15.190 -5.786  0.103   1.00 21.54 ? 185 LYS A O     1 
ATOM   1385 C CB    . LYS A 1 185 ? -14.534 -3.979  2.971   1.00 26.93 ? 185 LYS A CB    1 
ATOM   1386 C CG    . LYS A 1 185 ? -15.973 -3.560  2.826   1.00 33.03 ? 185 LYS A CG    1 
ATOM   1387 C CD    . LYS A 1 185 ? -16.190 -2.047  3.009   1.00 37.25 ? 185 LYS A CD    1 
ATOM   1388 C CE    . LYS A 1 185 ? -17.544 -1.503  2.480   1.00 39.15 ? 185 LYS A CE    1 
ATOM   1389 N NZ    . LYS A 1 185 ? -17.582 -1.394  1.002   1.00 40.01 ? 185 LYS A NZ    1 
ATOM   1390 N N     . ASP A 1 186 ? -13.563 -4.353  -0.148  1.00 16.90 ? 186 ASP A N     1 
ATOM   1391 C CA    . ASP A 1 186 ? -13.693 -4.286  -1.586  1.00 14.19 ? 186 ASP A CA    1 
ATOM   1392 C C     . ASP A 1 186 ? -13.368 -5.628  -2.162  1.00 12.80 ? 186 ASP A C     1 
ATOM   1393 O O     . ASP A 1 186 ? -13.793 -6.029  -3.250  1.00 12.21 ? 186 ASP A O     1 
ATOM   1394 C CB    . ASP A 1 186 ? -12.682 -3.278  -2.175  1.00 14.83 ? 186 ASP A CB    1 
ATOM   1395 C CG    . ASP A 1 186 ? -12.717 -1.916  -1.524  1.00 19.09 ? 186 ASP A CG    1 
ATOM   1396 O OD1   . ASP A 1 186 ? -13.724 -1.267  -1.276  1.00 20.12 ? 186 ASP A OD1   1 
ATOM   1397 O OD2   . ASP A 1 186 ? -11.548 -1.502  -1.191  1.00 23.15 ? 186 ASP A OD2   1 
ATOM   1398 N N     . LEU A 1 187 ? -12.536 -6.314  -1.449  1.00 13.57 ? 187 LEU A N     1 
ATOM   1399 C CA    . LEU A 1 187 ? -12.022 -7.543  -1.963  1.00 15.15 ? 187 LEU A CA    1 
ATOM   1400 C C     . LEU A 1 187 ? -13.135 -8.521  -2.039  1.00 16.16 ? 187 LEU A C     1 
ATOM   1401 O O     . LEU A 1 187 ? -13.355 -9.126  -3.079  1.00 18.29 ? 187 LEU A O     1 
ATOM   1402 C CB    . LEU A 1 187 ? -10.748 -7.983  -1.194  1.00 18.11 ? 187 LEU A CB    1 
ATOM   1403 C CG    . LEU A 1 187 ? -10.357 -9.448  -1.367  1.00 20.75 ? 187 LEU A CG    1 
ATOM   1404 C CD1   . LEU A 1 187 ? -10.550 -9.891  -2.809  1.00 22.25 ? 187 LEU A CD1   1 
ATOM   1405 C CD2   . LEU A 1 187 ? -8.917  -9.608  -0.973  1.00 21.84 ? 187 LEU A CD2   1 
ATOM   1406 N N     . ILE A 1 188 ? -13.951 -8.494  -0.969  1.00 16.67 ? 188 ILE A N     1 
ATOM   1407 C CA    . ILE A 1 188 ? -15.203 -9.276  -0.805  1.00 14.66 ? 188 ILE A CA    1 
ATOM   1408 C C     . ILE A 1 188 ? -16.310 -8.802  -1.732  1.00 13.62 ? 188 ILE A C     1 
ATOM   1409 O O     . ILE A 1 188 ? -16.849 -9.543  -2.515  1.00 14.71 ? 188 ILE A O     1 
ATOM   1410 C CB    . ILE A 1 188 ? -15.711 -9.177  0.620   1.00 12.34 ? 188 ILE A CB    1 
ATOM   1411 C CG1   . ILE A 1 188 ? -14.788 -9.938  1.548   1.00 12.09 ? 188 ILE A CG1   1 
ATOM   1412 C CG2   . ILE A 1 188 ? -17.145 -9.692  0.703   1.00 10.89 ? 188 ILE A CG2   1 
ATOM   1413 C CD1   . ILE A 1 188 ? -15.268 -9.880  2.998   1.00 13.19 ? 188 ILE A CD1   1 
ATOM   1414 N N     . ALA A 1 189 ? -16.653 -7.557  -1.600  1.00 13.32 ? 189 ALA A N     1 
ATOM   1415 C CA    . ALA A 1 189 ? -17.549 -6.876  -2.510  1.00 15.34 ? 189 ALA A CA    1 
ATOM   1416 C C     . ALA A 1 189 ? -17.357 -7.326  -3.916  1.00 19.20 ? 189 ALA A C     1 
ATOM   1417 O O     . ALA A 1 189 ? -18.284 -7.580  -4.633  1.00 20.41 ? 189 ALA A O     1 
ATOM   1418 C CB    . ALA A 1 189 ? -17.245 -5.391  -2.504  1.00 14.48 ? 189 ALA A CB    1 
ATOM   1419 N N     . TYR A 1 190 ? -16.107 -7.619  -4.211  1.00 22.82 ? 190 TYR A N     1 
ATOM   1420 C CA    . TYR A 1 190 ? -15.688 -8.031  -5.505  1.00 25.17 ? 190 TYR A CA    1 
ATOM   1421 C C     . TYR A 1 190 ? -16.028 -9.487  -5.767  1.00 25.76 ? 190 TYR A C     1 
ATOM   1422 O O     . TYR A 1 190 ? -16.439 -9.914  -6.852  1.00 26.70 ? 190 TYR A O     1 
ATOM   1423 C CB    . TYR A 1 190 ? -14.193 -7.729  -5.667  1.00 27.20 ? 190 TYR A CB    1 
ATOM   1424 C CG    . TYR A 1 190 ? -13.647 -8.400  -6.867  1.00 28.44 ? 190 TYR A CG    1 
ATOM   1425 C CD1   . TYR A 1 190 ? -13.843 -7.830  -8.123  1.00 30.64 ? 190 TYR A CD1   1 
ATOM   1426 C CD2   . TYR A 1 190 ? -12.950 -9.600  -6.764  1.00 29.21 ? 190 TYR A CD2   1 
ATOM   1427 C CE1   . TYR A 1 190 ? -13.383 -8.461  -9.280  1.00 32.62 ? 190 TYR A CE1   1 
ATOM   1428 C CE2   . TYR A 1 190 ? -12.534 -10.280 -7.914  1.00 30.97 ? 190 TYR A CE2   1 
ATOM   1429 C CZ    . TYR A 1 190 ? -12.754 -9.706  -9.171  1.00 33.15 ? 190 TYR A CZ    1 
ATOM   1430 O OH    . TYR A 1 190 ? -12.298 -10.317 -10.317 1.00 34.32 ? 190 TYR A OH    1 
ATOM   1431 N N     . LEU A 1 191 ? -15.847 -10.279 -4.758  1.00 25.50 ? 191 LEU A N     1 
ATOM   1432 C CA    . LEU A 1 191 ? -16.134 -11.668 -4.922  1.00 23.10 ? 191 LEU A CA    1 
ATOM   1433 C C     . LEU A 1 191 ? -17.625 -11.878 -5.021  1.00 26.77 ? 191 LEU A C     1 
ATOM   1434 O O     . LEU A 1 191 ? -18.065 -12.806 -5.675  1.00 28.97 ? 191 LEU A O     1 
ATOM   1435 C CB    . LEU A 1 191 ? -15.442 -12.518 -3.846  1.00 19.09 ? 191 LEU A CB    1 
ATOM   1436 C CG    . LEU A 1 191 ? -13.921 -12.554 -4.034  1.00 17.10 ? 191 LEU A CG    1 
ATOM   1437 C CD1   . LEU A 1 191 ? -13.192 -12.867 -2.731  1.00 15.98 ? 191 LEU A CD1   1 
ATOM   1438 C CD2   . LEU A 1 191 ? -13.593 -13.617 -5.078  1.00 17.64 ? 191 LEU A CD2   1 
ATOM   1439 N N     . GLU A 1 192 ? -18.422 -10.953 -4.500  1.00 29.31 ? 192 GLU A N     1 
ATOM   1440 C CA    . GLU A 1 192 ? -19.889 -11.121 -4.574  1.00 34.36 ? 192 GLU A CA    1 
ATOM   1441 C C     . GLU A 1 192 ? -20.484 -11.026 -5.964  1.00 39.83 ? 192 GLU A C     1 
ATOM   1442 O O     . GLU A 1 192 ? -21.630 -11.418 -6.166  1.00 42.48 ? 192 GLU A O     1 
ATOM   1443 C CB    . GLU A 1 192 ? -20.710 -10.259 -3.586  1.00 33.93 ? 192 GLU A CB    1 
ATOM   1444 C CG    . GLU A 1 192 ? -20.392 -10.570 -2.127  1.00 33.39 ? 192 GLU A CG    1 
ATOM   1445 C CD    . GLU A 1 192 ? -20.816 -9.477  -1.248  1.00 33.44 ? 192 GLU A CD    1 
ATOM   1446 O OE1   . GLU A 1 192 ? -21.070 -8.388  -1.702  1.00 33.23 ? 192 GLU A OE1   1 
ATOM   1447 O OE2   . GLU A 1 192 ? -20.898 -9.821  0.036   1.00 34.79 ? 192 GLU A OE2   1 
ATOM   1448 N N     . GLU A 1 193 ? -19.728 -10.453 -6.887  1.00 42.82 ? 193 GLU A N     1 
ATOM   1449 C CA    . GLU A 1 193 ? -20.121 -10.322 -8.274  1.00 45.78 ? 193 GLU A CA    1 
ATOM   1450 C C     . GLU A 1 193 ? -19.673 -11.504 -9.101  1.00 44.29 ? 193 GLU A C     1 
ATOM   1451 O O     . GLU A 1 193 ? -20.107 -11.673 -10.214 1.00 45.64 ? 193 GLU A O     1 
ATOM   1452 C CB    . GLU A 1 193 ? -19.477 -9.083  -8.910  1.00 50.55 ? 193 GLU A CB    1 
ATOM   1453 C CG    . GLU A 1 193 ? -20.169 -7.742  -8.555  1.00 54.29 ? 193 GLU A CG    1 
ATOM   1454 C CD    . GLU A 1 193 ? -19.231 -6.574  -8.756  1.00 57.12 ? 193 GLU A CD    1 
ATOM   1455 O OE1   . GLU A 1 193 ? -18.244 -6.857  -9.600  1.00 58.55 ? 193 GLU A OE1   1 
ATOM   1456 O OE2   . GLU A 1 193 ? -19.326 -5.519  -8.131  1.00 57.39 ? 193 GLU A OE2   1 
ATOM   1457 N N     . LYS A 1 194 ? -18.663 -12.197 -8.642  1.00 43.33 ? 194 LYS A N     1 
ATOM   1458 C CA    . LYS A 1 194 ? -18.146 -13.352 -9.357  1.00 43.15 ? 194 LYS A CA    1 
ATOM   1459 C C     . LYS A 1 194 ? -18.769 -14.586 -8.765  1.00 44.31 ? 194 LYS A C     1 
ATOM   1460 O O     . LYS A 1 194 ? -18.325 -15.094 -7.736  1.00 43.57 ? 194 LYS A O     1 
ATOM   1461 C CB    . LYS A 1 194 ? -16.639 -13.430 -9.244  1.00 42.65 ? 194 LYS A CB    1 
ATOM   1462 C CG    . LYS A 1 194 ? -16.015 -12.052 -9.203  1.00 42.92 ? 194 LYS A CG    1 
ATOM   1463 C CD    . LYS A 1 194 ? -16.302 -11.223 -10.454 1.00 43.43 ? 194 LYS A CD    1 
ATOM   1464 C CE    . LYS A 1 194 ? -15.955 -11.910 -11.773 1.00 43.14 ? 194 LYS A CE    1 
ATOM   1465 N NZ    . LYS A 1 194 ? -16.219 -11.039 -12.931 1.00 43.66 ? 194 LYS A NZ    1 
ATOM   1466 N N     . PRO A 1 195 ? -19.897 -14.989 -9.332  1.00 46.08 ? 195 PRO A N     1 
ATOM   1467 C CA    . PRO A 1 195 ? -20.663 -16.043 -8.704  1.00 46.68 ? 195 PRO A CA    1 
ATOM   1468 C C     . PRO A 1 195 ? -19.830 -17.303 -8.534  1.00 48.43 ? 195 PRO A C     1 
ATOM   1469 O O     . PRO A 1 195 ? -20.043 -18.086 -7.573  1.00 49.76 ? 195 PRO A O     1 
ATOM   1470 C CB    . PRO A 1 195 ? -21.911 -16.281 -9.567  1.00 45.51 ? 195 PRO A CB    1 
ATOM   1471 C CG    . PRO A 1 195 ? -21.656 -15.530 -10.876 1.00 45.96 ? 195 PRO A CG    1 
ATOM   1472 C CD    . PRO A 1 195 ? -20.313 -14.808 -10.756 1.00 45.64 ? 195 PRO A CD    1 
ATOM   1473 N N     . ASP A 1 196 ? -18.833 -17.481 -9.429  1.00 46.90 ? 196 ASP A N     1 
ATOM   1474 C CA    . ASP A 1 196 ? -18.077 -18.686 -9.322  1.00 45.52 ? 196 ASP A CA    1 
ATOM   1475 C C     . ASP A 1 196 ? -16.801 -18.599 -8.529  1.00 44.53 ? 196 ASP A C     1 
ATOM   1476 O O     . ASP A 1 196 ? -16.006 -19.549 -8.542  1.00 44.46 ? 196 ASP A O     1 
ATOM   1477 C CB    . ASP A 1 196 ? -18.053 -19.544 -10.556 1.00 46.42 ? 196 ASP A CB    1 
ATOM   1478 C CG    . ASP A 1 196 ? -17.122 -18.958 -11.528 1.00 48.24 ? 196 ASP A CG    1 
ATOM   1479 O OD1   . ASP A 1 196 ? -17.660 -17.970 -12.232 1.00 48.25 ? 196 ASP A OD1   1 
ATOM   1480 O OD2   . ASP A 1 196 ? -15.965 -19.334 -11.584 1.00 49.47 ? 196 ASP A OD2   1 
ATOM   1481 N N     . MET A 1 197 ? -16.689 -17.477 -7.777  1.00 42.97 ? 197 MET A N     1 
ATOM   1482 C CA    . MET A 1 197 ? -15.675 -17.250 -6.761  1.00 42.50 ? 197 MET A CA    1 
ATOM   1483 C C     . MET A 1 197 ? -16.231 -17.563 -5.345  1.00 40.84 ? 197 MET A C     1 
ATOM   1484 O O     . MET A 1 197 ? -15.601 -17.272 -4.322  1.00 41.15 ? 197 MET A O     1 
ATOM   1485 C CB    . MET A 1 197 ? -15.120 -15.816 -6.801  1.00 45.18 ? 197 MET A CB    1 
ATOM   1486 C CG    . MET A 1 197 ? -14.600 -15.409 -8.157  1.00 49.90 ? 197 MET A CG    1 
ATOM   1487 S SD    . MET A 1 197 ? -12.810 -15.065 -8.091  1.00 55.90 ? 197 MET A SD    1 
ATOM   1488 C CE    . MET A 1 197 ? -12.595 -13.824 -9.415  1.00 55.46 ? 197 MET A CE    1 
ATOM   1489 N N     . ALA A 1 198 ? -17.451 -18.132 -5.314  1.00 39.27 ? 198 ALA A N     1 
ATOM   1490 C CA    . ALA A 1 198 ? -18.209 -18.461 -4.099  1.00 36.15 ? 198 ALA A CA    1 
ATOM   1491 C C     . ALA A 1 198 ? -17.391 -19.124 -3.008  1.00 35.46 ? 198 ALA A C     1 
ATOM   1492 O O     . ALA A 1 198 ? -17.580 -18.871 -1.812  1.00 37.13 ? 198 ALA A O     1 
ATOM   1493 C CB    . ALA A 1 198 ? -19.380 -19.346 -4.479  1.00 34.47 ? 198 ALA A CB    1 
ATOM   1494 N N     . GLU A 1 199 ? -16.524 -20.032 -3.433  1.00 33.51 ? 199 GLU A N     1 
ATOM   1495 C CA    . GLU A 1 199 ? -15.697 -20.797 -2.541  1.00 31.20 ? 199 GLU A CA    1 
ATOM   1496 C C     . GLU A 1 199 ? -14.673 -19.952 -1.902  1.00 28.77 ? 199 GLU A C     1 
ATOM   1497 O O     . GLU A 1 199 ? -14.171 -20.277 -0.848  1.00 28.96 ? 199 GLU A O     1 
ATOM   1498 C CB    . GLU A 1 199 ? -14.965 -21.907 -3.286  1.00 33.17 ? 199 GLU A CB    1 
ATOM   1499 C CG    . GLU A 1 199 ? -14.959 -23.191 -2.455  1.00 34.37 ? 199 GLU A CG    1 
ATOM   1500 C CD    . GLU A 1 199 ? -14.323 -24.349 -3.150  1.00 34.33 ? 199 GLU A CD    1 
ATOM   1501 O OE1   . GLU A 1 199 ? -14.386 -24.552 -4.358  1.00 32.66 ? 199 GLU A OE1   1 
ATOM   1502 O OE2   . GLU A 1 199 ? -13.725 -25.144 -2.286  1.00 35.60 ? 199 GLU A OE2   1 
ATOM   1503 N N     . HIS A 1 200 ? -14.244 -18.946 -2.634  1.00 27.56 ? 200 HIS A N     1 
ATOM   1504 C CA    . HIS A 1 200 ? -13.248 -18.063 -2.115  1.00 26.58 ? 200 HIS A CA    1 
ATOM   1505 C C     . HIS A 1 200 ? -13.942 -17.079 -1.231  1.00 22.72 ? 200 HIS A C     1 
ATOM   1506 O O     . HIS A 1 200 ? -13.381 -16.616 -0.227  1.00 22.44 ? 200 HIS A O     1 
ATOM   1507 C CB    . HIS A 1 200 ? -12.407 -17.368 -3.217  1.00 29.56 ? 200 HIS A CB    1 
ATOM   1508 C CG    . HIS A 1 200 ? -11.600 -18.325 -4.007  1.00 31.45 ? 200 HIS A CG    1 
ATOM   1509 N ND1   . HIS A 1 200 ? -11.833 -18.523 -5.369  1.00 33.51 ? 200 HIS A ND1   1 
ATOM   1510 C CD2   . HIS A 1 200 ? -10.668 -19.209 -3.613  1.00 31.63 ? 200 HIS A CD2   1 
ATOM   1511 C CE1   . HIS A 1 200 ? -10.979 -19.454 -5.794  1.00 33.10 ? 200 HIS A CE1   1 
ATOM   1512 N NE2   . HIS A 1 200 ? -10.266 -19.888 -4.762  1.00 32.57 ? 200 HIS A NE2   1 
ATOM   1513 N N     . LEU A 1 201 ? -15.179 -16.767 -1.643  1.00 18.92 ? 201 LEU A N     1 
ATOM   1514 C CA    . LEU A 1 201 ? -16.057 -15.900 -0.889  1.00 15.86 ? 201 LEU A CA    1 
ATOM   1515 C C     . LEU A 1 201 ? -16.313 -16.466 0.535   1.00 17.22 ? 201 LEU A C     1 
ATOM   1516 O O     . LEU A 1 201 ? -16.016 -15.823 1.576   1.00 18.35 ? 201 LEU A O     1 
ATOM   1517 C CB    . LEU A 1 201 ? -17.391 -15.767 -1.640  1.00 13.52 ? 201 LEU A CB    1 
ATOM   1518 C CG    . LEU A 1 201 ? -18.042 -14.375 -1.621  1.00 11.82 ? 201 LEU A CG    1 
ATOM   1519 C CD1   . LEU A 1 201 ? -19.548 -14.491 -1.655  1.00 8.54  ? 201 LEU A CD1   1 
ATOM   1520 C CD2   . LEU A 1 201 ? -17.539 -13.463 -0.482  1.00 11.62 ? 201 LEU A CD2   1 
ATOM   1521 N N     . ALA A 1 202 ? -16.957 -17.632 0.570   1.00 17.64 ? 202 ALA A N     1 
ATOM   1522 C CA    . ALA A 1 202 ? -17.378 -18.236 1.821   1.00 19.15 ? 202 ALA A CA    1 
ATOM   1523 C C     . ALA A 1 202 ? -16.226 -18.309 2.761   1.00 21.17 ? 202 ALA A C     1 
ATOM   1524 O O     . ALA A 1 202 ? -16.372 -18.218 3.959   1.00 24.73 ? 202 ALA A O     1 
ATOM   1525 C CB    . ALA A 1 202 ? -17.927 -19.641 1.588   1.00 17.83 ? 202 ALA A CB    1 
ATOM   1526 N N     . ALA A 1 203 ? -15.075 -18.406 2.157   1.00 20.58 ? 203 ALA A N     1 
ATOM   1527 C CA    . ALA A 1 203 ? -13.828 -18.530 2.857   1.00 21.84 ? 203 ALA A CA    1 
ATOM   1528 C C     . ALA A 1 203 ? -13.251 -17.239 3.376   1.00 24.02 ? 203 ALA A C     1 
ATOM   1529 O O     . ALA A 1 203 ? -12.640 -17.231 4.462   1.00 23.78 ? 203 ALA A O     1 
ATOM   1530 C CB    . ALA A 1 203 ? -12.805 -19.211 1.989   1.00 21.96 ? 203 ALA A CB    1 
ATOM   1531 N N     . VAL A 1 204 ? -13.287 -16.188 2.531   1.00 26.25 ? 204 VAL A N     1 
ATOM   1532 C CA    . VAL A 1 204 ? -12.732 -14.934 2.967   1.00 28.44 ? 204 VAL A CA    1 
ATOM   1533 C C     . VAL A 1 204 ? -13.769 -14.305 3.824   1.00 31.20 ? 204 VAL A C     1 
ATOM   1534 O O     . VAL A 1 204 ? -13.460 -13.613 4.826   1.00 35.24 ? 204 VAL A O     1 
ATOM   1535 C CB    . VAL A 1 204 ? -12.180 -14.013 1.879   1.00 29.38 ? 204 VAL A CB    1 
ATOM   1536 C CG1   . VAL A 1 204 ? -11.008 -14.704 1.180   1.00 30.25 ? 204 VAL A CG1   1 
ATOM   1537 C CG2   . VAL A 1 204 ? -13.264 -13.738 0.864   1.00 29.62 ? 204 VAL A CG2   1 
ATOM   1538 N N     . ARG A 1 205 ? -15.018 -14.708 3.567   1.00 28.67 ? 205 ARG A N     1 
ATOM   1539 C CA    . ARG A 1 205 ? -16.060 -14.261 4.441   1.00 27.04 ? 205 ARG A CA    1 
ATOM   1540 C C     . ARG A 1 205 ? -15.865 -14.804 5.840   1.00 24.30 ? 205 ARG A C     1 
ATOM   1541 O O     . ARG A 1 205 ? -15.730 -14.037 6.811   1.00 22.99 ? 205 ARG A O     1 
ATOM   1542 C CB    . ARG A 1 205 ? -17.355 -14.660 3.906   1.00 29.26 ? 205 ARG A CB    1 
ATOM   1543 C CG    . ARG A 1 205 ? -18.264 -13.468 3.761   1.00 29.94 ? 205 ARG A CG    1 
ATOM   1544 C CD    . ARG A 1 205 ? -19.591 -13.970 3.252   1.00 30.80 ? 205 ARG A CD    1 
ATOM   1545 N NE    . ARG A 1 205 ? -20.198 -13.141 2.244   1.00 31.87 ? 205 ARG A NE    1 
ATOM   1546 C CZ    . ARG A 1 205 ? -21.059 -13.610 1.369   1.00 32.67 ? 205 ARG A CZ    1 
ATOM   1547 N NH1   . ARG A 1 205 ? -21.372 -14.902 1.293   1.00 32.40 ? 205 ARG A NH1   1 
ATOM   1548 N NH2   . ARG A 1 205 ? -21.656 -12.725 0.578   1.00 34.25 ? 205 ARG A NH2   1 
ATOM   1549 N N     . ALA A 1 206 ? -15.700 -16.145 5.904   1.00 22.74 ? 206 ALA A N     1 
ATOM   1550 C CA    . ALA A 1 206 ? -15.366 -16.817 7.151   1.00 21.10 ? 206 ALA A CA    1 
ATOM   1551 C C     . ALA A 1 206 ? -14.199 -16.156 7.916   1.00 23.94 ? 206 ALA A C     1 
ATOM   1552 O O     . ALA A 1 206 ? -14.361 -15.746 9.063   1.00 24.72 ? 206 ALA A O     1 
ATOM   1553 C CB    . ALA A 1 206 ? -15.225 -18.309 6.963   1.00 17.05 ? 206 ALA A CB    1 
ATOM   1554 N N     . TYR A 1 207 ? -13.042 -16.009 7.235   1.00 26.11 ? 207 TYR A N     1 
ATOM   1555 C CA    . TYR A 1 207 ? -11.800 -15.349 7.728   1.00 26.92 ? 207 TYR A CA    1 
ATOM   1556 C C     . TYR A 1 207 ? -12.010 -14.009 8.373   1.00 26.20 ? 207 TYR A C     1 
ATOM   1557 O O     . TYR A 1 207 ? -11.556 -13.837 9.478   1.00 25.90 ? 207 TYR A O     1 
ATOM   1558 C CB    . TYR A 1 207 ? -10.759 -15.132 6.602   1.00 28.60 ? 207 TYR A CB    1 
ATOM   1559 C CG    . TYR A 1 207 ? -9.370  -14.694 7.076   1.00 28.17 ? 207 TYR A CG    1 
ATOM   1560 C CD1   . TYR A 1 207 ? -8.446  -15.642 7.529   1.00 27.56 ? 207 TYR A CD1   1 
ATOM   1561 C CD2   . TYR A 1 207 ? -8.936  -13.371 6.950   1.00 27.71 ? 207 TYR A CD2   1 
ATOM   1562 C CE1   . TYR A 1 207 ? -7.184  -15.269 7.992   1.00 27.60 ? 207 TYR A CE1   1 
ATOM   1563 C CE2   . TYR A 1 207 ? -7.663  -12.981 7.385   1.00 27.70 ? 207 TYR A CE2   1 
ATOM   1564 C CZ    . TYR A 1 207 ? -6.779  -13.933 7.911   1.00 26.97 ? 207 TYR A CZ    1 
ATOM   1565 O OH    . TYR A 1 207 ? -5.514  -13.569 8.363   1.00 24.34 ? 207 TYR A OH    1 
ATOM   1566 N N     . ARG A 1 208 ? -12.548 -13.026 7.619   1.00 27.09 ? 208 ARG A N     1 
ATOM   1567 C CA    . ARG A 1 208 ? -12.831 -11.704 8.185   1.00 29.36 ? 208 ARG A CA    1 
ATOM   1568 C C     . ARG A 1 208 ? -13.605 -11.823 9.521   1.00 32.30 ? 208 ARG A C     1 
ATOM   1569 O O     . ARG A 1 208 ? -13.340 -11.121 10.488  1.00 33.00 ? 208 ARG A O     1 
ATOM   1570 C CB    . ARG A 1 208 ? -13.593 -10.798 7.233   1.00 29.25 ? 208 ARG A CB    1 
ATOM   1571 C CG    . ARG A 1 208 ? -14.346 -9.692  7.953   1.00 30.97 ? 208 ARG A CG    1 
ATOM   1572 C CD    . ARG A 1 208 ? -14.936 -8.645  7.013   1.00 35.13 ? 208 ARG A CD    1 
ATOM   1573 N NE    . ARG A 1 208 ? -16.238 -9.009  6.387   1.00 40.05 ? 208 ARG A NE    1 
ATOM   1574 C CZ    . ARG A 1 208 ? -17.040 -10.097 6.674   1.00 44.64 ? 208 ARG A CZ    1 
ATOM   1575 N NH1   . ARG A 1 208 ? -16.742 -11.020 7.597   1.00 45.99 ? 208 ARG A NH1   1 
ATOM   1576 N NH2   . ARG A 1 208 ? -18.192 -10.282 5.994   1.00 46.18 ? 208 ARG A NH2   1 
ATOM   1577 N N     . GLU A 1 209 ? -14.542 -12.774 9.611   1.00 34.39 ? 209 GLU A N     1 
ATOM   1578 C CA    . GLU A 1 209 ? -15.266 -12.999 10.860  1.00 35.24 ? 209 GLU A CA    1 
ATOM   1579 C C     . GLU A 1 209 ? -14.338 -13.192 12.068  1.00 33.00 ? 209 GLU A C     1 
ATOM   1580 O O     . GLU A 1 209 ? -14.316 -12.364 13.015  1.00 33.88 ? 209 GLU A O     1 
ATOM   1581 C CB    . GLU A 1 209 ? -16.263 -14.124 10.745  1.00 39.43 ? 209 GLU A CB    1 
ATOM   1582 C CG    . GLU A 1 209 ? -17.622 -13.701 11.275  1.00 45.70 ? 209 GLU A CG    1 
ATOM   1583 C CD    . GLU A 1 209 ? -18.712 -14.223 10.385  1.00 52.46 ? 209 GLU A CD    1 
ATOM   1584 O OE1   . GLU A 1 209 ? -18.995 -15.485 10.652  1.00 56.63 ? 209 GLU A OE1   1 
ATOM   1585 O OE2   . GLU A 1 209 ? -19.227 -13.579 9.472   1.00 53.25 ? 209 GLU A OE2   1 
ATOM   1586 N N     . GLU A 1 210 ? -13.514 -14.250 12.001  1.00 30.06 ? 210 GLU A N     1 
ATOM   1587 C CA    . GLU A 1 210 ? -12.522 -14.523 13.025  1.00 26.72 ? 210 GLU A CA    1 
ATOM   1588 C C     . GLU A 1 210 ? -11.561 -13.371 13.338  1.00 26.54 ? 210 GLU A C     1 
ATOM   1589 O O     . GLU A 1 210 ? -11.144 -13.178 14.480  1.00 25.44 ? 210 GLU A O     1 
ATOM   1590 C CB    . GLU A 1 210 ? -11.719 -15.737 12.647  1.00 26.23 ? 210 GLU A CB    1 
ATOM   1591 C CG    . GLU A 1 210 ? -12.050 -16.841 13.597  1.00 29.85 ? 210 GLU A CG    1 
ATOM   1592 C CD    . GLU A 1 210 ? -10.867 -17.693 13.826  1.00 33.77 ? 210 GLU A CD    1 
ATOM   1593 O OE1   . GLU A 1 210 ? -10.547 -18.402 12.756  1.00 33.40 ? 210 GLU A OE1   1 
ATOM   1594 O OE2   . GLU A 1 210 ? -10.287 -17.730 14.910  1.00 36.31 ? 210 GLU A OE2   1 
ATOM   1595 N N     . PHE A 1 211 ? -11.117 -12.666 12.281  1.00 28.38 ? 211 PHE A N     1 
ATOM   1596 C CA    . PHE A 1 211 ? -10.029 -11.708 12.396  1.00 28.94 ? 211 PHE A CA    1 
ATOM   1597 C C     . PHE A 1 211 ? -10.367 -10.329 11.957  1.00 34.03 ? 211 PHE A C     1 
ATOM   1598 O O     . PHE A 1 211 ? -9.599  -9.425  12.214  1.00 37.74 ? 211 PHE A O     1 
ATOM   1599 C CB    . PHE A 1 211 ? -8.740  -12.124 11.643  1.00 23.20 ? 211 PHE A CB    1 
ATOM   1600 C CG    . PHE A 1 211 ? -8.319  -13.491 11.992  1.00 21.71 ? 211 PHE A CG    1 
ATOM   1601 C CD1   . PHE A 1 211 ? -7.577  -13.745 13.153  1.00 22.19 ? 211 PHE A CD1   1 
ATOM   1602 C CD2   . PHE A 1 211 ? -8.732  -14.570 11.210  1.00 21.48 ? 211 PHE A CD2   1 
ATOM   1603 C CE1   . PHE A 1 211 ? -7.204  -15.046 13.533  1.00 20.90 ? 211 PHE A CE1   1 
ATOM   1604 C CE2   . PHE A 1 211 ? -8.437  -15.877 11.625  1.00 22.78 ? 211 PHE A CE2   1 
ATOM   1605 C CZ    . PHE A 1 211 ? -7.671  -16.118 12.775  1.00 21.21 ? 211 PHE A CZ    1 
ATOM   1606 N N     . GLY A 1 212 ? -11.383 -10.171 11.173  1.00 34.77 ? 212 GLY A N     1 
ATOM   1607 C CA    . GLY A 1 212 ? -11.671 -8.846  10.669  1.00 36.68 ? 212 GLY A CA    1 
ATOM   1608 C C     . GLY A 1 212 ? -11.797 -7.805  11.761  1.00 38.82 ? 212 GLY A C     1 
ATOM   1609 O O     . GLY A 1 212 ? -12.339 -8.023  12.836  1.00 40.66 ? 212 GLY A O     1 
ATOM   1610 N N     . VAL A 1 213 ? -11.220 -6.675  11.496  1.00 39.87 ? 213 VAL A N     1 
ATOM   1611 C CA    . VAL A 1 213 ? -11.299 -5.563  12.397  1.00 40.87 ? 213 VAL A CA    1 
ATOM   1612 C C     . VAL A 1 213 ? -12.413 -4.683  11.874  1.00 45.46 ? 213 VAL A C     1 
ATOM   1613 O O     . VAL A 1 213 ? -12.423 -4.501  10.627  1.00 46.08 ? 213 VAL A O     1 
ATOM   1614 C CB    . VAL A 1 213 ? -9.954  -4.858  12.512  1.00 38.16 ? 213 VAL A CB    1 
ATOM   1615 C CG1   . VAL A 1 213 ? -10.069 -3.413  12.977  1.00 36.62 ? 213 VAL A CG1   1 
ATOM   1616 C CG2   . VAL A 1 213 ? -9.105  -5.658  13.485  1.00 37.95 ? 213 VAL A CG2   1 
ATOM   1617 O OXT   . VAL A 1 213 ? -13.392 -4.423  12.653  1.00 47.98 ? 213 VAL A OXT   1 
HETATM 1618 P P     . OMP B 2 .   ? 5.705   -5.084  6.289   1.00 53.92 ? 216 OMP A P     1 
HETATM 1619 O O1P   . OMP B 2 .   ? 6.004   -5.973  7.464   1.00 53.05 ? 216 OMP A O1P   1 
HETATM 1620 O O2P   . OMP B 2 .   ? 4.800   -3.915  6.539   1.00 55.66 ? 216 OMP A O2P   1 
HETATM 1621 O O3P   . OMP B 2 .   ? 7.044   -4.818  5.677   1.00 56.16 ? 216 OMP A O3P   1 
HETATM 1622 O "O5'" . OMP B 2 .   ? 5.189   -5.804  4.850   1.00 50.56 ? 216 OMP A "O5'" 1 
HETATM 1623 C "C5'" . OMP B 2 .   ? 5.583   -6.689  3.781   1.00 45.64 ? 216 OMP A "C5'" 1 
HETATM 1624 C "C4'" . OMP B 2 .   ? 5.213   -8.177  4.000   1.00 39.67 ? 216 OMP A "C4'" 1 
HETATM 1625 O "O4'" . OMP B 2 .   ? 3.827   -8.364  4.278   1.00 34.79 ? 216 OMP A "O4'" 1 
HETATM 1626 C "C3'" . OMP B 2 .   ? 5.527   -9.385  3.429   1.00 39.25 ? 216 OMP A "C3'" 1 
HETATM 1627 O "O3'" . OMP B 2 .   ? 6.694   -10.206 3.585   1.00 42.02 ? 216 OMP A "O3'" 1 
HETATM 1628 C "C2'" . OMP B 2 .   ? 4.309   -10.055 2.719   1.00 35.41 ? 216 OMP A "C2'" 1 
HETATM 1629 O "O2'" . OMP B 2 .   ? 4.438   -11.293 2.348   1.00 34.05 ? 216 OMP A "O2'" 1 
HETATM 1630 C "C1'" . OMP B 2 .   ? 3.449   -9.736  3.955   1.00 32.89 ? 216 OMP A "C1'" 1 
HETATM 1631 N N1    . OMP B 2 .   ? 2.036   -9.896  3.646   1.00 29.78 ? 216 OMP A N1    1 
HETATM 1632 C C2    . OMP B 2 .   ? 1.730   -9.452  2.535   1.00 26.28 ? 216 OMP A C2    1 
HETATM 1633 O O2    . OMP B 2 .   ? 2.485   -8.856  1.615   1.00 25.77 ? 216 OMP A O2    1 
HETATM 1634 N N3    . OMP B 2 .   ? 0.446   -9.436  2.133   1.00 24.97 ? 216 OMP A N3    1 
HETATM 1635 C C4    . OMP B 2 .   ? -0.506  -9.890  2.944   1.00 23.04 ? 216 OMP A C4    1 
HETATM 1636 O O4    . OMP B 2 .   ? -1.753  -9.817  2.682   1.00 19.44 ? 216 OMP A O4    1 
HETATM 1637 C C5    . OMP B 2 .   ? -0.224  -10.384 4.199   1.00 26.57 ? 216 OMP A C5    1 
HETATM 1638 C C6    . OMP B 2 .   ? 1.121   -10.484 4.586   1.00 29.43 ? 216 OMP A C6    1 
HETATM 1639 C C7    . OMP B 2 .   ? 1.234   -11.042 5.880   1.00 31.01 ? 216 OMP A C7    1 
HETATM 1640 O O71   . OMP B 2 .   ? 2.019   -11.965 6.211   1.00 31.72 ? 216 OMP A O71   1 
HETATM 1641 O O72   . OMP B 2 .   ? 0.952   -10.317 6.854   1.00 30.48 ? 216 OMP A O72   1 
HETATM 1642 O O     . HOH C 3 .   ? -5.717  4.377   -13.785 1.00 36.96 ? 301 HOH A O     1 
HETATM 1643 O O     . HOH C 3 .   ? -7.288  -4.199  -14.932 1.00 36.86 ? 302 HOH A O     1 
HETATM 1644 O O     . HOH C 3 .   ? -4.807  -14.917 -8.861  1.00 43.33 ? 303 HOH A O     1 
HETATM 1645 O O     . HOH C 3 .   ? -11.484 -18.418 9.870   1.00 37.59 ? 304 HOH A O     1 
HETATM 1646 O O     . HOH C 3 .   ? -18.388 -6.314  2.299   1.00 26.44 ? 305 HOH A O     1 
HETATM 1647 O O     . HOH C 3 .   ? -10.051 5.430   -20.740 1.00 48.41 ? 306 HOH A O     1 
HETATM 1648 O O     . HOH C 3 .   ? 20.662  1.647   11.790  1.00 66.37 ? 307 HOH A O     1 
HETATM 1649 O O     . HOH C 3 .   ? -11.496 3.224   9.305   1.00 66.78 ? 308 HOH A O     1 
HETATM 1650 O O     . HOH C 3 .   ? -8.114  13.097  -23.918 1.00 27.65 ? 309 HOH A O     1 
HETATM 1651 O O     . HOH C 3 .   ? 5.908   21.852  -7.531  1.00 66.76 ? 310 HOH A O     1 
HETATM 1652 O O     . HOH C 3 .   ? -7.730  -10.364 5.736   1.00 6.87  ? 311 HOH A O     1 
HETATM 1653 O O     . HOH C 3 .   ? -5.939  -25.628 -5.262  1.00 42.46 ? 312 HOH A O     1 
HETATM 1654 O O     . HOH C 3 .   ? -7.325  -0.640  9.606   1.00 28.83 ? 313 HOH A O     1 
HETATM 1655 O O     . HOH C 3 .   ? -1.156  18.246  -2.348  1.00 65.69 ? 314 HOH A O     1 
HETATM 1656 O O     . HOH C 3 .   ? -21.551 -6.278  -3.799  1.00 36.38 ? 315 HOH A O     1 
HETATM 1657 O O     . HOH C 3 .   ? -13.454 -10.049 18.830  1.00 44.72 ? 316 HOH A O     1 
HETATM 1658 O O     . HOH C 3 .   ? -4.100  19.077  -3.245  1.00 63.38 ? 317 HOH A O     1 
HETATM 1659 O O     . HOH C 3 .   ? -2.988  -4.654  6.863   1.00 42.20 ? 318 HOH A O     1 
HETATM 1660 O O     . HOH C 3 .   ? -19.541 -15.986 7.354   1.00 46.51 ? 319 HOH A O     1 
HETATM 1661 O O     . HOH C 3 .   ? -4.863  -24.622 -7.708  1.00 64.97 ? 321 HOH A O     1 
HETATM 1662 O O     . HOH C 3 .   ? 5.162   15.759  -18.952 1.00 45.85 ? 322 HOH A O     1 
HETATM 1663 O O     . HOH C 3 .   ? -7.493  18.555  -2.680  1.00 66.24 ? 323 HOH A O     1 
HETATM 1664 O O     . HOH C 3 .   ? -19.836 -18.408 4.226   1.00 48.39 ? 324 HOH A O     1 
HETATM 1665 O O     . HOH C 3 .   ? -25.180 -21.675 7.903   1.00 27.41 ? 325 HOH A O     1 
HETATM 1666 O O     . HOH C 3 .   ? 13.004  -4.162  0.794   1.00 32.82 ? 326 HOH A O     1 
HETATM 1667 O O     . HOH C 3 .   ? 10.535  -0.590  3.006   1.00 43.13 ? 327 HOH A O     1 
HETATM 1668 O O     . HOH C 3 .   ? -7.777  3.772   12.974  1.00 33.79 ? 328 HOH A O     1 
HETATM 1669 O O     . HOH C 3 .   ? -2.810  -11.108 -24.712 1.00 37.49 ? 329 HOH A O     1 
HETATM 1670 O O     . HOH C 3 .   ? 4.064   -10.510 -20.152 1.00 46.93 ? 330 HOH A O     1 
HETATM 1671 O O     . HOH C 3 .   ? -2.883  -5.004  17.575  1.00 32.17 ? 331 HOH A O     1 
HETATM 1672 O O     . HOH C 3 .   ? 3.357   5.028   -13.693 1.00 17.01 ? 332 HOH A O     1 
HETATM 1673 O O     . HOH C 3 .   ? -13.866 3.974   10.867  1.00 43.46 ? 333 HOH A O     1 
HETATM 1674 O O     . HOH C 3 .   ? -11.800 -8.669  14.917  1.00 25.62 ? 334 HOH A O     1 
HETATM 1675 O O     . HOH C 3 .   ? -5.533  17.077  -5.901  1.00 28.11 ? 336 HOH A O     1 
HETATM 1676 O O     . HOH C 3 .   ? -7.835  9.190   -8.451  1.00 49.91 ? 337 HOH A O     1 
HETATM 1677 O O     . HOH C 3 .   ? 16.638  -8.592  5.791   1.00 56.48 ? 338 HOH A O     1 
HETATM 1678 O O     . HOH C 3 .   ? 18.229  16.803  -6.158  1.00 43.27 ? 339 HOH A O     1 
HETATM 1679 O O     . HOH C 3 .   ? 5.045   -17.724 -17.438 1.00 60.43 ? 340 HOH A O     1 
HETATM 1680 O O     . HOH C 3 .   ? 2.785   25.147  -11.974 1.00 50.13 ? 341 HOH A O     1 
HETATM 1681 O O     . HOH C 3 .   ? -12.969 -6.486  8.539   1.00 19.70 ? 342 HOH A O     1 
HETATM 1682 O O     . HOH C 3 .   ? -14.006 -21.198 7.956   1.00 41.80 ? 343 HOH A O     1 
HETATM 1683 O O     . HOH C 3 .   ? 19.955  -6.066  13.902  1.00 41.47 ? 344 HOH A O     1 
HETATM 1684 O O     . HOH C 3 .   ? -13.759 -25.412 6.040   1.00 45.17 ? 345 HOH A O     1 
HETATM 1685 O O     . HOH C 3 .   ? -16.747 -6.478  5.551   1.00 32.27 ? 346 HOH A O     1 
HETATM 1686 O O     . HOH C 3 .   ? -14.475 13.875  -31.291 1.00 86.29 ? 347 HOH A O     1 
HETATM 1687 O O     . HOH C 3 .   ? 3.630   -24.179 4.574   1.00 56.64 ? 348 HOH A O     1 
HETATM 1688 O O     . HOH C 3 .   ? 19.414  -5.012  11.165  1.00 58.72 ? 349 HOH A O     1 
HETATM 1689 O O     . HOH C 3 .   ? 5.251   -20.176 -3.976  1.00 35.93 ? 350 HOH A O     1 
HETATM 1690 O O     . HOH C 3 .   ? -3.157  7.947   -13.185 1.00 34.81 ? 351 HOH A O     1 
HETATM 1691 O O     . HOH C 3 .   ? -21.738 -4.052  -1.004  1.00 70.92 ? 352 HOH A O     1 
HETATM 1692 O O     . HOH C 3 .   ? -6.913  -17.880 16.543  1.00 41.40 ? 354 HOH A O     1 
HETATM 1693 O O     . HOH C 3 .   ? -1.255  -12.288 10.399  1.00 31.68 ? 355 HOH A O     1 
HETATM 1694 O O     . HOH C 3 .   ? 1.946   -12.870 15.721  1.00 29.28 ? 356 HOH A O     1 
HETATM 1695 O O     . HOH C 3 .   ? 7.663   -7.822  0.588   1.00 41.47 ? 357 HOH A O     1 
HETATM 1696 O O     . HOH C 3 .   ? 8.457   -3.924  -5.782  1.00 34.47 ? 358 HOH A O     1 
HETATM 1697 O O     . HOH C 3 .   ? -1.915  11.442  -19.699 1.00 70.89 ? 359 HOH A O     1 
HETATM 1698 O O     . HOH C 3 .   ? 1.934   9.736   -21.042 1.00 39.06 ? 360 HOH A O     1 
HETATM 1699 O O     . HOH C 3 .   ? -11.964 13.107  -28.521 1.00 51.78 ? 361 HOH A O     1 
HETATM 1700 O O     . HOH C 3 .   ? -19.043 -3.046  3.696   1.00 60.58 ? 362 HOH A O     1 
HETATM 1701 O O     . HOH C 3 .   ? -10.229 -11.517 -13.241 1.00 48.82 ? 363 HOH A O     1 
HETATM 1702 O O     . HOH C 3 .   ? 17.504  3.844   12.290  1.00 81.55 ? 364 HOH A O     1 
HETATM 1703 O O     . HOH C 3 .   ? 17.871  -1.122  9.502   1.00 55.22 ? 365 HOH A O     1 
HETATM 1704 O O     . HOH C 3 .   ? 10.038  -13.768 10.942  1.00 44.80 ? 366 HOH A O     1 
HETATM 1705 O O     . HOH C 3 .   ? 9.534   -13.476 2.993   1.00 47.84 ? 367 HOH A O     1 
HETATM 1706 O O     . HOH C 3 .   ? 8.728   -17.963 -1.957  1.00 58.01 ? 368 HOH A O     1 
HETATM 1707 O O     . HOH C 3 .   ? -1.869  -7.752  10.841  1.00 53.87 ? 369 HOH A O     1 
HETATM 1708 O O     . HOH C 3 .   ? -13.082 -10.939 14.799  1.00 35.36 ? 370 HOH A O     1 
HETATM 1709 O O     . HOH C 3 .   ? 1.042   -6.243  -17.590 1.00 38.05 ? 371 HOH A O     1 
HETATM 1710 O O     . HOH C 3 .   ? 5.229   -11.554 -15.046 1.00 42.88 ? 372 HOH A O     1 
HETATM 1711 O O     . HOH C 3 .   ? 2.736   -19.403 -10.616 1.00 77.15 ? 373 HOH A O     1 
HETATM 1712 O O     . HOH C 3 .   ? -16.771 -21.981 -6.784  1.00 46.48 ? 374 HOH A O     1 
HETATM 1713 O O     . HOH C 3 .   ? -18.185 -21.304 -14.545 1.00 33.05 ? 375 HOH A O     1 
HETATM 1714 O O     . HOH C 3 .   ? 0.717   17.706  -22.701 1.00 76.46 ? 376 HOH A O     1 
HETATM 1715 O O     . HOH C 3 .   ? -18.259 -4.525  6.845   1.00 94.79 ? 377 HOH A O     1 
HETATM 1716 O O     . HOH C 3 .   ? -2.479  -26.009 8.024   1.00 88.83 ? 378 HOH A O     1 
HETATM 1717 O O     . HOH C 3 .   ? 2.343   -26.697 2.517   1.00 52.39 ? 379 HOH A O     1 
HETATM 1718 O O     . HOH C 3 .   ? -21.166 -6.838  5.238   1.00 89.62 ? 380 HOH A O     1 
# 
